data_8T7E
#
_entry.id   8T7E
#
_cell.length_a   1.00
_cell.length_b   1.00
_cell.length_c   1.00
_cell.angle_alpha   90.00
_cell.angle_beta   90.00
_cell.angle_gamma   90.00
#
_symmetry.space_group_name_H-M   'P 1'
#
loop_
_entity.id
_entity.type
_entity.pdbx_description
1 polymer 'DNA polymerase subunit gamma-1'
2 polymer 'DNA polymerase subunit gamma-2, mitochondrial'
3 polymer 'Mismatched Primer DNA'
4 polymer 'Template DNA'
#
loop_
_entity_poly.entity_id
_entity_poly.type
_entity_poly.pdbx_seq_one_letter_code
_entity_poly.pdbx_strand_id
1 'polypeptide(L)'
;MSRLLWRKVAGATVGPGPVPAPGRWVSSSVPASDPSDGQRRRQQQQQQQQQQQQQPQQPQVLSSEGGQLRHNPLDIQMLS
RGLHEQIFGQGGEMPGEAAVRRSVEHLQKHGLWGQPAVPLPDVELRLPPLYGDNLDQHFRLLAQKQSLPYLEAANLLLQA
QLPPKPPAWAWAEGWTRYGPEGEAVPVAIPEERALVFDVEVCLAEGTCPTLAVAISPSAWYSWCSQRLVEERYSWTSQLS
PADLIPLEVPTGASSPTQRDWQEQLVVGHNVSFDRAHIREQYLIQGSRMRFLDTMSMHMAISGLSSFQRSLWIAAKQGKH
KVQPPTKQGQKSQRKARRGPAISSWDWLDISSVNSLAEVHRLYVGGPPLEKEPRELFVKGTMKDIRENFQDLMQYCAQDV
WATHEVFQQQLPLFLERCPHPVTLAGMLEMGVSYLPVNQNWERYLAEAQGTYEELQREMKKSLMDLANDACQLLSGERYK
EDPWLWDLEWDLQEFKQKKAKKVKKEPATASKLPIEGAGAPGDPMDQEDLGPCSEEEEFQQDVMARACLQKLKGTTELLP
KRPQHLPGHPGWYRKLCPRLDDPAWTPGPSLLSLQMRVTPKLMALTWDGFPLHYSERHGWGYLVPGRRDNLAKLPTGTTL
ESAGVVCPYRAIESLYRKHCLEQGKQQLMPQEAGLAEEFLLTDNSAIWQTVEELDYLEVEAEAKMENLRAAVPGQPLALT
ARGGPKDTQPSYHHGNGPYNDVDIPGCWFFKLPHKDGNSCNVGSPFAKDFLPKMEDGTLQAGPGGASGPRALEINKMISF
WRNAHKRISSQMVVWLPRSALPRAVIRHPDYDEEGLYGAILPQVVTAGTITRRAVEPTWLTASNARPDRVGSELKAMVQA
PPGYTLVGADVDSQELWIAAVLGDAHFAGMHGCTAFGWMTLQGRKSRGTDLHSKTATTVGISREHAKIFNYGRIYGAGQP
FAERLLMQFNHRLTQQEAAEKAQQMYAATKGLRWYRLSDEGEWLVRELNLPVDRTEGGWISLQDLRKVQRETARKSQWKK
WEVVAERAWKGGTESEMFNKLESIATSDIPRTPVLGCCISRALEPSAVQEEFMTSRVNWVVQSSAVDYLHLMLVAMKWLF
EEFAIDGRFCISIHDEVRYLVREEDRYRAALALQITNLLTRCMFAYKLGLNDLPQSVAFFSAVDIDRCLRKEVTMDCKTP
SNPTGMERRYGIPQGEALDIYQIIELTKGSLEKRSQPGP
;
A
2 'polypeptide(L)'
;MRSRVAVRACHKVCRCLLSGFGGRVDAGQPELLTERSSPKGGHVKSHAELEGNGEHPEAPGSGEGSEALLEICQRRHFLS
GSKQQLSRDSLLSGCHPGFGPLGVELRKNLAAEWWTSVVVFREQVFPVDALHHKPGPLLPGDSAFRLVSAETLREILQDK
ELSKEQLVAFLENVLKTSGKLRENLLHGALEHYVNCLDLVNKRLPYGLAQIGVCFHPVFDTKQIRNGVKSIGEKTEASLV
WFTPPRTSNQWLDFWLRHRLQWWRKFAMSPSNFSSSDCQDEEGRKGNKLYYNFPWGKELIETLWNLGDHELLHMYPGNVS
KLHGRDGRKNVVPCVLSVNGDLDRGMLAYLYDSFQLTENSFTRKKNLHRKVLKLHPCLAPIKVALDVGRGPTLELRQVCQ
GLFNELLENGISVWPGYLETMQSSLEQLYSKYDEMSILFTVLVTETTLENGLIHLRSRDTTMKEMMHISKLKDFLIKYIS
SAKNV
;
B,C
3 'polydeoxyribonucleotide' (DG)(DA)(DA)(DG)(DA)(DC)(DA)(DG)(DT)(DC)(DT)(DG)(DC)(DG)(DG)(DC)(DG)(DC)(DG)(DA) P
4 'polydeoxyribonucleotide'
;(DA)(DC)(DA)(DC)(DA)(DC)(DG)(DC)(DG)(DC)(DG)(DC)(DC)(DG)(DC)(DA)(DG)(DA)(DC)(DT)
(DG)(DT)(DC)(DT)(DT)(DC)
;
T
#
loop_
_chem_comp.id
_chem_comp.type
_chem_comp.name
_chem_comp.formula
DA DNA linking 2'-DEOXYADENOSINE-5'-MONOPHOSPHATE 'C10 H14 N5 O6 P'
DC DNA linking 2'-DEOXYCYTIDINE-5'-MONOPHOSPHATE 'C9 H14 N3 O7 P'
DG DNA linking 2'-DEOXYGUANOSINE-5'-MONOPHOSPHATE 'C10 H14 N5 O7 P'
DT DNA linking THYMIDINE-5'-MONOPHOSPHATE 'C10 H15 N2 O8 P'
#
# COMPACT_ATOMS: atom_id res chain seq x y z
N MET A 78 -11.73 -10.71 -59.06
CA MET A 78 -11.07 -11.39 -57.96
C MET A 78 -9.81 -10.65 -57.51
N LEU A 79 -9.00 -10.25 -58.48
CA LEU A 79 -7.74 -9.57 -58.19
C LEU A 79 -7.85 -8.05 -58.31
N SER A 80 -9.05 -7.54 -58.58
CA SER A 80 -9.22 -6.09 -58.75
C SER A 80 -9.13 -5.36 -57.42
N ARG A 81 -9.79 -5.88 -56.39
CA ARG A 81 -9.78 -5.28 -55.06
C ARG A 81 -9.17 -6.23 -54.03
N GLY A 82 -8.38 -7.19 -54.49
CA GLY A 82 -7.82 -8.19 -53.60
C GLY A 82 -8.84 -9.14 -53.02
N LEU A 83 -9.88 -9.48 -53.77
CA LEU A 83 -10.93 -10.37 -53.30
C LEU A 83 -10.42 -11.81 -53.32
N HIS A 84 -11.17 -12.68 -52.64
CA HIS A 84 -10.84 -14.10 -52.55
C HIS A 84 -11.92 -14.95 -53.18
N GLU A 85 -11.53 -16.13 -53.66
CA GLU A 85 -12.49 -17.11 -54.13
C GLU A 85 -13.30 -17.64 -52.95
N GLN A 86 -14.52 -18.09 -53.24
CA GLN A 86 -15.45 -18.52 -52.22
C GLN A 86 -15.83 -19.98 -52.43
N ILE A 87 -15.73 -20.78 -51.38
CA ILE A 87 -16.22 -22.15 -51.43
C ILE A 87 -17.72 -22.18 -51.13
N PHE A 88 -18.16 -21.33 -50.22
CA PHE A 88 -19.55 -21.18 -49.83
C PHE A 88 -20.07 -19.84 -50.34
N GLY A 89 -21.33 -19.53 -50.02
CA GLY A 89 -21.92 -18.25 -50.34
C GLY A 89 -22.06 -17.98 -51.83
N GLN A 90 -22.56 -18.96 -52.57
CA GLN A 90 -22.68 -18.84 -54.02
C GLN A 90 -23.96 -18.08 -54.36
N GLY A 91 -24.32 -18.08 -55.64
CA GLY A 91 -25.40 -17.24 -56.13
C GLY A 91 -24.96 -15.85 -56.53
N GLY A 92 -23.68 -15.53 -56.40
CA GLY A 92 -23.15 -14.26 -56.88
C GLY A 92 -22.62 -14.38 -58.29
N GLU A 93 -23.40 -14.99 -59.18
CA GLU A 93 -22.97 -15.21 -60.55
C GLU A 93 -22.97 -13.92 -61.36
N MET A 94 -23.72 -12.92 -60.92
CA MET A 94 -23.72 -11.64 -61.63
C MET A 94 -22.38 -10.93 -61.43
N PRO A 95 -21.90 -10.18 -62.42
CA PRO A 95 -20.62 -9.47 -62.29
C PRO A 95 -20.71 -8.07 -61.70
N GLY A 96 -21.90 -7.63 -61.32
CA GLY A 96 -22.08 -6.26 -60.86
C GLY A 96 -21.86 -5.24 -61.97
N GLU A 97 -22.45 -5.51 -63.14
CA GLU A 97 -22.31 -4.62 -64.29
C GLU A 97 -23.01 -3.29 -64.02
N ALA A 98 -22.46 -2.23 -64.61
CA ALA A 98 -22.81 -0.81 -64.45
C ALA A 98 -22.60 -0.31 -63.03
N ALA A 99 -21.90 -1.06 -62.18
CA ALA A 99 -21.51 -0.63 -60.85
C ALA A 99 -20.01 -0.53 -60.66
N VAL A 100 -19.24 -1.20 -61.53
CA VAL A 100 -17.79 -1.15 -61.42
C VAL A 100 -17.26 0.22 -61.85
N ARG A 101 -17.78 0.78 -62.93
CA ARG A 101 -17.22 2.04 -63.44
C ARG A 101 -17.62 3.23 -62.58
N ARG A 102 -18.74 3.14 -61.85
CA ARG A 102 -19.04 4.15 -60.82
C ARG A 102 -18.01 4.09 -59.70
N SER A 103 -17.60 2.88 -59.32
CA SER A 103 -16.55 2.72 -58.33
C SER A 103 -15.21 3.26 -58.84
N VAL A 104 -14.94 3.07 -60.14
CA VAL A 104 -13.71 3.59 -60.74
C VAL A 104 -13.71 5.12 -60.77
N GLU A 105 -14.84 5.73 -61.19
CA GLU A 105 -14.88 7.19 -61.27
C GLU A 105 -14.96 7.86 -59.91
N HIS A 106 -15.47 7.18 -58.89
CA HIS A 106 -15.44 7.76 -57.55
C HIS A 106 -14.17 7.40 -56.78
N LEU A 107 -13.41 6.41 -57.24
CA LEU A 107 -12.08 6.19 -56.67
C LEU A 107 -11.06 7.19 -57.21
N GLN A 108 -11.19 7.59 -58.47
CA GLN A 108 -10.27 8.58 -59.03
C GLN A 108 -10.54 9.99 -58.52
N LYS A 109 -11.73 10.25 -57.99
CA LYS A 109 -12.06 11.54 -57.40
C LYS A 109 -11.96 11.44 -55.89
N HIS A 110 -11.20 12.38 -55.28
CA HIS A 110 -10.87 12.40 -53.86
C HIS A 110 -10.19 11.11 -53.41
N GLY A 111 -9.38 10.52 -54.28
CA GLY A 111 -8.68 9.30 -53.97
C GLY A 111 -7.51 9.12 -54.89
N LEU A 112 -6.50 8.38 -54.40
CA LEU A 112 -5.25 8.26 -55.14
C LEU A 112 -5.39 7.31 -56.34
N TRP A 113 -6.07 6.16 -56.15
CA TRP A 113 -6.37 5.14 -57.15
C TRP A 113 -5.13 4.45 -57.74
N GLY A 114 -3.94 4.81 -57.28
CA GLY A 114 -2.71 4.23 -57.77
C GLY A 114 -2.13 3.22 -56.80
N GLN A 115 -3.00 2.53 -56.07
CA GLN A 115 -2.57 1.50 -55.15
C GLN A 115 -2.02 0.31 -55.94
N PRO A 116 -0.88 -0.26 -55.52
CA PRO A 116 -0.37 -1.48 -56.18
C PRO A 116 -1.30 -2.67 -56.06
N ALA A 117 -2.08 -2.76 -54.97
CA ALA A 117 -3.05 -3.82 -54.68
C ALA A 117 -2.39 -5.21 -54.70
N VAL A 118 -1.47 -5.39 -53.76
CA VAL A 118 -0.72 -6.65 -53.65
C VAL A 118 -1.68 -7.76 -53.20
N PRO A 119 -1.68 -8.93 -53.86
CA PRO A 119 -2.61 -9.99 -53.46
C PRO A 119 -2.20 -10.63 -52.14
N LEU A 120 -3.16 -10.78 -51.25
CA LEU A 120 -2.94 -11.49 -49.99
C LEU A 120 -2.80 -12.98 -50.26
N PRO A 121 -2.06 -13.71 -49.41
CA PRO A 121 -1.96 -15.16 -49.57
C PRO A 121 -3.30 -15.86 -49.35
N ASP A 122 -3.67 -16.69 -50.31
CA ASP A 122 -4.98 -17.33 -50.29
C ASP A 122 -5.01 -18.47 -49.26
N VAL A 123 -6.20 -18.71 -48.72
CA VAL A 123 -6.42 -19.72 -47.69
C VAL A 123 -7.37 -20.76 -48.25
N GLU A 124 -6.99 -22.03 -48.14
CA GLU A 124 -7.83 -23.14 -48.57
C GLU A 124 -7.99 -24.14 -47.43
N LEU A 125 -9.24 -24.45 -47.10
CA LEU A 125 -9.55 -25.44 -46.08
C LEU A 125 -10.96 -25.96 -46.34
N ARG A 126 -11.23 -27.18 -45.87
CA ARG A 126 -12.53 -27.80 -46.08
C ARG A 126 -13.49 -27.29 -45.03
N LEU A 127 -14.45 -26.50 -45.45
CA LEU A 127 -15.48 -25.88 -44.63
C LEU A 127 -16.71 -26.79 -44.53
N PRO A 128 -17.49 -26.65 -43.45
CA PRO A 128 -18.77 -27.35 -43.39
C PRO A 128 -19.73 -26.82 -44.44
N PRO A 129 -20.60 -27.67 -44.98
CA PRO A 129 -21.50 -27.24 -46.06
C PRO A 129 -22.65 -26.38 -45.57
N LEU A 130 -23.50 -26.00 -46.52
CA LEU A 130 -24.61 -25.10 -46.25
C LEU A 130 -25.82 -25.88 -45.73
N TYR A 131 -26.75 -25.14 -45.11
CA TYR A 131 -28.00 -25.74 -44.65
C TYR A 131 -29.01 -25.85 -45.78
N GLY A 132 -29.40 -24.72 -46.35
CA GLY A 132 -30.36 -24.71 -47.45
C GLY A 132 -29.75 -24.17 -48.72
N ASP A 133 -28.44 -24.37 -48.88
CA ASP A 133 -27.62 -23.90 -50.01
C ASP A 133 -27.67 -22.38 -50.18
N ASN A 134 -27.91 -21.65 -49.09
CA ASN A 134 -27.88 -20.19 -49.09
C ASN A 134 -27.47 -19.74 -47.70
N LEU A 135 -26.78 -18.60 -47.64
CA LEU A 135 -26.25 -18.12 -46.37
C LEU A 135 -27.36 -17.62 -45.45
N ASP A 136 -28.43 -17.05 -46.04
CA ASP A 136 -29.62 -16.72 -45.26
C ASP A 136 -30.30 -17.98 -44.74
N GLN A 137 -30.36 -19.02 -45.57
CA GLN A 137 -30.91 -20.30 -45.14
C GLN A 137 -29.92 -21.09 -44.29
N HIS A 138 -28.67 -20.66 -44.20
CA HIS A 138 -27.71 -21.28 -43.31
C HIS A 138 -27.77 -20.67 -41.92
N PHE A 139 -27.78 -19.34 -41.82
CA PHE A 139 -27.83 -18.71 -40.51
C PHE A 139 -29.22 -18.81 -39.88
N ARG A 140 -30.27 -18.86 -40.69
CA ARG A 140 -31.53 -19.41 -40.22
C ARG A 140 -31.37 -20.93 -40.10
N LEU A 141 -31.96 -21.49 -39.03
CA LEU A 141 -31.91 -22.88 -38.57
C LEU A 141 -30.56 -23.20 -37.92
N LEU A 142 -29.57 -22.30 -38.02
CA LEU A 142 -28.46 -22.34 -37.06
C LEU A 142 -28.94 -21.94 -35.67
N ALA A 143 -29.92 -21.05 -35.60
CA ALA A 143 -30.54 -20.66 -34.35
C ALA A 143 -31.82 -21.43 -34.05
N GLN A 144 -32.18 -22.41 -34.91
CA GLN A 144 -33.33 -23.25 -34.66
C GLN A 144 -32.98 -24.73 -34.49
N LYS A 145 -31.79 -25.15 -34.88
CA LYS A 145 -31.31 -26.48 -34.50
C LYS A 145 -31.09 -26.56 -33.00
N GLN A 146 -30.38 -25.58 -32.45
CA GLN A 146 -30.40 -25.31 -31.02
C GLN A 146 -31.47 -24.26 -30.73
N SER A 147 -31.80 -24.11 -29.44
CA SER A 147 -32.84 -23.26 -28.85
C SER A 147 -34.27 -23.66 -29.23
N LEU A 148 -34.46 -24.72 -30.00
CA LEU A 148 -35.78 -25.34 -30.11
C LEU A 148 -36.30 -25.90 -28.77
N PRO A 149 -35.48 -26.50 -27.88
CA PRO A 149 -35.95 -26.68 -26.50
C PRO A 149 -36.33 -25.39 -25.81
N TYR A 150 -35.65 -24.29 -26.13
CA TYR A 150 -35.95 -22.98 -25.55
C TYR A 150 -37.12 -22.29 -26.24
N LEU A 151 -37.64 -22.88 -27.31
CA LEU A 151 -38.92 -22.48 -27.86
C LEU A 151 -40.07 -23.32 -27.30
N GLU A 152 -39.89 -24.62 -27.14
CA GLU A 152 -40.95 -25.43 -26.56
C GLU A 152 -41.11 -25.21 -25.05
N ALA A 153 -40.02 -24.94 -24.32
CA ALA A 153 -40.15 -24.62 -22.91
C ALA A 153 -40.79 -23.25 -22.70
N ALA A 154 -40.49 -22.29 -23.58
CA ALA A 154 -41.15 -21.00 -23.54
C ALA A 154 -42.64 -21.12 -23.88
N ASN A 155 -42.97 -22.01 -24.83
CA ASN A 155 -44.37 -22.29 -25.15
C ASN A 155 -45.09 -22.95 -23.97
N LEU A 156 -44.40 -23.86 -23.28
CA LEU A 156 -45.00 -24.53 -22.11
C LEU A 156 -45.20 -23.56 -20.95
N LEU A 157 -44.28 -22.60 -20.80
CA LEU A 157 -44.49 -21.54 -19.82
C LEU A 157 -45.59 -20.59 -20.24
N LEU A 158 -45.77 -20.42 -21.56
CA LEU A 158 -46.79 -19.49 -22.06
C LEU A 158 -48.19 -20.05 -21.89
N GLN A 159 -48.38 -21.35 -22.18
CA GLN A 159 -49.74 -21.91 -22.25
C GLN A 159 -50.33 -22.18 -20.88
N ALA A 160 -49.51 -22.49 -19.88
CA ALA A 160 -50.03 -22.99 -18.62
C ALA A 160 -50.51 -21.86 -17.71
N GLN A 161 -51.34 -22.23 -16.74
CA GLN A 161 -51.89 -21.30 -15.76
C GLN A 161 -51.42 -21.69 -14.36
N LEU A 162 -50.92 -20.73 -13.62
CA LEU A 162 -50.37 -20.94 -12.28
C LEU A 162 -51.51 -20.94 -11.25
N PRO A 163 -51.36 -21.71 -10.17
CA PRO A 163 -52.24 -21.55 -9.02
C PRO A 163 -52.14 -20.14 -8.46
N PRO A 164 -53.27 -19.60 -7.92
CA PRO A 164 -53.34 -18.15 -7.61
C PRO A 164 -52.38 -17.64 -6.54
N LYS A 165 -52.45 -18.20 -5.33
CA LYS A 165 -51.59 -17.79 -4.22
C LYS A 165 -51.45 -18.92 -3.20
N PRO A 166 -50.23 -19.27 -2.80
CA PRO A 166 -50.06 -20.13 -1.63
C PRO A 166 -50.01 -19.29 -0.36
N PRO A 167 -50.91 -19.57 0.59
CA PRO A 167 -50.98 -18.73 1.80
C PRO A 167 -50.03 -19.14 2.91
N ALA A 168 -49.52 -20.38 2.91
CA ALA A 168 -48.79 -20.87 4.07
C ALA A 168 -47.38 -20.27 4.14
N TRP A 169 -46.55 -20.56 3.13
CA TRP A 169 -45.13 -20.17 3.04
C TRP A 169 -44.34 -20.58 4.28
N ALA A 170 -44.26 -21.89 4.49
CA ALA A 170 -43.56 -22.43 5.66
C ALA A 170 -42.04 -22.25 5.52
N TRP A 171 -41.36 -22.32 6.68
CA TRP A 171 -39.90 -22.27 6.67
C TRP A 171 -39.32 -23.52 6.01
N ALA A 172 -39.74 -24.69 6.47
CA ALA A 172 -39.38 -26.04 5.97
C ALA A 172 -37.86 -26.18 5.93
N GLU A 173 -37.26 -26.69 4.84
CA GLU A 173 -35.82 -26.85 4.73
C GLU A 173 -35.48 -26.80 3.24
N GLY A 174 -34.96 -25.67 2.78
CA GLY A 174 -34.58 -25.50 1.40
C GLY A 174 -35.74 -25.49 0.42
N TRP A 175 -35.70 -26.37 -0.58
CA TRP A 175 -36.74 -26.43 -1.59
C TRP A 175 -37.99 -27.09 -1.04
N THR A 176 -39.15 -26.54 -1.39
CA THR A 176 -40.42 -27.11 -0.99
C THR A 176 -41.43 -26.85 -2.10
N ARG A 177 -42.15 -27.89 -2.50
CA ARG A 177 -43.13 -27.79 -3.58
C ARG A 177 -44.41 -27.16 -3.06
N TYR A 178 -44.86 -26.08 -3.70
CA TYR A 178 -46.06 -25.35 -3.29
C TYR A 178 -47.09 -25.44 -4.42
N GLY A 179 -47.89 -26.50 -4.40
CA GLY A 179 -48.86 -26.76 -5.44
C GLY A 179 -50.13 -25.95 -5.31
N PRO A 180 -51.18 -26.35 -6.03
CA PRO A 180 -52.49 -25.67 -5.89
C PRO A 180 -53.08 -25.81 -4.50
N GLU A 181 -52.86 -26.93 -3.84
CA GLU A 181 -53.24 -27.12 -2.46
C GLU A 181 -52.15 -26.57 -1.54
N GLY A 182 -52.34 -26.73 -0.24
CA GLY A 182 -51.32 -26.33 0.71
C GLY A 182 -50.34 -27.46 0.98
N GLU A 183 -50.23 -27.83 2.27
CA GLU A 183 -49.65 -29.06 2.82
C GLU A 183 -48.13 -29.16 2.71
N ALA A 184 -47.50 -28.24 1.95
CA ALA A 184 -46.05 -27.98 1.93
C ALA A 184 -45.20 -29.23 1.74
N VAL A 185 -45.41 -29.91 0.60
CA VAL A 185 -44.70 -31.15 0.34
C VAL A 185 -43.23 -30.85 -0.01
N PRO A 186 -42.28 -31.46 0.70
CA PRO A 186 -40.87 -31.13 0.46
C PRO A 186 -40.31 -31.88 -0.74
N VAL A 187 -39.51 -31.18 -1.54
CA VAL A 187 -38.79 -31.76 -2.66
C VAL A 187 -37.32 -31.36 -2.55
N ALA A 188 -36.45 -32.20 -3.11
CA ALA A 188 -35.03 -31.88 -3.11
C ALA A 188 -34.71 -30.80 -4.14
N ILE A 189 -35.18 -30.97 -5.37
CA ILE A 189 -34.92 -30.03 -6.46
C ILE A 189 -36.16 -29.91 -7.32
N PRO A 190 -36.39 -28.72 -7.90
CA PRO A 190 -37.56 -28.54 -8.78
C PRO A 190 -37.38 -29.28 -10.10
N GLU A 191 -38.30 -30.20 -10.38
CA GLU A 191 -38.26 -31.02 -11.60
C GLU A 191 -39.22 -30.48 -12.65
N GLU A 192 -38.92 -29.29 -13.16
CA GLU A 192 -39.74 -28.67 -14.19
C GLU A 192 -38.83 -28.01 -15.23
N ARG A 193 -39.29 -28.02 -16.49
CA ARG A 193 -38.52 -27.48 -17.60
C ARG A 193 -38.61 -25.96 -17.73
N ALA A 194 -39.57 -25.32 -17.05
CA ALA A 194 -39.76 -23.88 -17.17
C ALA A 194 -39.88 -23.26 -15.79
N LEU A 195 -39.10 -22.20 -15.54
CA LEU A 195 -39.06 -21.56 -14.23
C LEU A 195 -38.95 -20.06 -14.40
N VAL A 196 -39.80 -19.30 -13.71
CA VAL A 196 -39.60 -17.86 -13.57
C VAL A 196 -39.05 -17.60 -12.17
N PHE A 197 -38.03 -16.75 -12.09
CA PHE A 197 -37.15 -16.75 -10.94
C PHE A 197 -36.68 -15.33 -10.64
N ASP A 198 -36.47 -15.05 -9.35
CA ASP A 198 -35.90 -13.78 -8.91
C ASP A 198 -35.28 -13.97 -7.53
N VAL A 199 -34.18 -13.26 -7.28
CA VAL A 199 -33.51 -13.24 -5.99
C VAL A 199 -33.42 -11.79 -5.52
N GLU A 200 -33.82 -11.55 -4.28
CA GLU A 200 -33.48 -10.31 -3.58
C GLU A 200 -32.60 -10.68 -2.40
N VAL A 201 -31.36 -10.20 -2.41
CA VAL A 201 -30.37 -10.68 -1.45
C VAL A 201 -30.35 -9.79 -0.22
N CYS A 202 -29.81 -10.32 0.86
CA CYS A 202 -29.61 -9.58 2.11
C CYS A 202 -28.27 -8.86 1.99
N LEU A 203 -28.34 -7.53 1.80
CA LEU A 203 -27.13 -6.77 1.47
C LEU A 203 -26.22 -6.60 2.68
N ALA A 204 -26.78 -6.41 3.86
CA ALA A 204 -25.96 -6.18 5.05
C ALA A 204 -25.27 -7.45 5.52
N GLU A 205 -25.90 -8.61 5.31
CA GLU A 205 -25.23 -9.88 5.62
C GLU A 205 -24.10 -10.15 4.65
N GLY A 206 -24.28 -9.81 3.37
CA GLY A 206 -23.26 -10.03 2.37
C GLY A 206 -23.84 -10.15 0.97
N THR A 207 -23.42 -11.19 0.24
CA THR A 207 -23.94 -11.46 -1.10
C THR A 207 -24.56 -12.84 -1.19
N CYS A 208 -24.88 -13.46 -0.06
CA CYS A 208 -25.54 -14.75 -0.06
C CYS A 208 -26.98 -14.60 -0.57
N PRO A 209 -27.46 -15.55 -1.38
CA PRO A 209 -28.85 -15.47 -1.86
C PRO A 209 -29.87 -15.64 -0.74
N THR A 210 -30.97 -14.90 -0.86
CA THR A 210 -32.06 -14.95 0.10
C THR A 210 -33.36 -14.72 -0.66
N LEU A 211 -34.47 -15.19 -0.08
CA LEU A 211 -35.85 -14.83 -0.47
C LEU A 211 -36.18 -15.18 -1.93
N ALA A 212 -35.60 -16.27 -2.43
CA ALA A 212 -35.76 -16.65 -3.83
C ALA A 212 -36.98 -17.56 -3.97
N VAL A 213 -37.91 -17.17 -4.84
CA VAL A 213 -39.11 -17.93 -5.13
C VAL A 213 -39.09 -18.30 -6.61
N ALA A 214 -39.32 -19.59 -6.91
CA ALA A 214 -39.20 -20.14 -8.26
C ALA A 214 -40.59 -20.50 -8.77
N ILE A 215 -41.30 -19.53 -9.34
CA ILE A 215 -42.67 -19.85 -9.73
C ILE A 215 -42.66 -20.62 -11.04
N SER A 216 -43.65 -21.48 -11.20
CA SER A 216 -43.62 -22.54 -12.20
C SER A 216 -45.02 -23.10 -12.32
N PRO A 217 -45.39 -23.64 -13.49
CA PRO A 217 -46.71 -24.26 -13.63
C PRO A 217 -46.98 -25.43 -12.71
N SER A 218 -45.93 -26.11 -12.21
CA SER A 218 -46.13 -27.13 -11.20
C SER A 218 -46.33 -26.52 -9.82
N ALA A 219 -45.43 -25.63 -9.41
CA ALA A 219 -45.45 -25.15 -8.02
C ALA A 219 -44.78 -23.78 -7.92
N TRP A 220 -45.05 -23.10 -6.80
CA TRP A 220 -44.42 -21.82 -6.51
C TRP A 220 -42.98 -21.95 -6.01
N TYR A 221 -42.64 -23.09 -5.38
CA TYR A 221 -41.26 -23.53 -5.10
C TYR A 221 -40.46 -22.52 -4.27
N SER A 222 -40.85 -22.39 -3.01
CA SER A 222 -40.13 -21.55 -2.08
C SER A 222 -38.72 -22.10 -1.81
N TRP A 223 -37.73 -21.21 -1.77
CA TRP A 223 -36.36 -21.55 -1.43
C TRP A 223 -35.90 -20.51 -0.42
N CYS A 224 -35.87 -20.88 0.86
CA CYS A 224 -35.59 -19.94 1.93
C CYS A 224 -34.11 -19.66 2.09
N SER A 225 -33.24 -20.54 1.59
CA SER A 225 -31.78 -20.36 1.53
C SER A 225 -31.15 -20.19 2.91
N GLN A 226 -31.48 -21.12 3.82
CA GLN A 226 -30.84 -21.28 5.13
C GLN A 226 -31.04 -20.03 5.99
N ARG A 227 -32.19 -19.37 5.81
CA ARG A 227 -32.56 -18.24 6.65
C ARG A 227 -33.07 -18.71 8.01
N LEU A 228 -33.70 -19.88 8.06
CA LEU A 228 -34.20 -20.43 9.32
C LEU A 228 -33.05 -20.83 10.24
N VAL A 229 -32.01 -21.46 9.69
CA VAL A 229 -30.87 -21.89 10.48
C VAL A 229 -29.94 -20.71 10.69
N GLU A 230 -29.63 -20.41 11.96
CA GLU A 230 -28.80 -19.25 12.28
C GLU A 230 -27.33 -19.50 11.98
N GLU A 231 -26.86 -20.73 12.23
CA GLU A 231 -25.45 -21.06 12.04
C GLU A 231 -25.13 -21.26 10.57
N ARG A 232 -24.04 -20.64 10.11
CA ARG A 232 -23.63 -20.72 8.71
C ARG A 232 -22.13 -20.44 8.64
N TYR A 233 -21.58 -20.65 7.44
CA TYR A 233 -20.18 -20.36 7.21
C TYR A 233 -19.94 -18.85 7.17
N SER A 234 -18.72 -18.46 7.55
CA SER A 234 -18.39 -17.04 7.61
C SER A 234 -17.94 -16.51 6.25
N TRP A 235 -16.94 -17.12 5.64
CA TRP A 235 -16.47 -16.72 4.32
C TRP A 235 -16.18 -18.00 3.52
N THR A 236 -15.62 -17.80 2.33
CA THR A 236 -15.38 -18.84 1.32
C THR A 236 -16.68 -19.60 1.00
N SER A 237 -17.61 -18.84 0.44
CA SER A 237 -18.96 -19.35 0.19
C SER A 237 -18.96 -20.34 -0.96
N GLN A 238 -19.51 -21.53 -0.71
CA GLN A 238 -19.72 -22.55 -1.73
C GLN A 238 -20.89 -23.42 -1.31
N LEU A 239 -21.55 -24.01 -2.32
CA LEU A 239 -22.73 -24.86 -2.18
C LEU A 239 -23.92 -24.12 -1.54
N SER A 240 -23.92 -22.80 -1.61
CA SER A 240 -24.96 -21.91 -1.10
C SER A 240 -26.17 -21.69 -2.02
N PRO A 241 -26.03 -21.38 -3.37
CA PRO A 241 -27.22 -20.94 -4.11
C PRO A 241 -28.23 -22.04 -4.44
N ALA A 242 -29.23 -21.67 -5.25
CA ALA A 242 -30.55 -22.28 -5.18
C ALA A 242 -30.60 -23.69 -5.79
N ASP A 243 -29.64 -24.04 -6.66
CA ASP A 243 -29.48 -25.39 -7.24
C ASP A 243 -30.71 -25.81 -8.05
N LEU A 244 -30.88 -25.14 -9.18
CA LEU A 244 -32.01 -25.38 -10.09
C LEU A 244 -31.77 -26.53 -11.07
N ILE A 245 -30.55 -27.03 -11.19
CA ILE A 245 -30.20 -27.98 -12.24
C ILE A 245 -30.25 -29.39 -11.65
N PRO A 246 -31.06 -30.29 -12.20
CA PRO A 246 -31.06 -31.67 -11.73
C PRO A 246 -29.93 -32.49 -12.37
N LEU A 247 -29.65 -33.62 -11.76
CA LEU A 247 -28.71 -34.57 -12.34
C LEU A 247 -29.36 -35.26 -13.53
N GLU A 248 -28.50 -35.80 -14.41
CA GLU A 248 -28.99 -36.52 -15.59
C GLU A 248 -29.71 -37.81 -15.19
N VAL A 249 -29.18 -38.52 -14.21
CA VAL A 249 -29.80 -39.75 -13.74
C VAL A 249 -30.99 -39.44 -12.85
N GLN A 262 -32.16 -32.66 -19.25
CA GLN A 262 -32.92 -31.87 -20.22
C GLN A 262 -32.64 -30.38 -20.05
N GLU A 263 -33.25 -29.56 -20.89
CA GLU A 263 -33.08 -28.12 -20.83
C GLU A 263 -34.15 -27.52 -19.92
N GLN A 264 -33.73 -26.66 -19.00
CA GLN A 264 -34.60 -26.09 -17.98
C GLN A 264 -34.58 -24.56 -18.10
N LEU A 265 -35.45 -24.02 -18.94
CA LEU A 265 -35.43 -22.59 -19.26
C LEU A 265 -35.85 -21.74 -18.06
N VAL A 266 -35.06 -20.70 -17.77
CA VAL A 266 -35.25 -19.84 -16.62
C VAL A 266 -35.39 -18.40 -17.11
N VAL A 267 -36.45 -17.73 -16.65
CA VAL A 267 -36.71 -16.33 -16.98
C VAL A 267 -36.64 -15.54 -15.68
N GLY A 268 -36.33 -14.24 -15.81
CA GLY A 268 -36.34 -13.38 -14.64
C GLY A 268 -35.94 -11.95 -14.90
N HIS A 269 -36.52 -11.02 -14.15
CA HIS A 269 -36.08 -9.63 -14.18
C HIS A 269 -34.72 -9.52 -13.52
N ASN A 270 -33.76 -8.94 -14.24
CA ASN A 270 -32.33 -8.96 -13.92
C ASN A 270 -31.84 -10.39 -13.68
N VAL A 271 -31.90 -11.20 -14.74
CA VAL A 271 -31.56 -12.62 -14.61
C VAL A 271 -30.07 -12.83 -14.45
N SER A 272 -29.24 -11.80 -14.66
CA SER A 272 -27.85 -11.89 -14.26
C SER A 272 -27.69 -11.88 -12.75
N PHE A 273 -28.48 -11.03 -12.07
CA PHE A 273 -28.43 -10.95 -10.60
C PHE A 273 -28.90 -12.24 -9.95
N ASP A 274 -29.98 -12.84 -10.48
CA ASP A 274 -30.39 -14.16 -10.02
C ASP A 274 -29.48 -15.25 -10.57
N ARG A 275 -28.78 -14.99 -11.68
CA ARG A 275 -27.94 -16.00 -12.30
C ARG A 275 -26.65 -16.20 -11.50
N ALA A 276 -26.21 -15.16 -10.81
CA ALA A 276 -25.15 -15.31 -9.82
C ALA A 276 -25.56 -16.23 -8.66
N HIS A 277 -26.86 -16.45 -8.46
CA HIS A 277 -27.37 -17.30 -7.40
C HIS A 277 -28.20 -18.48 -7.92
N ILE A 278 -27.99 -18.91 -9.16
CA ILE A 278 -28.71 -20.09 -9.68
C ILE A 278 -28.13 -21.37 -9.08
N ARG A 279 -26.79 -21.41 -8.87
CA ARG A 279 -25.90 -22.53 -8.58
C ARG A 279 -25.69 -23.37 -9.84
N GLU A 280 -24.48 -23.96 -9.98
CA GLU A 280 -23.97 -24.72 -11.12
C GLU A 280 -23.79 -23.87 -12.37
N GLN A 281 -23.80 -22.55 -12.25
CA GLN A 281 -23.28 -21.68 -13.30
C GLN A 281 -21.82 -21.33 -13.07
N TYR A 282 -21.27 -21.76 -11.94
CA TYR A 282 -19.86 -21.56 -11.60
C TYR A 282 -19.01 -22.74 -12.02
N LEU A 283 -19.63 -23.81 -12.52
CA LEU A 283 -18.91 -25.04 -12.83
C LEU A 283 -18.01 -24.85 -14.05
N ILE A 284 -16.85 -25.50 -14.00
CA ILE A 284 -15.79 -25.27 -14.98
C ILE A 284 -16.20 -25.83 -16.34
N GLN A 285 -16.82 -27.01 -16.35
CA GLN A 285 -17.36 -27.59 -17.56
C GLN A 285 -18.61 -26.83 -18.01
N GLY A 286 -18.98 -27.02 -19.26
CA GLY A 286 -20.10 -26.29 -19.84
C GLY A 286 -21.44 -26.72 -19.29
N SER A 287 -22.41 -25.82 -19.42
CA SER A 287 -23.77 -26.04 -18.95
C SER A 287 -24.72 -26.13 -20.13
N ARG A 288 -25.63 -27.09 -20.09
CA ARG A 288 -26.63 -27.24 -21.14
C ARG A 288 -27.76 -26.23 -21.03
N MET A 289 -27.80 -25.44 -19.96
CA MET A 289 -28.95 -24.61 -19.64
C MET A 289 -28.63 -23.14 -19.88
N ARG A 290 -29.54 -22.45 -20.58
CA ARG A 290 -29.39 -21.05 -20.92
C ARG A 290 -30.48 -20.23 -20.23
N PHE A 291 -30.44 -18.91 -20.44
CA PHE A 291 -31.26 -17.98 -19.69
C PHE A 291 -31.94 -16.96 -20.60
N LEU A 292 -33.05 -16.42 -20.12
CA LEU A 292 -33.69 -15.26 -20.71
C LEU A 292 -33.77 -14.15 -19.66
N ASP A 293 -33.63 -12.91 -20.10
CA ASP A 293 -33.72 -11.74 -19.23
C ASP A 293 -34.95 -10.94 -19.61
N THR A 294 -35.74 -10.56 -18.61
CA THR A 294 -36.92 -9.72 -18.85
C THR A 294 -36.53 -8.34 -19.35
N MET A 295 -35.46 -7.76 -18.79
CA MET A 295 -35.00 -6.46 -19.27
C MET A 295 -34.35 -6.55 -20.65
N SER A 296 -33.90 -7.74 -21.06
CA SER A 296 -33.41 -7.90 -22.42
C SER A 296 -34.53 -7.73 -23.44
N MET A 297 -35.69 -8.32 -23.17
CA MET A 297 -36.85 -8.07 -24.03
C MET A 297 -37.42 -6.68 -23.82
N HIS A 298 -37.23 -6.11 -22.62
CA HIS A 298 -37.77 -4.78 -22.36
C HIS A 298 -36.97 -3.69 -23.06
N MET A 299 -35.66 -3.88 -23.22
CA MET A 299 -34.85 -2.95 -23.99
C MET A 299 -34.70 -3.37 -25.44
N ALA A 300 -35.10 -4.60 -25.79
CA ALA A 300 -35.11 -5.01 -27.18
C ALA A 300 -36.25 -4.34 -27.94
N ILE A 301 -37.44 -4.31 -27.34
CA ILE A 301 -38.58 -3.58 -27.89
C ILE A 301 -39.08 -2.62 -26.82
N SER A 302 -39.28 -1.36 -27.22
CA SER A 302 -39.59 -0.22 -26.34
C SER A 302 -38.50 0.00 -25.29
N GLY A 303 -37.27 0.21 -25.76
CA GLY A 303 -36.18 0.69 -24.92
C GLY A 303 -35.98 2.19 -25.05
N LEU A 304 -35.12 2.72 -24.18
CA LEU A 304 -34.90 4.16 -24.07
C LEU A 304 -33.41 4.43 -24.01
N SER A 305 -32.92 5.38 -24.84
CA SER A 305 -31.48 5.56 -24.90
C SER A 305 -30.89 6.51 -23.86
N SER A 306 -31.02 7.82 -24.08
CA SER A 306 -30.50 8.79 -23.12
C SER A 306 -31.51 9.85 -22.73
N PHE A 307 -32.02 10.58 -23.73
CA PHE A 307 -32.87 11.74 -23.49
C PHE A 307 -34.30 11.32 -23.20
N GLN A 308 -34.80 10.36 -23.98
CA GLN A 308 -36.18 9.87 -23.80
C GLN A 308 -36.25 9.10 -22.47
N ARG A 309 -35.13 8.49 -22.06
CA ARG A 309 -35.11 7.68 -20.81
C ARG A 309 -35.39 8.58 -19.61
N SER A 310 -34.80 9.78 -19.57
CA SER A 310 -34.99 10.69 -18.42
C SER A 310 -36.31 11.46 -18.58
N LEU A 311 -36.66 11.82 -19.82
CA LEU A 311 -37.92 12.50 -20.10
C LEU A 311 -39.11 11.70 -19.57
N TRP A 312 -39.10 10.39 -19.80
CA TRP A 312 -40.18 9.56 -19.28
C TRP A 312 -39.99 9.22 -17.81
N ILE A 313 -38.78 9.39 -17.28
CA ILE A 313 -38.60 9.35 -15.83
C ILE A 313 -39.26 10.57 -15.18
N ALA A 314 -39.05 11.76 -15.75
CA ALA A 314 -39.65 12.97 -15.21
C ALA A 314 -41.16 13.02 -15.44
N ALA A 315 -41.63 12.41 -16.54
CA ALA A 315 -43.07 12.35 -16.79
C ALA A 315 -43.75 11.32 -15.90
N LYS A 316 -43.29 10.06 -15.99
CA LYS A 316 -43.78 8.91 -15.20
C LYS A 316 -45.29 8.68 -15.32
N PRO A 340 -36.80 17.50 -31.64
CA PRO A 340 -37.27 18.74 -31.04
C PRO A 340 -37.75 18.50 -29.61
N ALA A 341 -37.86 19.59 -28.83
CA ALA A 341 -38.34 19.47 -27.46
C ALA A 341 -39.85 19.24 -27.41
N ILE A 342 -40.56 19.63 -28.47
CA ILE A 342 -42.01 19.43 -28.57
C ILE A 342 -42.27 18.48 -29.72
N SER A 343 -42.92 17.36 -29.43
CA SER A 343 -43.16 16.28 -30.39
C SER A 343 -44.55 15.73 -30.14
N SER A 344 -44.81 14.52 -30.64
CA SER A 344 -46.12 13.89 -30.43
C SER A 344 -46.26 13.29 -29.02
N TRP A 345 -45.15 13.07 -28.31
CA TRP A 345 -45.09 12.42 -27.00
C TRP A 345 -45.72 11.03 -27.00
N ASP A 346 -45.60 10.28 -28.09
CA ASP A 346 -46.05 8.90 -28.10
C ASP A 346 -45.03 7.96 -27.47
N TRP A 347 -43.74 8.32 -27.50
CA TRP A 347 -42.71 7.53 -26.83
C TRP A 347 -42.85 7.56 -25.32
N LEU A 348 -43.57 8.54 -24.78
CA LEU A 348 -43.96 8.55 -23.38
C LEU A 348 -44.83 7.35 -23.05
N ASP A 349 -45.95 7.22 -23.75
CA ASP A 349 -46.93 6.20 -23.42
C ASP A 349 -46.61 4.83 -23.99
N ILE A 350 -45.69 4.73 -24.96
CA ILE A 350 -45.41 3.43 -25.56
C ILE A 350 -44.31 2.66 -24.83
N SER A 351 -43.55 3.31 -23.96
CA SER A 351 -42.37 2.69 -23.36
C SER A 351 -42.30 3.01 -21.88
N SER A 352 -41.55 2.18 -21.14
CA SER A 352 -41.37 2.36 -19.71
C SER A 352 -39.90 2.22 -19.33
N VAL A 353 -39.60 2.66 -18.10
CA VAL A 353 -38.22 2.74 -17.62
C VAL A 353 -37.66 1.33 -17.44
N ASN A 354 -36.35 1.17 -17.71
CA ASN A 354 -35.69 -0.12 -17.62
C ASN A 354 -35.71 -0.69 -16.21
N SER A 355 -35.69 0.18 -15.20
CA SER A 355 -35.81 -0.26 -13.81
C SER A 355 -37.22 -0.76 -13.52
N LEU A 356 -37.37 -1.41 -12.37
CA LEU A 356 -38.64 -2.02 -11.99
C LEU A 356 -39.64 -0.92 -11.57
N ALA A 357 -40.87 -1.37 -11.27
CA ALA A 357 -42.05 -0.56 -10.91
C ALA A 357 -42.49 0.39 -12.02
N GLU A 358 -42.05 0.15 -13.26
CA GLU A 358 -42.51 0.87 -14.45
C GLU A 358 -42.93 -0.08 -15.56
N VAL A 359 -42.25 -1.21 -15.70
CA VAL A 359 -42.60 -2.20 -16.71
C VAL A 359 -43.92 -2.87 -16.36
N HIS A 360 -44.15 -3.11 -15.07
CA HIS A 360 -45.35 -3.83 -14.62
C HIS A 360 -46.62 -3.02 -14.82
N ARG A 361 -46.56 -1.71 -14.57
CA ARG A 361 -47.74 -0.88 -14.74
C ARG A 361 -48.06 -0.65 -16.21
N LEU A 362 -47.04 -0.63 -17.07
CA LEU A 362 -47.23 -0.31 -18.48
C LEU A 362 -47.90 -1.48 -19.22
N TYR A 363 -47.32 -2.67 -19.10
CA TYR A 363 -47.79 -3.81 -19.87
C TYR A 363 -48.90 -4.59 -19.15
N VAL A 364 -48.69 -4.98 -17.90
CA VAL A 364 -49.72 -5.69 -17.15
C VAL A 364 -50.87 -4.76 -16.81
N GLY A 365 -50.55 -3.58 -16.27
CA GLY A 365 -51.57 -2.68 -15.79
C GLY A 365 -51.90 -2.91 -14.32
N GLY A 366 -53.07 -2.40 -13.93
CA GLY A 366 -53.53 -2.53 -12.57
C GLY A 366 -52.76 -1.66 -11.60
N PRO A 367 -52.23 -2.27 -10.54
CA PRO A 367 -51.39 -1.51 -9.62
C PRO A 367 -50.06 -1.17 -10.26
N PRO A 368 -49.39 -0.07 -9.80
CA PRO A 368 -48.05 0.25 -10.32
C PRO A 368 -47.02 -0.83 -10.04
N LEU A 369 -46.78 -1.09 -8.76
CA LEU A 369 -46.02 -2.20 -8.18
C LEU A 369 -46.16 -2.12 -6.68
N GLU A 370 -46.17 -3.27 -6.03
CA GLU A 370 -45.98 -3.28 -4.58
C GLU A 370 -44.54 -2.95 -4.25
N LYS A 371 -44.35 -2.30 -3.11
CA LYS A 371 -43.01 -1.89 -2.69
C LYS A 371 -43.00 -1.75 -1.18
N GLU A 372 -41.97 -2.29 -0.55
CA GLU A 372 -41.85 -2.20 0.89
C GLU A 372 -41.43 -0.79 1.28
N PRO A 373 -42.21 -0.07 2.10
CA PRO A 373 -41.85 1.31 2.43
C PRO A 373 -40.77 1.41 3.48
N ARG A 374 -40.65 0.40 4.35
CA ARG A 374 -39.67 0.46 5.42
C ARG A 374 -38.24 0.26 4.90
N GLU A 375 -38.08 -0.55 3.84
CA GLU A 375 -36.81 -0.76 3.11
C GLU A 375 -35.68 -1.26 4.00
N LEU A 376 -35.99 -2.07 5.01
CA LEU A 376 -34.97 -2.61 5.89
C LEU A 376 -34.41 -3.95 5.39
N PHE A 377 -34.86 -4.43 4.23
CA PHE A 377 -34.34 -5.68 3.70
C PHE A 377 -32.92 -5.53 3.18
N VAL A 378 -32.58 -4.36 2.65
CA VAL A 378 -31.18 -4.09 2.32
C VAL A 378 -30.38 -3.68 3.54
N LYS A 379 -31.06 -3.36 4.65
CA LYS A 379 -30.41 -2.94 5.88
C LYS A 379 -30.56 -3.95 7.00
N GLY A 380 -30.90 -5.21 6.67
CA GLY A 380 -31.14 -6.21 7.70
C GLY A 380 -29.87 -6.93 8.11
N THR A 381 -29.57 -6.86 9.41
CA THR A 381 -28.41 -7.51 10.00
C THR A 381 -28.76 -8.95 10.36
N MET A 382 -27.99 -9.59 11.23
CA MET A 382 -28.40 -10.87 11.79
C MET A 382 -29.64 -10.71 12.69
N LYS A 383 -29.86 -9.52 13.24
CA LYS A 383 -31.15 -9.18 13.82
C LYS A 383 -32.16 -8.88 12.71
N ASP A 384 -33.44 -8.82 13.10
CA ASP A 384 -34.58 -8.53 12.23
C ASP A 384 -34.73 -9.53 11.08
N ILE A 385 -34.32 -10.79 11.30
CA ILE A 385 -34.47 -11.81 10.27
C ILE A 385 -35.83 -12.50 10.36
N ARG A 386 -36.45 -12.52 11.53
CA ARG A 386 -37.72 -13.20 11.73
C ARG A 386 -38.93 -12.30 11.50
N GLU A 387 -38.80 -11.00 11.75
CA GLU A 387 -39.94 -10.09 11.65
C GLU A 387 -40.25 -9.79 10.19
N ASN A 388 -41.56 -9.71 9.87
CA ASN A 388 -42.15 -9.46 8.54
C ASN A 388 -41.51 -10.29 7.43
N PHE A 389 -41.17 -11.54 7.76
CA PHE A 389 -40.65 -12.46 6.74
C PHE A 389 -41.76 -12.89 5.78
N GLN A 390 -42.97 -13.08 6.29
CA GLN A 390 -44.07 -13.50 5.43
C GLN A 390 -44.51 -12.37 4.50
N ASP A 391 -44.52 -11.13 4.99
CA ASP A 391 -44.90 -9.99 4.14
C ASP A 391 -43.85 -9.74 3.06
N LEU A 392 -42.58 -9.91 3.40
CA LEU A 392 -41.49 -9.86 2.43
C LEU A 392 -41.62 -10.95 1.38
N MET A 393 -41.98 -12.16 1.80
CA MET A 393 -42.12 -13.26 0.86
C MET A 393 -43.34 -13.08 -0.05
N GLN A 394 -44.43 -12.49 0.51
CA GLN A 394 -45.59 -12.12 -0.30
C GLN A 394 -45.26 -11.05 -1.34
N TYR A 395 -44.48 -10.03 -0.94
CA TYR A 395 -44.08 -8.99 -1.90
C TYR A 395 -43.19 -9.56 -3.00
N CYS A 396 -42.29 -10.46 -2.63
CA CYS A 396 -41.43 -11.11 -3.62
C CYS A 396 -42.24 -11.99 -4.57
N ALA A 397 -43.22 -12.74 -4.04
CA ALA A 397 -44.06 -13.57 -4.89
C ALA A 397 -44.92 -12.74 -5.84
N GLN A 398 -45.43 -11.59 -5.37
CA GLN A 398 -46.17 -10.69 -6.23
C GLN A 398 -45.27 -10.10 -7.32
N ASP A 399 -44.01 -9.78 -6.98
CA ASP A 399 -43.07 -9.29 -7.98
C ASP A 399 -42.76 -10.33 -9.05
N VAL A 400 -42.55 -11.59 -8.64
CA VAL A 400 -42.28 -12.63 -9.63
C VAL A 400 -43.52 -12.94 -10.46
N TRP A 401 -44.73 -12.80 -9.87
CA TRP A 401 -45.96 -12.91 -10.65
C TRP A 401 -46.06 -11.80 -11.68
N ALA A 402 -45.64 -10.58 -11.32
CA ALA A 402 -45.64 -9.47 -12.26
C ALA A 402 -44.67 -9.72 -13.42
N THR A 403 -43.47 -10.26 -13.11
CA THR A 403 -42.52 -10.59 -14.16
C THR A 403 -43.03 -11.72 -15.04
N HIS A 404 -43.75 -12.69 -14.44
CA HIS A 404 -44.36 -13.77 -15.19
C HIS A 404 -45.39 -13.26 -16.18
N GLU A 405 -46.25 -12.33 -15.72
CA GLU A 405 -47.29 -11.78 -16.59
C GLU A 405 -46.70 -10.94 -17.71
N VAL A 406 -45.70 -10.11 -17.40
CA VAL A 406 -45.11 -9.27 -18.43
C VAL A 406 -44.30 -10.11 -19.42
N PHE A 407 -43.66 -11.20 -18.96
CA PHE A 407 -42.95 -12.07 -19.89
C PHE A 407 -43.92 -12.86 -20.76
N GLN A 408 -45.05 -13.28 -20.18
CA GLN A 408 -46.06 -14.02 -20.94
C GLN A 408 -46.68 -13.15 -22.03
N GLN A 409 -46.89 -11.87 -21.76
CA GLN A 409 -47.44 -11.04 -22.83
C GLN A 409 -46.37 -10.49 -23.77
N GLN A 410 -45.11 -10.42 -23.33
CA GLN A 410 -44.06 -9.93 -24.20
C GLN A 410 -43.35 -11.01 -24.99
N LEU A 411 -43.63 -12.30 -24.74
CA LEU A 411 -43.05 -13.36 -25.54
C LEU A 411 -43.45 -13.32 -27.02
N PRO A 412 -44.75 -13.24 -27.41
CA PRO A 412 -45.03 -13.18 -28.86
C PRO A 412 -44.68 -11.84 -29.47
N LEU A 413 -44.75 -10.75 -28.69
CA LEU A 413 -44.36 -9.44 -29.20
C LEU A 413 -42.86 -9.38 -29.51
N PHE A 414 -42.04 -9.98 -28.65
CA PHE A 414 -40.62 -10.05 -28.94
C PHE A 414 -40.32 -11.03 -30.07
N LEU A 415 -41.03 -12.15 -30.11
CA LEU A 415 -40.77 -13.15 -31.15
C LEU A 415 -41.29 -12.72 -32.52
N GLU A 416 -42.18 -11.73 -32.59
CA GLU A 416 -42.66 -11.24 -33.86
C GLU A 416 -42.03 -9.91 -34.27
N ARG A 417 -41.71 -9.03 -33.32
CA ARG A 417 -40.97 -7.81 -33.64
C ARG A 417 -39.49 -8.08 -33.85
N CYS A 418 -38.98 -9.23 -33.41
CA CYS A 418 -37.63 -9.70 -33.74
C CYS A 418 -37.76 -11.09 -34.31
N PRO A 419 -38.24 -11.22 -35.56
CA PRO A 419 -38.59 -12.54 -36.08
C PRO A 419 -37.40 -13.39 -36.46
N HIS A 420 -36.22 -12.81 -36.60
CA HIS A 420 -35.04 -13.60 -36.91
C HIS A 420 -34.60 -14.33 -35.65
N PRO A 421 -34.46 -15.66 -35.69
CA PRO A 421 -34.10 -16.41 -34.47
C PRO A 421 -32.68 -16.18 -34.00
N VAL A 422 -31.84 -15.56 -34.83
CA VAL A 422 -30.46 -15.29 -34.48
C VAL A 422 -30.38 -14.32 -33.30
N THR A 423 -31.28 -13.32 -33.27
CA THR A 423 -31.30 -12.34 -32.18
C THR A 423 -31.64 -13.00 -30.85
N LEU A 424 -32.67 -13.86 -30.84
CA LEU A 424 -33.07 -14.56 -29.61
C LEU A 424 -32.01 -15.56 -29.16
N ALA A 425 -31.43 -16.32 -30.09
CA ALA A 425 -30.37 -17.25 -29.71
C ALA A 425 -29.11 -16.51 -29.24
N GLY A 426 -28.80 -15.35 -29.83
CA GLY A 426 -27.66 -14.58 -29.39
C GLY A 426 -27.84 -13.98 -28.01
N MET A 427 -29.06 -13.56 -27.69
CA MET A 427 -29.38 -13.19 -26.31
C MET A 427 -29.24 -14.40 -25.37
N LEU A 428 -29.63 -15.58 -25.85
CA LEU A 428 -29.53 -16.79 -25.03
C LEU A 428 -28.07 -17.15 -24.71
N GLU A 429 -27.18 -17.05 -25.70
CA GLU A 429 -25.79 -17.44 -25.43
C GLU A 429 -24.99 -16.30 -24.81
N MET A 430 -25.36 -15.05 -25.07
CA MET A 430 -24.70 -13.93 -24.43
C MET A 430 -25.15 -13.74 -22.98
N GLY A 431 -26.33 -14.27 -22.62
CA GLY A 431 -26.75 -14.27 -21.24
C GLY A 431 -25.89 -15.14 -20.33
N VAL A 432 -25.24 -16.15 -20.90
CA VAL A 432 -24.32 -16.99 -20.15
C VAL A 432 -22.88 -16.57 -20.43
N SER A 433 -22.14 -16.28 -19.37
CA SER A 433 -20.71 -16.01 -19.41
C SER A 433 -20.04 -16.90 -18.37
N TYR A 434 -18.70 -16.84 -18.34
CA TYR A 434 -17.93 -17.56 -17.31
C TYR A 434 -16.58 -16.87 -17.20
N LEU A 435 -16.37 -16.11 -16.12
CA LEU A 435 -15.14 -15.36 -15.92
C LEU A 435 -14.37 -15.98 -14.75
N PRO A 436 -13.46 -16.93 -15.03
CA PRO A 436 -12.78 -17.63 -13.93
C PRO A 436 -11.66 -16.80 -13.34
N VAL A 437 -11.88 -16.27 -12.15
CA VAL A 437 -10.84 -15.52 -11.46
C VAL A 437 -10.06 -16.48 -10.58
N ASN A 438 -8.76 -16.23 -10.45
CA ASN A 438 -7.88 -17.13 -9.73
C ASN A 438 -7.95 -16.85 -8.23
N GLN A 439 -7.13 -17.58 -7.47
CA GLN A 439 -7.06 -17.38 -6.03
C GLN A 439 -6.37 -16.07 -5.66
N ASN A 440 -5.62 -15.48 -6.58
CA ASN A 440 -4.92 -14.23 -6.35
C ASN A 440 -5.75 -13.01 -6.75
N TRP A 441 -6.98 -13.24 -7.24
CA TRP A 441 -7.88 -12.14 -7.56
C TRP A 441 -8.23 -11.33 -6.31
N GLU A 442 -8.48 -12.02 -5.19
CA GLU A 442 -8.62 -11.35 -3.91
C GLU A 442 -7.33 -10.66 -3.50
N ARG A 443 -6.18 -11.21 -3.91
CA ARG A 443 -4.91 -10.50 -3.75
C ARG A 443 -4.93 -9.19 -4.52
N TYR A 444 -5.51 -9.20 -5.72
CA TYR A 444 -5.76 -7.95 -6.45
C TYR A 444 -6.72 -7.05 -5.69
N LEU A 445 -7.65 -7.63 -4.92
CA LEU A 445 -8.50 -6.82 -4.07
C LEU A 445 -7.74 -6.28 -2.86
N ALA A 446 -6.59 -6.84 -2.52
CA ALA A 446 -5.80 -6.31 -1.42
C ALA A 446 -4.75 -5.31 -1.88
N GLU A 447 -3.81 -5.78 -2.72
CA GLU A 447 -2.60 -5.03 -3.00
C GLU A 447 -2.86 -3.80 -3.86
N ALA A 448 -4.00 -3.76 -4.56
CA ALA A 448 -4.40 -2.51 -5.18
C ALA A 448 -5.01 -1.57 -4.14
N GLN A 449 -5.99 -2.07 -3.38
CA GLN A 449 -6.88 -1.20 -2.59
C GLN A 449 -6.12 -0.51 -1.46
N GLY A 450 -5.32 -1.29 -0.71
CA GLY A 450 -4.46 -0.71 0.31
C GLY A 450 -3.45 0.27 -0.25
N THR A 451 -2.96 -0.01 -1.48
CA THR A 451 -2.08 0.94 -2.16
C THR A 451 -2.77 2.27 -2.38
N TYR A 452 -4.07 2.22 -2.71
CA TYR A 452 -4.87 3.43 -2.82
C TYR A 452 -4.90 4.18 -1.50
N GLU A 453 -5.05 3.43 -0.39
CA GLU A 453 -5.00 4.02 0.95
C GLU A 453 -3.66 4.71 1.18
N GLU A 454 -2.58 4.09 0.69
CA GLU A 454 -1.25 4.70 0.78
C GLU A 454 -1.19 6.00 0.00
N LEU A 455 -1.73 5.98 -1.22
CA LEU A 455 -1.77 7.21 -1.99
C LEU A 455 -2.86 8.14 -1.51
N GLN A 456 -3.73 7.68 -0.60
CA GLN A 456 -4.59 8.62 0.11
C GLN A 456 -3.87 9.31 1.26
N ARG A 457 -2.91 8.62 1.90
CA ARG A 457 -2.31 9.22 3.08
C ARG A 457 -1.05 10.02 2.75
N GLU A 458 -0.38 9.70 1.65
CA GLU A 458 0.75 10.51 1.21
C GLU A 458 0.30 11.87 0.71
N MET A 459 -0.70 11.89 -0.17
CA MET A 459 -1.11 13.11 -0.87
C MET A 459 -1.65 14.16 0.09
N LYS A 460 -2.48 13.73 1.05
CA LYS A 460 -2.97 14.61 2.09
C LYS A 460 -1.83 15.20 2.91
N LYS A 461 -0.80 14.39 3.18
CA LYS A 461 0.40 14.89 3.83
C LYS A 461 1.09 15.93 2.95
N SER A 462 1.14 15.67 1.63
CA SER A 462 1.64 16.66 0.70
C SER A 462 0.76 17.89 0.62
N LEU A 463 -0.52 17.77 0.99
CA LEU A 463 -1.33 18.98 1.14
C LEU A 463 -0.95 19.74 2.39
N MET A 464 -0.70 19.03 3.50
CA MET A 464 -0.58 19.69 4.80
C MET A 464 0.67 20.56 4.89
N ASP A 465 1.78 20.08 4.33
CA ASP A 465 2.99 20.90 4.24
C ASP A 465 2.75 22.15 3.42
N LEU A 466 1.93 22.04 2.36
CA LEU A 466 1.56 23.21 1.57
C LEU A 466 0.73 24.20 2.38
N ALA A 467 0.01 23.73 3.39
CA ALA A 467 -0.59 24.66 4.33
C ALA A 467 0.47 25.23 5.28
N ASN A 468 1.37 24.36 5.78
CA ASN A 468 2.31 24.77 6.80
C ASN A 468 3.32 25.78 6.28
N ASP A 469 3.84 25.54 5.06
CA ASP A 469 4.69 26.52 4.40
C ASP A 469 3.94 27.79 4.05
N ALA A 470 2.61 27.73 3.95
CA ALA A 470 1.82 28.93 3.77
C ALA A 470 1.73 29.75 5.06
N CYS A 471 1.94 29.13 6.22
CA CYS A 471 1.97 29.90 7.46
C CYS A 471 3.30 30.60 7.68
N GLN A 472 4.32 30.26 6.90
CA GLN A 472 5.58 30.98 6.97
C GLN A 472 5.51 32.35 6.31
N LEU A 473 4.39 32.69 5.67
CA LEU A 473 4.09 34.04 5.25
C LEU A 473 3.58 34.85 6.45
N LEU A 474 3.06 36.06 6.17
CA LEU A 474 2.40 37.00 7.10
C LEU A 474 3.38 37.67 8.06
N SER A 475 4.63 37.21 8.08
CA SER A 475 5.67 37.84 8.90
C SER A 475 6.08 39.14 8.25
N GLY A 476 5.45 40.24 8.68
CA GLY A 476 5.60 41.50 7.97
C GLY A 476 4.77 41.59 6.71
N GLU A 477 3.63 40.87 6.68
CA GLU A 477 2.69 40.81 5.56
C GLU A 477 3.37 40.32 4.28
N ARG A 478 3.84 39.07 4.35
CA ARG A 478 4.45 38.44 3.18
C ARG A 478 3.42 38.04 2.13
N TYR A 479 2.14 38.04 2.47
CA TYR A 479 1.07 37.88 1.49
C TYR A 479 0.77 39.24 0.86
N LYS A 480 -0.34 39.30 0.12
CA LYS A 480 -0.93 40.44 -0.61
C LYS A 480 -0.14 40.81 -1.86
N GLU A 481 1.03 40.21 -2.04
CA GLU A 481 1.73 40.22 -3.31
C GLU A 481 1.80 38.83 -3.94
N ASP A 482 1.52 37.79 -3.18
CA ASP A 482 1.44 36.43 -3.69
C ASP A 482 0.10 36.24 -4.37
N PRO A 483 0.05 35.86 -5.66
CA PRO A 483 -1.24 35.79 -6.37
C PRO A 483 -2.13 34.63 -5.97
N TRP A 484 -1.72 33.76 -5.05
CA TRP A 484 -2.55 32.63 -4.65
C TRP A 484 -3.20 32.79 -3.29
N LEU A 485 -2.52 33.37 -2.31
CA LEU A 485 -3.05 33.49 -0.96
C LEU A 485 -3.12 34.94 -0.51
N TRP A 486 -3.63 35.82 -1.37
CA TRP A 486 -3.74 37.23 -1.01
C TRP A 486 -5.13 37.62 -0.55
N ASP A 487 -6.16 36.94 -1.03
CA ASP A 487 -7.55 37.27 -0.71
C ASP A 487 -8.07 36.51 0.50
N LEU A 488 -7.21 35.76 1.19
CA LEU A 488 -7.61 34.97 2.33
C LEU A 488 -7.71 35.87 3.56
N GLU A 489 -7.99 35.25 4.72
CA GLU A 489 -8.36 36.04 5.91
C GLU A 489 -7.14 36.72 6.53
N TRP A 490 -6.21 35.93 7.06
CA TRP A 490 -4.96 36.38 7.71
C TRP A 490 -5.23 37.39 8.83
N ASP A 491 -6.08 37.00 9.77
CA ASP A 491 -6.47 37.89 10.85
C ASP A 491 -5.99 37.35 12.20
N LEU A 492 -5.75 38.27 13.13
CA LEU A 492 -5.19 37.97 14.44
C LEU A 492 -6.25 38.19 15.52
N GLN A 493 -6.15 37.42 16.60
CA GLN A 493 -7.04 37.59 17.75
C GLN A 493 -6.36 37.05 18.99
N GLU A 494 -6.63 37.72 20.13
CA GLU A 494 -6.19 37.30 21.47
C GLU A 494 -6.93 38.07 22.55
N PHE A 495 -7.50 37.37 23.54
CA PHE A 495 -8.13 38.00 24.68
C PHE A 495 -8.17 37.02 25.84
N LYS A 496 -8.15 37.57 27.05
CA LYS A 496 -8.35 36.76 28.27
C LYS A 496 -8.88 37.65 29.38
N GLN A 497 -9.85 37.13 30.13
CA GLN A 497 -10.41 37.76 31.32
C GLN A 497 -11.25 36.73 32.07
N LYS A 498 -11.23 36.79 33.40
CA LYS A 498 -12.00 35.87 34.22
C LYS A 498 -13.51 36.11 34.09
N SER A 534 23.45 14.37 50.04
CA SER A 534 23.46 15.38 48.99
C SER A 534 23.84 16.75 49.53
N GLU A 535 24.21 17.66 48.63
CA GLU A 535 24.45 19.04 49.04
C GLU A 535 23.15 19.75 49.39
N GLU A 536 22.15 19.64 48.53
CA GLU A 536 20.79 20.12 48.75
C GLU A 536 19.92 19.47 47.69
N GLU A 537 18.61 19.40 47.96
CA GLU A 537 17.71 18.87 46.94
C GLU A 537 17.46 19.90 45.85
N GLU A 538 16.96 21.09 46.23
CA GLU A 538 16.73 22.24 45.34
C GLU A 538 15.77 21.90 44.20
N PHE A 539 14.86 20.98 44.45
CA PHE A 539 13.92 20.48 43.46
C PHE A 539 12.48 20.73 43.81
N GLN A 540 12.15 20.75 45.10
CA GLN A 540 10.78 21.02 45.53
C GLN A 540 10.38 22.47 45.31
N GLN A 541 11.35 23.38 45.25
CA GLN A 541 11.05 24.79 44.99
C GLN A 541 10.52 25.00 43.58
N ASP A 542 11.09 24.28 42.60
CA ASP A 542 10.57 24.35 41.24
C ASP A 542 9.22 23.67 41.13
N VAL A 543 9.03 22.59 41.88
CA VAL A 543 7.76 21.87 41.90
C VAL A 543 6.66 22.74 42.52
N MET A 544 6.97 23.41 43.63
CA MET A 544 5.95 24.28 44.23
C MET A 544 5.74 25.54 43.41
N ALA A 545 6.76 26.00 42.68
CA ALA A 545 6.59 27.14 41.79
C ALA A 545 5.64 26.81 40.63
N ARG A 546 5.81 25.63 40.02
CA ARG A 546 4.91 25.26 38.95
C ARG A 546 3.52 24.87 39.47
N ALA A 547 3.44 24.29 40.66
CA ALA A 547 2.15 23.97 41.26
C ALA A 547 1.44 25.18 41.83
N CYS A 548 2.16 26.29 42.01
CA CYS A 548 1.52 27.58 42.22
C CYS A 548 1.09 28.20 40.90
N LEU A 549 1.88 27.97 39.84
CA LEU A 549 1.40 28.35 38.51
C LEU A 549 0.29 27.42 38.03
N GLN A 550 0.31 26.16 38.45
CA GLN A 550 -0.89 25.34 38.34
C GLN A 550 -1.92 25.87 39.35
N LYS A 551 -3.21 25.76 38.97
CA LYS A 551 -4.41 26.28 39.65
C LYS A 551 -4.48 27.82 39.59
N LEU A 552 -3.42 28.49 39.14
CA LEU A 552 -3.48 29.91 38.81
C LEU A 552 -4.23 30.16 37.51
N LYS A 553 -4.52 29.10 36.75
CA LYS A 553 -5.40 29.21 35.59
C LYS A 553 -6.83 29.53 35.99
N GLY A 554 -7.21 29.16 37.22
CA GLY A 554 -8.60 29.36 37.67
C GLY A 554 -9.00 30.82 37.71
N THR A 555 -8.10 31.68 38.16
CA THR A 555 -8.28 33.11 37.96
C THR A 555 -7.75 33.49 36.58
N THR A 556 -8.47 34.38 35.90
CA THR A 556 -8.22 34.80 34.52
C THR A 556 -8.23 33.60 33.58
N GLU A 557 -9.16 32.68 33.79
CA GLU A 557 -9.55 31.76 32.74
C GLU A 557 -10.53 32.48 31.84
N LEU A 558 -10.24 32.50 30.53
CA LEU A 558 -11.05 33.30 29.62
C LEU A 558 -12.42 32.67 29.41
N LEU A 559 -12.47 31.37 29.13
CA LEU A 559 -13.70 30.58 29.20
C LEU A 559 -13.32 29.20 29.71
N PRO A 560 -14.24 28.49 30.41
CA PRO A 560 -13.94 27.14 30.92
C PRO A 560 -13.63 26.13 29.83
N LYS A 561 -14.55 25.97 28.88
CA LYS A 561 -14.27 25.20 27.67
C LYS A 561 -13.71 26.15 26.62
N ARG A 562 -12.51 25.84 26.12
CA ARG A 562 -11.69 26.75 25.31
C ARG A 562 -12.32 27.13 23.98
N PRO A 563 -12.68 28.41 23.79
CA PRO A 563 -13.21 28.85 22.50
C PRO A 563 -12.11 29.28 21.54
N GLN A 564 -10.94 29.61 22.07
CA GLN A 564 -9.82 30.07 21.26
C GLN A 564 -9.15 28.91 20.57
N HIS A 565 -9.61 28.59 19.36
CA HIS A 565 -9.05 27.50 18.57
C HIS A 565 -7.93 28.08 17.73
N LEU A 566 -6.69 27.91 18.23
CA LEU A 566 -5.44 28.43 17.71
C LEU A 566 -5.51 29.92 17.41
N PRO A 567 -5.59 30.80 18.41
CA PRO A 567 -5.55 32.23 18.12
C PRO A 567 -4.12 32.66 17.78
N GLY A 568 -4.02 33.61 16.86
CA GLY A 568 -2.75 34.00 16.30
C GLY A 568 -2.45 33.35 14.96
N HIS A 569 -2.96 32.14 14.73
CA HIS A 569 -2.96 31.57 13.41
C HIS A 569 -3.92 32.35 12.51
N PRO A 570 -3.67 32.37 11.20
CA PRO A 570 -4.61 33.04 10.28
C PRO A 570 -5.96 32.32 10.23
N GLY A 571 -6.97 33.07 9.78
CA GLY A 571 -8.34 32.59 9.84
C GLY A 571 -8.62 31.40 8.93
N TRP A 572 -7.92 31.32 7.80
CA TRP A 572 -8.02 30.11 6.98
C TRP A 572 -7.36 28.93 7.66
N TYR A 573 -6.30 29.18 8.44
CA TYR A 573 -5.67 28.13 9.23
C TYR A 573 -6.33 27.92 10.57
N ARG A 574 -7.20 28.84 11.00
CA ARG A 574 -8.07 28.53 12.13
C ARG A 574 -9.18 27.58 11.70
N LYS A 575 -9.56 27.61 10.42
CA LYS A 575 -10.28 26.49 9.83
C LYS A 575 -9.28 25.39 9.48
N LEU A 576 -9.79 24.28 8.91
CA LEU A 576 -9.00 23.12 8.45
C LEU A 576 -8.05 22.58 9.52
N CYS A 577 -8.47 22.65 10.78
CA CYS A 577 -7.69 22.11 11.88
C CYS A 577 -8.68 21.45 12.84
N PRO A 578 -8.37 20.24 13.31
CA PRO A 578 -9.24 19.60 14.32
C PRO A 578 -9.23 20.38 15.62
N ARG A 579 -10.34 20.27 16.36
CA ARG A 579 -10.72 21.22 17.39
C ARG A 579 -9.74 21.27 18.56
N LEU A 580 -9.08 20.14 18.87
CA LEU A 580 -8.25 19.76 20.02
C LEU A 580 -9.10 19.48 21.27
N ASP A 581 -10.40 19.79 21.25
CA ASP A 581 -11.30 19.37 22.31
C ASP A 581 -11.94 18.03 22.01
N ASP A 582 -12.22 17.74 20.74
CA ASP A 582 -12.81 16.49 20.31
C ASP A 582 -11.80 15.36 20.36
N PRO A 583 -12.25 14.10 20.42
CA PRO A 583 -11.33 12.97 20.24
C PRO A 583 -10.83 12.81 18.81
N ALA A 584 -11.36 13.55 17.84
CA ALA A 584 -10.89 13.50 16.46
C ALA A 584 -9.66 14.37 16.22
N TRP A 585 -9.00 14.86 17.27
CA TRP A 585 -7.83 15.70 17.10
C TRP A 585 -6.65 14.90 16.55
N THR A 586 -5.98 15.48 15.56
CA THR A 586 -4.81 14.94 14.91
C THR A 586 -3.96 16.13 14.46
N PRO A 587 -2.62 16.02 14.57
CA PRO A 587 -1.79 17.23 14.45
C PRO A 587 -1.72 17.78 13.04
N GLY A 588 -1.44 19.08 12.98
CA GLY A 588 -1.27 19.75 11.73
C GLY A 588 -2.60 20.15 11.10
N PRO A 589 -2.55 20.59 9.86
CA PRO A 589 -3.77 21.01 9.16
C PRO A 589 -4.51 19.84 8.50
N SER A 590 -5.04 18.95 9.33
CA SER A 590 -5.79 17.83 8.83
C SER A 590 -7.21 18.25 8.47
N LEU A 591 -8.04 17.26 8.12
CA LEU A 591 -9.39 17.44 7.55
C LEU A 591 -9.40 18.44 6.40
N LEU A 592 -8.37 18.36 5.56
CA LEU A 592 -8.22 19.20 4.38
C LEU A 592 -8.15 18.29 3.17
N SER A 593 -8.96 18.59 2.15
CA SER A 593 -9.11 17.72 1.00
C SER A 593 -8.79 18.47 -0.28
N LEU A 594 -8.77 17.72 -1.38
CA LEU A 594 -8.50 18.31 -2.69
C LEU A 594 -9.65 19.20 -3.15
N GLN A 595 -10.88 18.83 -2.82
CA GLN A 595 -12.06 19.53 -3.33
C GLN A 595 -12.37 20.82 -2.59
N MET A 596 -11.68 21.11 -1.50
CA MET A 596 -11.85 22.38 -0.83
C MET A 596 -11.29 23.53 -1.67
N ARG A 597 -11.90 24.72 -1.52
CA ARG A 597 -11.54 25.85 -2.35
C ARG A 597 -10.17 26.43 -2.02
N VAL A 598 -9.66 26.18 -0.81
CA VAL A 598 -8.34 26.66 -0.46
C VAL A 598 -7.24 25.78 -1.01
N THR A 599 -7.56 24.54 -1.42
CA THR A 599 -6.56 23.65 -2.00
C THR A 599 -5.98 24.13 -3.34
N PRO A 600 -6.74 24.63 -4.34
CA PRO A 600 -6.08 25.21 -5.51
C PRO A 600 -5.34 26.51 -5.22
N LYS A 601 -5.53 27.12 -4.05
CA LYS A 601 -4.72 28.25 -3.63
C LYS A 601 -3.46 27.83 -2.90
N LEU A 602 -3.50 26.70 -2.19
CA LEU A 602 -2.32 26.25 -1.44
C LEU A 602 -1.23 25.77 -2.39
N MET A 603 -1.52 24.79 -3.22
CA MET A 603 -0.64 24.45 -4.32
C MET A 603 -0.85 25.47 -5.43
N ALA A 604 0.25 25.95 -6.00
CA ALA A 604 0.16 26.96 -7.06
C ALA A 604 -0.29 26.30 -8.35
N LEU A 605 -1.56 26.49 -8.72
CA LEU A 605 -2.08 25.91 -9.95
C LEU A 605 -1.49 26.55 -11.20
N THR A 606 -0.97 27.78 -11.08
CA THR A 606 -0.24 28.57 -12.10
C THR A 606 -0.87 28.53 -13.50
N TRP A 607 -2.19 28.45 -13.56
CA TRP A 607 -2.94 28.77 -14.78
C TRP A 607 -3.22 30.28 -14.79
N ASP A 608 -2.12 31.05 -14.84
CA ASP A 608 -2.10 32.51 -14.69
C ASP A 608 -2.78 32.97 -13.41
N GLY A 609 -2.60 32.21 -12.33
CA GLY A 609 -3.24 32.56 -11.08
C GLY A 609 -4.66 32.02 -10.94
N PHE A 610 -4.79 30.70 -10.93
CA PHE A 610 -6.10 30.04 -10.89
C PHE A 610 -6.59 29.91 -9.45
N PRO A 611 -7.65 30.64 -9.05
CA PRO A 611 -8.11 30.56 -7.65
C PRO A 611 -9.03 29.40 -7.30
N LEU A 612 -9.93 29.04 -8.23
CA LEU A 612 -11.09 28.16 -7.99
C LEU A 612 -11.87 28.58 -6.74
N HIS A 613 -12.47 29.76 -6.84
CA HIS A 613 -13.37 30.28 -5.81
C HIS A 613 -14.80 30.10 -6.30
N TYR A 614 -15.66 29.51 -5.45
CA TYR A 614 -16.90 28.90 -5.93
C TYR A 614 -17.96 29.92 -6.34
N SER A 615 -17.98 31.09 -5.72
CA SER A 615 -19.03 32.08 -6.03
C SER A 615 -18.77 32.70 -7.39
N GLU A 616 -19.83 32.76 -8.22
CA GLU A 616 -19.79 33.25 -9.61
C GLU A 616 -18.75 32.51 -10.43
N ARG A 617 -18.74 31.18 -10.30
CA ARG A 617 -17.78 30.36 -11.03
C ARG A 617 -18.46 29.43 -12.03
N HIS A 618 -19.42 28.61 -11.58
CA HIS A 618 -20.01 27.50 -12.36
C HIS A 618 -18.94 26.56 -12.91
N GLY A 619 -17.94 26.26 -12.08
CA GLY A 619 -16.96 25.23 -12.37
C GLY A 619 -15.67 25.71 -12.98
N TRP A 620 -15.63 26.94 -13.51
CA TRP A 620 -14.50 27.39 -14.31
C TRP A 620 -14.51 28.91 -14.37
N GLY A 621 -13.51 29.49 -15.04
CA GLY A 621 -13.42 30.93 -15.14
C GLY A 621 -12.76 31.39 -16.41
N TYR A 622 -12.72 32.72 -16.58
CA TYR A 622 -12.05 33.33 -17.73
C TYR A 622 -10.54 33.18 -17.57
N LEU A 623 -9.93 32.35 -18.42
CA LEU A 623 -8.56 31.90 -18.19
C LEU A 623 -7.74 31.75 -19.46
N VAL A 624 -8.23 32.18 -20.62
CA VAL A 624 -7.60 31.76 -21.87
C VAL A 624 -6.37 32.61 -22.19
N PRO A 625 -6.58 33.89 -22.54
CA PRO A 625 -5.54 34.78 -23.04
C PRO A 625 -6.04 36.21 -23.19
N GLY A 626 -5.19 37.07 -23.76
CA GLY A 626 -5.54 38.36 -24.35
C GLY A 626 -6.09 39.38 -23.34
N ARG A 627 -6.62 40.47 -23.85
CA ARG A 627 -7.18 41.53 -23.01
C ARG A 627 -8.69 41.36 -22.87
N ASN A 740 -7.78 44.90 -19.19
CA ASN A 740 -8.31 43.68 -18.60
C ASN A 740 -7.69 43.40 -17.24
N ASP A 741 -8.48 43.64 -16.19
CA ASP A 741 -8.16 43.32 -14.79
C ASP A 741 -6.90 44.08 -14.39
N VAL A 742 -5.81 43.42 -14.00
CA VAL A 742 -4.61 44.11 -13.54
C VAL A 742 -3.61 44.33 -14.69
N ASP A 743 -4.03 44.09 -15.94
CA ASP A 743 -3.31 44.20 -17.22
C ASP A 743 -2.24 43.12 -17.38
N ILE A 744 -2.10 42.23 -16.40
CA ILE A 744 -1.42 40.93 -16.44
C ILE A 744 -2.58 40.01 -16.83
N PRO A 745 -2.38 38.76 -17.31
CA PRO A 745 -3.54 37.88 -17.57
C PRO A 745 -4.52 37.67 -16.40
N GLY A 746 -4.03 37.69 -15.15
CA GLY A 746 -4.79 38.08 -13.97
C GLY A 746 -6.24 37.63 -13.79
N CYS A 747 -6.45 36.34 -13.54
CA CYS A 747 -7.79 35.78 -13.51
C CYS A 747 -8.61 36.32 -12.33
N TRP A 748 -7.95 36.69 -11.23
CA TRP A 748 -8.65 36.98 -9.99
C TRP A 748 -8.34 38.38 -9.46
N PHE A 749 -8.39 39.42 -10.30
CA PHE A 749 -8.25 40.78 -9.78
C PHE A 749 -9.61 41.34 -9.37
N PHE A 750 -10.48 41.61 -10.35
CA PHE A 750 -11.81 42.21 -10.22
C PHE A 750 -12.78 41.32 -11.02
N LYS A 751 -13.42 40.39 -10.32
CA LYS A 751 -14.29 39.42 -11.00
C LYS A 751 -15.61 40.05 -11.41
N LEU A 752 -16.06 41.08 -10.69
CA LEU A 752 -17.45 41.51 -10.68
C LEU A 752 -17.94 42.19 -11.97
N PRO A 753 -17.27 43.19 -12.56
CA PRO A 753 -17.87 43.83 -13.75
C PRO A 753 -17.87 42.96 -15.01
N HIS A 754 -16.74 42.37 -15.39
CA HIS A 754 -16.65 41.69 -16.67
C HIS A 754 -15.95 40.35 -16.52
N LYS A 755 -16.51 39.32 -17.14
CA LYS A 755 -15.82 38.05 -17.35
C LYS A 755 -15.23 38.02 -18.76
N ASP A 756 -14.36 39.00 -19.01
CA ASP A 756 -13.78 39.19 -20.34
C ASP A 756 -12.77 38.09 -20.65
N GLY A 757 -12.74 37.66 -21.91
CA GLY A 757 -11.93 36.53 -22.31
C GLY A 757 -12.41 35.25 -21.66
N ASN A 758 -13.72 35.03 -21.72
CA ASN A 758 -14.35 33.94 -20.98
C ASN A 758 -14.03 32.59 -21.60
N SER A 759 -13.64 31.64 -20.74
CA SER A 759 -13.48 30.25 -21.11
C SER A 759 -14.45 29.35 -20.35
N CYS A 760 -15.31 29.91 -19.50
CA CYS A 760 -16.24 29.15 -18.69
C CYS A 760 -17.65 29.16 -19.24
N ASN A 761 -17.82 29.15 -20.57
CA ASN A 761 -19.14 29.03 -21.17
C ASN A 761 -19.76 27.70 -20.81
N VAL A 762 -20.95 27.77 -20.19
CA VAL A 762 -21.55 26.60 -19.54
C VAL A 762 -22.02 25.59 -20.59
N GLY A 763 -21.71 24.33 -20.35
CA GLY A 763 -21.87 23.27 -21.32
C GLY A 763 -20.70 22.32 -21.37
N SER A 764 -19.67 22.55 -20.56
CA SER A 764 -18.58 21.59 -20.42
C SER A 764 -19.07 20.36 -19.67
N PRO A 765 -18.38 19.22 -19.80
CA PRO A 765 -18.67 18.08 -18.91
C PRO A 765 -18.53 18.40 -17.43
N PHE A 766 -17.52 19.20 -17.07
CA PHE A 766 -17.24 19.71 -15.72
C PHE A 766 -17.03 18.62 -14.69
N ALA A 767 -16.77 17.38 -15.11
CA ALA A 767 -16.77 16.21 -14.25
C ALA A 767 -15.55 15.38 -14.61
N LYS A 768 -14.43 15.66 -13.95
CA LYS A 768 -13.09 15.13 -14.24
C LYS A 768 -12.67 15.38 -15.68
N ASP A 769 -13.11 16.50 -16.27
CA ASP A 769 -12.59 16.96 -17.53
C ASP A 769 -11.17 17.51 -17.39
N PHE A 770 -10.74 17.77 -16.16
CA PHE A 770 -9.38 18.22 -15.89
C PHE A 770 -8.42 17.07 -15.61
N LEU A 771 -8.89 15.82 -15.62
CA LEU A 771 -7.98 14.69 -15.68
C LEU A 771 -7.21 14.67 -17.02
N PRO A 772 -7.84 14.91 -18.19
CA PRO A 772 -7.02 15.34 -19.34
C PRO A 772 -6.72 16.83 -19.22
N LYS A 773 -5.82 17.29 -20.10
CA LYS A 773 -5.17 18.62 -20.08
C LYS A 773 -4.32 18.86 -18.84
N MET A 774 -4.00 17.81 -18.07
CA MET A 774 -2.88 17.87 -17.16
C MET A 774 -1.57 17.94 -17.93
N GLU A 775 -1.43 17.10 -18.95
CA GLU A 775 -0.28 17.11 -19.85
C GLU A 775 -0.50 18.22 -20.87
N ASP A 776 0.35 19.26 -20.79
CA ASP A 776 0.24 20.54 -21.49
C ASP A 776 -1.07 21.24 -21.14
N GLY A 777 -1.49 22.21 -21.96
CA GLY A 777 -2.71 22.96 -21.69
C GLY A 777 -2.69 23.74 -20.39
N THR A 778 -1.52 24.29 -20.03
CA THR A 778 -1.18 24.88 -18.71
C THR A 778 -1.49 23.83 -17.66
N LEU A 779 -2.17 24.18 -16.55
CA LEU A 779 -2.57 23.28 -15.46
C LEU A 779 -1.36 22.53 -14.86
N GLN A 780 -0.37 23.31 -14.41
CA GLN A 780 0.77 22.74 -13.71
C GLN A 780 0.50 22.79 -12.21
N ALA A 781 1.51 22.48 -11.40
CA ALA A 781 1.33 22.41 -9.96
C ALA A 781 2.42 23.18 -9.21
N GLY A 782 2.88 24.29 -9.77
CA GLY A 782 3.79 25.17 -9.09
C GLY A 782 5.25 24.74 -9.20
N PRO A 783 6.16 25.69 -8.99
CA PRO A 783 7.60 25.38 -9.02
C PRO A 783 8.20 24.92 -7.69
N GLY A 784 7.38 24.54 -6.71
CA GLY A 784 7.93 24.12 -5.43
C GLY A 784 8.69 22.81 -5.51
N GLY A 785 8.18 21.85 -6.28
CA GLY A 785 8.89 20.61 -6.51
C GLY A 785 8.59 19.48 -5.54
N ALA A 786 8.82 19.72 -4.25
CA ALA A 786 8.78 18.63 -3.28
C ALA A 786 7.36 18.18 -2.98
N SER A 787 6.45 19.12 -2.76
CA SER A 787 5.10 18.79 -2.32
C SER A 787 4.01 19.24 -3.28
N GLY A 788 4.25 20.31 -4.03
CA GLY A 788 3.30 20.82 -4.98
C GLY A 788 3.07 19.87 -6.15
N PRO A 789 4.09 19.68 -6.99
CA PRO A 789 3.96 18.71 -8.09
C PRO A 789 3.89 17.25 -7.67
N ARG A 790 4.21 16.91 -6.41
CA ARG A 790 3.99 15.55 -5.95
C ARG A 790 2.51 15.23 -5.85
N ALA A 791 1.72 16.17 -5.31
CA ALA A 791 0.28 16.13 -5.49
C ALA A 791 -0.06 16.63 -6.89
N LEU A 792 -1.35 16.45 -7.26
CA LEU A 792 -1.94 16.72 -8.58
C LEU A 792 -1.45 15.73 -9.65
N GLU A 793 -0.52 14.85 -9.28
CA GLU A 793 -0.20 13.63 -10.03
C GLU A 793 -0.72 12.40 -9.32
N ILE A 794 -0.89 12.48 -8.00
CA ILE A 794 -1.41 11.36 -7.21
C ILE A 794 -2.90 11.14 -7.50
N ASN A 795 -3.67 12.22 -7.66
CA ASN A 795 -5.08 12.07 -8.02
C ASN A 795 -5.24 11.50 -9.42
N LYS A 796 -4.29 11.77 -10.32
CA LYS A 796 -4.25 11.07 -11.60
C LYS A 796 -4.00 9.57 -11.42
N MET A 797 -3.25 9.21 -10.38
CA MET A 797 -3.00 7.79 -10.11
C MET A 797 -4.22 7.11 -9.52
N ILE A 798 -5.00 7.81 -8.70
CA ILE A 798 -6.08 7.18 -7.94
C ILE A 798 -7.46 7.55 -8.48
N SER A 799 -7.53 8.23 -9.63
CA SER A 799 -8.84 8.57 -10.21
C SER A 799 -9.62 7.34 -10.64
N PHE A 800 -8.95 6.28 -11.07
CA PHE A 800 -9.67 5.08 -11.46
C PHE A 800 -10.22 4.32 -10.25
N TRP A 801 -9.39 4.14 -9.22
CA TRP A 801 -9.80 3.37 -8.06
C TRP A 801 -10.70 4.15 -7.12
N ARG A 802 -10.70 5.48 -7.21
CA ARG A 802 -11.55 6.30 -6.34
C ARG A 802 -13.02 6.14 -6.70
N ASN A 803 -13.33 5.91 -7.97
CA ASN A 803 -14.71 5.82 -8.43
C ASN A 803 -15.18 4.39 -8.58
N ALA A 804 -14.28 3.42 -8.46
CA ALA A 804 -14.61 2.06 -8.80
C ALA A 804 -14.21 1.04 -7.75
N HIS A 805 -13.74 1.46 -6.57
CA HIS A 805 -13.41 0.50 -5.51
C HIS A 805 -14.65 -0.21 -4.99
N LYS A 806 -15.83 0.42 -5.11
CA LYS A 806 -17.08 -0.24 -4.74
C LYS A 806 -17.49 -1.28 -5.77
N ARG A 807 -17.20 -1.04 -7.05
CA ARG A 807 -17.64 -1.94 -8.11
C ARG A 807 -16.73 -3.15 -8.28
N ILE A 808 -15.41 -2.95 -8.21
CA ILE A 808 -14.48 -4.07 -8.28
C ILE A 808 -14.63 -4.97 -7.05
N SER A 809 -14.78 -4.38 -5.88
CA SER A 809 -15.16 -5.18 -4.72
C SER A 809 -16.63 -5.55 -4.79
N SER A 810 -17.03 -6.45 -3.88
CA SER A 810 -18.39 -7.02 -3.79
C SER A 810 -18.80 -7.75 -5.06
N GLN A 811 -17.82 -8.23 -5.84
CA GLN A 811 -18.07 -9.16 -6.93
C GLN A 811 -17.97 -10.55 -6.32
N MET A 812 -19.13 -11.18 -6.09
CA MET A 812 -19.17 -12.40 -5.29
C MET A 812 -18.58 -13.58 -6.05
N VAL A 813 -17.78 -14.37 -5.35
CA VAL A 813 -17.00 -15.46 -5.93
C VAL A 813 -17.33 -16.74 -5.17
N VAL A 814 -17.50 -17.84 -5.91
CA VAL A 814 -17.71 -19.14 -5.32
C VAL A 814 -16.50 -19.99 -5.67
N TRP A 815 -15.59 -20.17 -4.71
CA TRP A 815 -14.45 -21.05 -4.91
C TRP A 815 -14.93 -22.51 -4.87
N LEU A 816 -14.81 -23.19 -6.00
CA LEU A 816 -15.38 -24.52 -6.11
C LEU A 816 -14.49 -25.54 -5.40
N PRO A 817 -15.08 -26.59 -4.81
CA PRO A 817 -14.25 -27.60 -4.13
C PRO A 817 -13.49 -28.50 -5.09
N ARG A 818 -12.78 -29.49 -4.52
CA ARG A 818 -11.99 -30.42 -5.32
C ARG A 818 -12.88 -31.33 -6.15
N SER A 819 -14.08 -31.66 -5.64
CA SER A 819 -14.99 -32.51 -6.39
C SER A 819 -15.59 -31.78 -7.59
N ALA A 820 -15.77 -30.47 -7.50
CA ALA A 820 -16.32 -29.71 -8.60
C ALA A 820 -15.30 -29.48 -9.72
N LEU A 821 -14.01 -29.63 -9.44
CA LEU A 821 -13.01 -29.55 -10.48
C LEU A 821 -13.07 -30.80 -11.35
N PRO A 822 -13.18 -30.67 -12.66
CA PRO A 822 -13.28 -31.84 -13.54
C PRO A 822 -11.92 -32.51 -13.72
N ARG A 823 -11.91 -33.56 -14.55
CA ARG A 823 -10.72 -34.37 -14.78
C ARG A 823 -9.63 -33.59 -15.52
N ALA A 824 -10.00 -32.57 -16.31
CA ALA A 824 -9.00 -31.76 -17.00
C ALA A 824 -8.19 -30.92 -16.02
N VAL A 825 -8.83 -30.42 -14.96
CA VAL A 825 -8.13 -29.60 -13.98
C VAL A 825 -7.24 -30.48 -13.10
N ILE A 826 -7.76 -31.61 -12.63
CA ILE A 826 -7.01 -32.49 -11.74
C ILE A 826 -5.91 -33.21 -12.53
N ARG A 827 -4.74 -33.35 -11.91
CA ARG A 827 -3.57 -34.07 -12.43
C ARG A 827 -3.06 -33.44 -13.73
N HIS A 828 -2.67 -32.17 -13.61
CA HIS A 828 -2.03 -31.36 -14.63
C HIS A 828 -0.58 -31.10 -14.25
N PRO A 829 0.31 -30.89 -15.24
CA PRO A 829 1.68 -30.45 -14.89
C PRO A 829 1.74 -29.14 -14.14
N ASP A 830 0.84 -28.20 -14.43
CA ASP A 830 0.71 -26.96 -13.67
C ASP A 830 -0.66 -26.97 -12.99
N TYR A 831 -0.67 -27.25 -11.69
CA TYR A 831 -1.91 -27.33 -10.93
C TYR A 831 -1.60 -27.08 -9.46
N ASP A 832 -2.52 -26.38 -8.79
CA ASP A 832 -2.42 -26.17 -7.34
C ASP A 832 -3.80 -26.35 -6.71
N GLU A 833 -3.89 -27.28 -5.75
CA GLU A 833 -5.13 -27.44 -5.01
C GLU A 833 -5.35 -26.33 -4.00
N GLU A 834 -4.29 -25.65 -3.58
CA GLU A 834 -4.44 -24.48 -2.72
C GLU A 834 -4.94 -23.27 -3.50
N GLY A 835 -4.65 -23.22 -4.79
CA GLY A 835 -5.16 -22.16 -5.64
C GLY A 835 -6.54 -22.46 -6.18
N LEU A 836 -7.53 -21.69 -5.74
CA LEU A 836 -8.91 -21.92 -6.14
C LEU A 836 -9.25 -21.04 -7.34
N TYR A 837 -9.87 -21.64 -8.35
CA TYR A 837 -10.17 -20.95 -9.60
C TYR A 837 -11.68 -20.80 -9.81
N GLY A 838 -12.42 -20.50 -8.74
CA GLY A 838 -13.85 -20.29 -8.88
C GLY A 838 -14.13 -18.97 -9.59
N ALA A 839 -15.20 -18.96 -10.38
CA ALA A 839 -15.47 -17.84 -11.26
C ALA A 839 -16.31 -16.79 -10.56
N ILE A 840 -16.44 -15.64 -11.21
CA ILE A 840 -17.44 -14.63 -10.87
C ILE A 840 -18.36 -14.48 -12.07
N LEU A 841 -19.65 -14.55 -11.83
CA LEU A 841 -20.58 -14.35 -12.92
C LEU A 841 -20.89 -12.86 -13.07
N PRO A 842 -20.75 -12.30 -14.26
CA PRO A 842 -20.93 -10.85 -14.41
C PRO A 842 -22.39 -10.44 -14.29
N GLN A 843 -22.63 -9.37 -13.54
CA GLN A 843 -23.96 -8.80 -13.37
C GLN A 843 -24.21 -7.83 -14.53
N VAL A 844 -24.36 -8.40 -15.72
CA VAL A 844 -24.44 -7.65 -16.96
C VAL A 844 -25.80 -7.90 -17.60
N VAL A 845 -26.49 -6.84 -17.98
CA VAL A 845 -27.71 -6.96 -18.76
C VAL A 845 -27.33 -7.11 -20.22
N THR A 846 -28.02 -8.01 -20.92
CA THR A 846 -27.67 -8.25 -22.32
C THR A 846 -28.22 -7.18 -23.24
N ALA A 847 -29.15 -6.36 -22.77
CA ALA A 847 -29.60 -5.17 -23.50
C ALA A 847 -29.72 -4.03 -22.50
N GLY A 848 -28.84 -3.04 -22.61
CA GLY A 848 -28.80 -1.96 -21.64
C GLY A 848 -29.17 -0.61 -22.19
N THR A 849 -29.51 -0.56 -23.48
CA THR A 849 -29.88 0.68 -24.14
C THR A 849 -30.87 0.34 -25.26
N ILE A 850 -31.04 1.27 -26.21
CA ILE A 850 -31.90 1.02 -27.35
C ILE A 850 -31.34 -0.11 -28.21
N THR A 851 -30.03 -0.21 -28.31
CA THR A 851 -29.42 -1.37 -28.92
C THR A 851 -29.28 -2.48 -27.90
N ARG A 852 -29.16 -3.70 -28.40
CA ARG A 852 -29.11 -4.87 -27.53
C ARG A 852 -27.68 -5.25 -27.20
N ARG A 853 -26.90 -4.25 -26.78
CA ARG A 853 -25.51 -4.46 -26.41
C ARG A 853 -25.41 -4.69 -24.92
N ALA A 854 -24.47 -5.54 -24.53
CA ALA A 854 -24.31 -5.85 -23.12
C ALA A 854 -23.68 -4.67 -22.40
N VAL A 855 -24.25 -4.28 -21.27
CA VAL A 855 -23.84 -3.11 -20.52
C VAL A 855 -23.53 -3.54 -19.10
N GLU A 856 -22.30 -3.26 -18.65
CA GLU A 856 -21.89 -3.53 -17.29
C GLU A 856 -20.89 -2.45 -16.88
N PRO A 857 -21.13 -1.74 -15.77
CA PRO A 857 -20.19 -0.68 -15.37
C PRO A 857 -18.87 -1.21 -14.85
N THR A 858 -18.83 -2.45 -14.35
CA THR A 858 -17.61 -2.98 -13.79
C THR A 858 -16.71 -3.59 -14.86
N TRP A 859 -17.20 -4.61 -15.55
CA TRP A 859 -16.35 -5.41 -16.43
C TRP A 859 -16.32 -4.91 -17.86
N LEU A 860 -17.40 -4.31 -18.35
CA LEU A 860 -17.50 -3.96 -19.76
C LEU A 860 -17.21 -2.48 -19.93
N THR A 861 -15.92 -2.14 -19.83
CA THR A 861 -15.44 -0.79 -19.98
C THR A 861 -14.20 -0.80 -20.87
N ALA A 862 -13.67 0.39 -21.12
CA ALA A 862 -12.45 0.54 -21.92
C ALA A 862 -11.26 0.71 -20.97
N SER A 863 -10.78 -0.42 -20.46
CA SER A 863 -9.61 -0.45 -19.58
C SER A 863 -8.52 -1.25 -20.27
N ASN A 864 -7.31 -0.67 -20.34
CA ASN A 864 -6.22 -1.27 -21.11
C ASN A 864 -4.92 -1.21 -20.34
N ALA A 865 -4.98 -1.46 -19.02
CA ALA A 865 -3.81 -1.58 -18.12
C ALA A 865 -2.91 -0.34 -18.17
N ARG A 866 -3.54 0.82 -18.06
CA ARG A 866 -2.83 2.08 -18.24
C ARG A 866 -1.87 2.32 -17.08
N PRO A 867 -0.64 2.76 -17.37
CA PRO A 867 0.29 3.12 -16.29
C PRO A 867 -0.17 4.38 -15.58
N ASP A 868 0.48 4.64 -14.44
CA ASP A 868 0.07 5.58 -13.37
C ASP A 868 -1.43 5.56 -13.11
N ARG A 869 -1.95 4.34 -12.95
CA ARG A 869 -3.32 4.09 -12.51
C ARG A 869 -3.28 2.93 -11.53
N VAL A 870 -4.01 3.06 -10.42
CA VAL A 870 -3.85 2.13 -9.30
C VAL A 870 -4.42 0.76 -9.63
N GLY A 871 -5.64 0.71 -10.15
CA GLY A 871 -6.29 -0.57 -10.36
C GLY A 871 -6.68 -0.88 -11.78
N SER A 872 -5.87 -0.43 -12.75
CA SER A 872 -6.21 -0.62 -14.15
C SER A 872 -5.92 -2.02 -14.67
N GLU A 873 -5.47 -2.95 -13.81
CA GLU A 873 -5.28 -4.34 -14.18
C GLU A 873 -6.53 -5.19 -13.94
N LEU A 874 -7.71 -4.55 -13.94
CA LEU A 874 -8.98 -5.26 -13.79
C LEU A 874 -9.23 -6.23 -14.92
N LYS A 875 -8.94 -5.82 -16.16
CA LYS A 875 -9.08 -6.73 -17.30
C LYS A 875 -8.10 -7.88 -17.23
N ALA A 876 -6.94 -7.65 -16.60
CA ALA A 876 -5.94 -8.69 -16.39
C ALA A 876 -6.41 -9.64 -15.29
N MET A 877 -5.53 -10.57 -14.91
CA MET A 877 -5.82 -11.79 -14.15
C MET A 877 -6.90 -12.54 -14.94
N VAL A 878 -7.99 -12.99 -14.31
CA VAL A 878 -9.02 -13.87 -14.87
C VAL A 878 -8.32 -15.07 -15.49
N GLN A 879 -7.54 -15.79 -14.67
CA GLN A 879 -6.73 -16.89 -15.18
C GLN A 879 -7.59 -18.09 -15.55
N ALA A 880 -7.23 -18.75 -16.63
CA ALA A 880 -7.93 -19.95 -17.05
C ALA A 880 -7.68 -21.09 -16.06
N PRO A 881 -8.63 -22.02 -15.93
CA PRO A 881 -8.38 -23.21 -15.13
C PRO A 881 -7.31 -24.08 -15.78
N PRO A 882 -6.59 -24.89 -15.00
CA PRO A 882 -5.51 -25.72 -15.57
C PRO A 882 -6.03 -26.75 -16.55
N GLY A 883 -5.32 -26.89 -17.66
CA GLY A 883 -5.76 -27.69 -18.78
C GLY A 883 -6.69 -26.97 -19.74
N TYR A 884 -7.08 -25.73 -19.45
CA TYR A 884 -7.97 -24.93 -20.28
C TYR A 884 -7.29 -23.63 -20.65
N THR A 885 -7.76 -23.02 -21.74
CA THR A 885 -7.17 -21.82 -22.32
C THR A 885 -8.27 -20.87 -22.74
N LEU A 886 -8.12 -19.60 -22.37
CA LEU A 886 -8.96 -18.55 -22.93
C LEU A 886 -8.46 -18.19 -24.33
N VAL A 887 -9.32 -18.35 -25.33
CA VAL A 887 -9.00 -18.03 -26.71
C VAL A 887 -9.94 -16.91 -27.15
N GLY A 888 -9.37 -15.76 -27.49
CA GLY A 888 -10.19 -14.61 -27.84
C GLY A 888 -9.51 -13.74 -28.87
N ALA A 889 -10.32 -12.92 -29.53
CA ALA A 889 -9.81 -12.07 -30.59
C ALA A 889 -10.55 -10.74 -30.60
N ASP A 890 -9.80 -9.65 -30.58
CA ASP A 890 -10.36 -8.35 -30.90
C ASP A 890 -10.66 -8.26 -32.38
N VAL A 891 -11.85 -7.75 -32.70
CA VAL A 891 -12.21 -7.49 -34.09
C VAL A 891 -11.35 -6.33 -34.59
N ASP A 892 -10.73 -6.53 -35.77
CA ASP A 892 -9.70 -5.62 -36.26
C ASP A 892 -10.26 -4.23 -36.55
N SER A 893 -11.47 -4.15 -37.11
CA SER A 893 -12.09 -2.87 -37.39
C SER A 893 -13.61 -3.10 -37.38
N GLN A 894 -14.26 -2.77 -36.27
CA GLN A 894 -15.64 -3.20 -36.06
C GLN A 894 -16.66 -2.27 -36.74
N GLU A 895 -16.76 -1.03 -36.26
CA GLU A 895 -17.81 -0.14 -36.78
C GLU A 895 -17.41 0.47 -38.11
N LEU A 896 -16.11 0.61 -38.35
CA LEU A 896 -15.61 1.17 -39.60
C LEU A 896 -15.96 0.27 -40.77
N TRP A 897 -15.75 -1.05 -40.62
CA TRP A 897 -16.06 -1.98 -41.69
C TRP A 897 -17.56 -2.11 -41.90
N ILE A 898 -18.34 -2.07 -40.81
CA ILE A 898 -19.80 -2.17 -40.90
C ILE A 898 -20.37 -0.97 -41.64
N ALA A 899 -19.88 0.23 -41.32
CA ALA A 899 -20.33 1.41 -42.06
C ALA A 899 -19.77 1.46 -43.48
N ALA A 900 -18.63 0.79 -43.71
CA ALA A 900 -18.07 0.75 -45.07
C ALA A 900 -18.88 -0.16 -45.98
N VAL A 901 -19.22 -1.36 -45.51
CA VAL A 901 -20.06 -2.25 -46.33
C VAL A 901 -21.52 -1.86 -46.25
N LEU A 902 -21.90 -0.99 -45.32
CA LEU A 902 -23.21 -0.36 -45.38
C LEU A 902 -23.32 0.54 -46.60
N GLY A 903 -22.22 1.19 -46.99
CA GLY A 903 -22.22 2.02 -48.18
C GLY A 903 -22.20 1.23 -49.48
N ASP A 904 -21.99 -0.07 -49.41
CA ASP A 904 -21.93 -0.92 -50.60
C ASP A 904 -23.30 -1.01 -51.29
N ALA A 905 -23.26 -1.03 -52.62
CA ALA A 905 -24.39 -1.35 -53.51
C ALA A 905 -25.57 -0.40 -53.39
N HIS A 906 -25.33 0.83 -52.91
CA HIS A 906 -26.30 1.90 -53.06
C HIS A 906 -25.71 3.14 -53.69
N PHE A 907 -24.40 3.35 -53.61
CA PHE A 907 -23.63 4.17 -54.52
C PHE A 907 -22.66 3.25 -55.27
N ALA A 908 -23.23 2.14 -55.77
CA ALA A 908 -22.67 1.05 -56.57
C ALA A 908 -21.92 0.07 -55.68
N GLY A 909 -21.72 -1.16 -56.18
CA GLY A 909 -21.22 -2.26 -55.37
C GLY A 909 -19.72 -2.37 -55.37
N MET A 910 -19.25 -3.62 -55.21
CA MET A 910 -17.84 -4.03 -55.28
C MET A 910 -16.99 -3.39 -54.19
N HIS A 911 -17.63 -2.91 -53.11
CA HIS A 911 -17.00 -2.28 -51.93
C HIS A 911 -16.14 -1.08 -52.28
N GLY A 912 -16.40 -0.42 -53.39
CA GLY A 912 -15.64 0.75 -53.79
C GLY A 912 -16.56 1.92 -54.05
N CYS A 913 -17.62 2.01 -53.25
CA CYS A 913 -18.63 3.05 -53.42
C CYS A 913 -18.06 4.44 -53.12
N THR A 914 -17.48 4.61 -51.95
CA THR A 914 -17.00 5.92 -51.52
C THR A 914 -15.53 5.79 -51.15
N ALA A 915 -14.91 6.92 -50.82
CA ALA A 915 -13.56 6.89 -50.27
C ALA A 915 -13.55 6.23 -48.90
N PHE A 916 -14.66 6.31 -48.17
CA PHE A 916 -14.82 5.55 -46.93
C PHE A 916 -14.77 4.06 -47.21
N GLY A 917 -15.48 3.60 -48.26
CA GLY A 917 -15.52 2.18 -48.56
C GLY A 917 -14.21 1.63 -49.10
N TRP A 918 -13.39 2.50 -49.69
CA TRP A 918 -12.09 2.05 -50.21
C TRP A 918 -11.09 1.81 -49.09
N MET A 919 -11.04 2.71 -48.11
CA MET A 919 -10.04 2.60 -47.06
C MET A 919 -10.54 1.71 -45.93
N THR A 920 -9.67 1.56 -44.92
CA THR A 920 -9.82 0.84 -43.64
C THR A 920 -9.76 -0.68 -43.84
N LEU A 921 -9.68 -1.15 -45.08
CA LEU A 921 -9.39 -2.55 -45.36
C LEU A 921 -8.13 -2.72 -46.19
N GLN A 922 -7.88 -1.84 -47.16
CA GLN A 922 -6.61 -1.86 -47.87
C GLN A 922 -5.58 -0.98 -47.18
N GLY A 923 -6.01 0.12 -46.58
CA GLY A 923 -5.11 0.95 -45.80
C GLY A 923 -4.74 0.31 -44.48
N ARG A 924 -3.70 0.87 -43.87
CA ARG A 924 -3.15 0.33 -42.64
C ARG A 924 -2.95 1.46 -41.63
N LYS A 925 -2.78 1.07 -40.36
CA LYS A 925 -2.46 2.05 -39.33
C LYS A 925 -1.04 2.57 -39.46
N SER A 926 -0.10 1.72 -39.88
CA SER A 926 1.30 2.14 -39.95
C SER A 926 1.55 3.03 -41.18
N ARG A 927 0.90 2.74 -42.30
CA ARG A 927 1.10 3.51 -43.52
C ARG A 927 -0.23 3.67 -44.25
N GLY A 928 -0.34 4.76 -44.99
CA GLY A 928 -1.54 5.04 -45.76
C GLY A 928 -2.61 5.74 -44.96
N THR A 929 -3.76 5.94 -45.60
CA THR A 929 -4.91 6.60 -44.99
C THR A 929 -5.99 5.55 -44.74
N ASP A 930 -6.13 5.13 -43.49
CA ASP A 930 -7.19 4.23 -43.05
C ASP A 930 -8.22 4.96 -42.20
N LEU A 931 -8.43 6.26 -42.50
CA LEU A 931 -9.20 7.23 -41.74
C LEU A 931 -8.58 7.35 -40.34
N HIS A 932 -9.35 7.80 -39.34
CA HIS A 932 -8.95 7.96 -37.94
C HIS A 932 -7.70 8.82 -37.77
N SER A 933 -6.67 8.28 -37.13
CA SER A 933 -5.51 9.08 -36.76
C SER A 933 -4.66 9.46 -37.97
N LYS A 934 -4.58 8.58 -38.98
CA LYS A 934 -3.60 8.76 -40.05
C LYS A 934 -3.96 9.92 -40.97
N THR A 935 -5.24 10.15 -41.24
CA THR A 935 -5.63 11.26 -42.09
C THR A 935 -6.04 12.50 -41.32
N ALA A 936 -6.42 12.36 -40.04
CA ALA A 936 -6.74 13.53 -39.22
C ALA A 936 -5.54 14.03 -38.44
N THR A 937 -4.38 13.38 -38.56
CA THR A 937 -3.14 14.05 -38.18
C THR A 937 -2.64 14.98 -39.28
N THR A 938 -3.22 14.89 -40.48
CA THR A 938 -2.97 15.81 -41.57
C THR A 938 -4.06 16.86 -41.69
N VAL A 939 -5.33 16.45 -41.57
CA VAL A 939 -6.43 17.41 -41.58
C VAL A 939 -6.43 18.24 -40.30
N GLY A 940 -6.28 17.59 -39.15
CA GLY A 940 -6.34 18.26 -37.87
C GLY A 940 -5.08 18.04 -37.05
N ILE A 941 -5.13 18.54 -35.80
CA ILE A 941 -4.01 18.41 -34.88
C ILE A 941 -4.19 17.27 -33.89
N SER A 942 -5.35 16.63 -33.86
CA SER A 942 -5.62 15.56 -32.91
C SER A 942 -4.86 14.30 -33.30
N ARG A 943 -4.34 13.59 -32.29
CA ARG A 943 -3.63 12.34 -32.51
C ARG A 943 -4.39 11.16 -31.94
N GLU A 944 -4.75 11.18 -30.66
CA GLU A 944 -5.63 10.19 -30.08
C GLU A 944 -7.07 10.64 -30.00
N HIS A 945 -7.32 11.96 -30.02
CA HIS A 945 -8.67 12.49 -30.07
C HIS A 945 -9.27 12.43 -31.46
N ALA A 946 -8.48 12.10 -32.48
CA ALA A 946 -8.99 11.98 -33.84
C ALA A 946 -9.94 10.80 -33.97
N LYS A 947 -9.69 9.72 -33.22
CA LYS A 947 -10.58 8.58 -33.21
C LYS A 947 -11.95 8.94 -32.63
N ILE A 948 -11.96 9.74 -31.56
CA ILE A 948 -13.22 10.17 -30.94
C ILE A 948 -13.97 11.13 -31.87
N PHE A 949 -13.23 12.00 -32.56
CA PHE A 949 -13.83 12.91 -33.54
C PHE A 949 -14.45 12.16 -34.72
N ASN A 950 -13.73 11.17 -35.25
CA ASN A 950 -14.26 10.40 -36.37
C ASN A 950 -15.39 9.48 -35.91
N TYR A 951 -15.37 9.03 -34.66
CA TYR A 951 -16.52 8.32 -34.12
C TYR A 951 -17.71 9.26 -33.93
N GLY A 952 -17.47 10.53 -33.62
CA GLY A 952 -18.56 11.49 -33.59
C GLY A 952 -19.17 11.74 -34.95
N ARG A 953 -18.35 11.66 -36.01
CA ARG A 953 -18.90 11.75 -37.36
C ARG A 953 -19.66 10.48 -37.75
N ILE A 954 -19.04 9.31 -37.60
CA ILE A 954 -19.62 8.05 -38.09
C ILE A 954 -20.81 7.64 -37.24
N TYR A 955 -20.70 7.79 -35.92
CA TYR A 955 -21.78 7.45 -34.99
C TYR A 955 -23.01 8.32 -35.21
N GLY A 956 -22.83 9.52 -35.76
CA GLY A 956 -23.96 10.35 -36.16
C GLY A 956 -24.34 11.40 -35.14
N ALA A 957 -23.35 12.15 -34.65
CA ALA A 957 -23.63 13.19 -33.68
C ALA A 957 -24.00 14.50 -34.35
N GLY A 958 -23.24 14.93 -35.35
CA GLY A 958 -23.52 16.14 -36.08
C GLY A 958 -22.43 17.19 -35.91
N GLN A 959 -22.67 18.34 -36.53
CA GLN A 959 -21.73 19.46 -36.47
C GLN A 959 -21.52 20.07 -35.08
N PRO A 960 -22.54 20.39 -34.26
CA PRO A 960 -22.22 21.09 -32.99
C PRO A 960 -21.52 20.22 -31.95
N PHE A 961 -21.79 18.91 -31.91
CA PHE A 961 -21.06 18.04 -30.98
C PHE A 961 -19.58 18.00 -31.33
N ALA A 962 -19.28 17.91 -32.63
CA ALA A 962 -17.89 17.99 -33.09
C ALA A 962 -17.28 19.35 -32.82
N GLU A 963 -18.10 20.42 -32.90
CA GLU A 963 -17.62 21.77 -32.65
C GLU A 963 -17.18 21.96 -31.21
N ARG A 964 -18.04 21.56 -30.26
CA ARG A 964 -17.65 21.65 -28.85
C ARG A 964 -16.56 20.64 -28.49
N LEU A 965 -16.53 19.49 -29.17
CA LEU A 965 -15.48 18.50 -28.93
C LEU A 965 -14.10 19.04 -29.32
N LEU A 966 -14.00 19.71 -30.47
CA LEU A 966 -12.74 20.34 -30.83
C LEU A 966 -12.50 21.63 -30.07
N MET A 967 -13.55 22.26 -29.53
CA MET A 967 -13.39 23.39 -28.61
C MET A 967 -12.74 22.95 -27.30
N GLN A 968 -13.00 21.70 -26.88
CA GLN A 968 -12.46 21.20 -25.62
C GLN A 968 -10.94 21.11 -25.63
N PHE A 969 -10.34 20.77 -26.77
CA PHE A 969 -8.94 20.40 -26.82
C PHE A 969 -8.01 21.51 -27.29
N ASN A 970 -8.50 22.72 -27.54
CA ASN A 970 -7.70 23.68 -28.28
C ASN A 970 -8.10 25.09 -27.87
N HIS A 971 -7.20 26.05 -28.13
CA HIS A 971 -7.35 27.47 -27.86
C HIS A 971 -8.09 28.21 -29.00
N ARG A 972 -8.93 27.49 -29.74
CA ARG A 972 -9.67 28.12 -30.83
C ARG A 972 -10.76 29.03 -30.28
N LEU A 973 -10.88 30.22 -30.86
CA LEU A 973 -12.00 31.08 -30.58
C LEU A 973 -13.24 30.57 -31.31
N THR A 974 -14.41 31.04 -30.88
CA THR A 974 -15.66 30.49 -31.40
C THR A 974 -15.89 30.89 -32.86
N GLN A 975 -15.49 32.11 -33.25
CA GLN A 975 -15.50 32.47 -34.66
C GLN A 975 -14.41 31.74 -35.41
N GLN A 976 -13.26 31.52 -34.77
CA GLN A 976 -12.21 30.68 -35.34
C GLN A 976 -12.65 29.22 -35.39
N GLU A 977 -13.49 28.79 -34.45
CA GLU A 977 -14.02 27.43 -34.50
C GLU A 977 -15.01 27.26 -35.64
N ALA A 978 -15.85 28.28 -35.89
CA ALA A 978 -16.83 28.18 -36.96
C ALA A 978 -16.18 28.32 -38.33
N ALA A 979 -15.20 29.23 -38.47
CA ALA A 979 -14.64 29.49 -39.78
C ALA A 979 -13.57 28.49 -40.18
N GLU A 980 -12.72 28.05 -39.23
CA GLU A 980 -11.61 27.17 -39.54
C GLU A 980 -11.62 25.94 -38.65
N LYS A 981 -10.94 24.90 -39.13
CA LYS A 981 -10.65 23.62 -38.48
C LYS A 981 -11.89 22.76 -38.21
N ALA A 982 -13.08 23.19 -38.61
CA ALA A 982 -14.27 22.35 -38.63
C ALA A 982 -14.54 21.80 -40.02
N GLN A 983 -13.58 21.96 -40.94
CA GLN A 983 -13.75 21.58 -42.34
C GLN A 983 -13.68 20.07 -42.57
N GLN A 984 -13.32 19.28 -41.55
CA GLN A 984 -13.38 17.83 -41.69
C GLN A 984 -14.82 17.35 -41.87
N MET A 985 -15.75 17.91 -41.09
CA MET A 985 -17.17 17.61 -41.24
C MET A 985 -17.71 18.12 -42.57
N TYR A 986 -17.26 19.29 -43.01
CA TYR A 986 -17.72 19.86 -44.27
C TYR A 986 -17.22 19.05 -45.48
N ALA A 987 -15.96 18.64 -45.45
CA ALA A 987 -15.38 17.88 -46.55
C ALA A 987 -15.85 16.44 -46.57
N ALA A 988 -16.01 15.82 -45.39
CA ALA A 988 -16.50 14.45 -45.35
C ALA A 988 -17.99 14.38 -45.66
N THR A 989 -18.77 15.32 -45.14
CA THR A 989 -20.22 15.33 -45.31
C THR A 989 -20.64 16.62 -45.98
N LYS A 990 -21.16 16.51 -47.20
CA LYS A 990 -21.74 17.66 -47.88
C LYS A 990 -23.22 17.77 -47.50
N GLY A 991 -23.99 18.56 -48.24
CA GLY A 991 -25.41 18.67 -47.99
C GLY A 991 -26.19 17.45 -48.41
N LEU A 992 -26.65 16.66 -47.45
CA LEU A 992 -27.44 15.47 -47.73
C LEU A 992 -28.85 15.57 -47.17
N ARG A 993 -29.00 15.85 -45.89
CA ARG A 993 -30.32 15.94 -45.27
C ARG A 993 -30.30 16.89 -44.08
N GLU A 1054 -19.14 14.15 -48.84
CA GLU A 1054 -18.67 13.69 -50.15
C GLU A 1054 -17.99 12.34 -50.05
N SER A 1055 -16.94 12.27 -49.23
CA SER A 1055 -16.26 11.00 -49.01
C SER A 1055 -17.07 10.06 -48.13
N GLU A 1056 -17.98 10.61 -47.34
CA GLU A 1056 -18.89 9.84 -46.51
C GLU A 1056 -20.28 9.88 -47.11
N MET A 1057 -20.96 8.74 -47.15
CA MET A 1057 -22.35 8.70 -47.57
C MET A 1057 -23.24 8.44 -46.36
N PHE A 1058 -24.25 9.28 -46.18
CA PHE A 1058 -25.22 9.17 -45.10
C PHE A 1058 -26.64 8.95 -45.62
N ASN A 1059 -26.81 8.61 -46.90
CA ASN A 1059 -28.13 8.58 -47.51
C ASN A 1059 -28.95 7.40 -47.00
N LYS A 1060 -28.47 6.18 -47.24
CA LYS A 1060 -29.22 5.02 -46.81
C LYS A 1060 -29.13 4.80 -45.30
N LEU A 1061 -28.14 5.40 -44.64
CA LEU A 1061 -28.16 5.49 -43.18
C LEU A 1061 -29.38 6.26 -42.70
N GLU A 1062 -29.67 7.39 -43.35
CA GLU A 1062 -30.86 8.16 -42.99
C GLU A 1062 -32.14 7.46 -43.41
N SER A 1063 -32.11 6.70 -44.51
CA SER A 1063 -33.33 5.98 -44.91
C SER A 1063 -33.63 4.83 -43.96
N ILE A 1064 -32.58 4.14 -43.48
CA ILE A 1064 -32.76 3.12 -42.45
C ILE A 1064 -33.22 3.77 -41.15
N ALA A 1065 -32.71 4.97 -40.85
CA ALA A 1065 -33.20 5.73 -39.70
C ALA A 1065 -34.64 6.18 -39.85
N THR A 1066 -35.16 6.27 -41.08
CA THR A 1066 -36.55 6.62 -41.32
C THR A 1066 -37.38 5.46 -41.87
N SER A 1067 -36.83 4.25 -41.88
CA SER A 1067 -37.60 3.09 -42.31
C SER A 1067 -38.64 2.72 -41.26
N ASP A 1068 -39.77 2.17 -41.70
CA ASP A 1068 -40.89 1.95 -40.79
C ASP A 1068 -40.78 0.63 -40.02
N ILE A 1069 -41.09 -0.49 -40.66
CA ILE A 1069 -41.04 -1.79 -39.99
C ILE A 1069 -39.67 -2.47 -40.10
N PRO A 1070 -39.04 -2.65 -41.32
CA PRO A 1070 -37.72 -3.31 -41.32
C PRO A 1070 -36.62 -2.31 -41.05
N ARG A 1071 -35.84 -2.53 -39.99
CA ARG A 1071 -34.82 -1.57 -39.58
C ARG A 1071 -33.40 -2.11 -39.77
N THR A 1072 -33.07 -3.24 -39.17
CA THR A 1072 -31.73 -3.80 -39.36
C THR A 1072 -31.67 -4.50 -40.72
N PRO A 1073 -30.66 -4.20 -41.55
CA PRO A 1073 -30.60 -4.85 -42.86
C PRO A 1073 -30.24 -6.32 -42.79
N VAL A 1074 -29.41 -6.72 -41.84
CA VAL A 1074 -28.90 -8.08 -41.83
C VAL A 1074 -29.90 -9.06 -41.19
N LEU A 1075 -30.72 -8.61 -40.24
CA LEU A 1075 -31.59 -9.50 -39.49
C LEU A 1075 -33.06 -9.09 -39.50
N GLY A 1076 -33.39 -7.84 -39.77
CA GLY A 1076 -34.77 -7.41 -39.71
C GLY A 1076 -35.29 -7.18 -38.32
N CYS A 1077 -34.40 -7.08 -37.33
CA CYS A 1077 -34.82 -6.81 -35.96
C CYS A 1077 -35.28 -5.37 -35.83
N CYS A 1078 -36.47 -5.18 -35.26
CA CYS A 1078 -37.10 -3.87 -35.23
C CYS A 1078 -36.43 -2.97 -34.20
N ILE A 1079 -36.68 -1.68 -34.35
CA ILE A 1079 -36.18 -0.65 -33.44
C ILE A 1079 -37.11 -0.61 -32.24
N SER A 1080 -36.70 0.07 -31.16
CA SER A 1080 -37.59 0.32 -30.04
C SER A 1080 -38.79 1.16 -30.48
N ARG A 1081 -39.95 0.85 -29.90
CA ARG A 1081 -41.18 1.56 -30.25
C ARG A 1081 -41.17 3.02 -29.81
N ALA A 1082 -40.30 3.38 -28.87
CA ALA A 1082 -40.07 4.78 -28.56
C ALA A 1082 -39.41 5.53 -29.72
N LEU A 1083 -38.54 4.85 -30.46
CA LEU A 1083 -37.88 5.44 -31.62
C LEU A 1083 -38.56 5.05 -32.93
N GLU A 1084 -39.73 4.43 -32.86
CA GLU A 1084 -40.48 4.06 -34.06
C GLU A 1084 -41.02 5.30 -34.76
N PRO A 1085 -40.72 5.51 -36.04
CA PRO A 1085 -41.12 6.76 -36.70
C PRO A 1085 -42.60 6.85 -37.05
N SER A 1086 -43.34 5.74 -37.02
CA SER A 1086 -44.76 5.79 -37.36
C SER A 1086 -45.59 6.28 -36.18
N ALA A 1087 -45.49 5.60 -35.05
CA ALA A 1087 -46.25 5.99 -33.87
C ALA A 1087 -45.69 7.25 -33.24
N VAL A 1088 -44.37 7.37 -33.17
CA VAL A 1088 -43.69 8.49 -32.52
C VAL A 1088 -43.08 9.37 -33.60
N GLN A 1089 -43.35 10.67 -33.53
CA GLN A 1089 -42.71 11.63 -34.42
C GLN A 1089 -41.33 11.93 -33.86
N GLU A 1090 -40.36 11.08 -34.21
CA GLU A 1090 -38.99 11.19 -33.70
C GLU A 1090 -38.27 12.31 -34.43
N GLU A 1091 -38.51 13.53 -33.97
CA GLU A 1091 -37.85 14.73 -34.49
C GLU A 1091 -36.55 15.04 -33.77
N PHE A 1092 -36.15 14.19 -32.82
CA PHE A 1092 -34.91 14.44 -32.07
C PHE A 1092 -33.68 14.26 -32.95
N MET A 1093 -33.63 13.15 -33.71
CA MET A 1093 -32.50 12.68 -34.52
C MET A 1093 -31.26 12.48 -33.63
N THR A 1094 -30.09 12.23 -34.23
CA THR A 1094 -28.78 12.08 -33.60
C THR A 1094 -28.72 10.97 -32.55
N SER A 1095 -29.69 10.06 -32.53
CA SER A 1095 -29.65 8.89 -31.66
C SER A 1095 -30.02 7.63 -32.46
N ARG A 1096 -30.81 7.82 -33.53
CA ARG A 1096 -31.23 6.67 -34.33
C ARG A 1096 -30.11 6.12 -35.19
N VAL A 1097 -29.23 6.99 -35.69
CA VAL A 1097 -28.06 6.52 -36.44
C VAL A 1097 -27.09 5.79 -35.51
N ASN A 1098 -26.99 6.26 -34.25
CA ASN A 1098 -26.28 5.51 -33.21
C ASN A 1098 -26.90 4.13 -33.01
N TRP A 1099 -28.23 4.06 -33.03
CA TRP A 1099 -28.91 2.77 -32.94
C TRP A 1099 -28.56 1.88 -34.12
N VAL A 1100 -28.47 2.45 -35.32
CA VAL A 1100 -28.17 1.66 -36.52
C VAL A 1100 -26.77 1.07 -36.44
N VAL A 1101 -25.77 1.89 -36.12
CA VAL A 1101 -24.39 1.38 -36.10
C VAL A 1101 -24.16 0.44 -34.92
N GLN A 1102 -24.67 0.78 -33.73
CA GLN A 1102 -24.43 -0.07 -32.57
C GLN A 1102 -25.25 -1.35 -32.64
N SER A 1103 -26.48 -1.29 -33.17
CA SER A 1103 -27.28 -2.50 -33.32
C SER A 1103 -26.78 -3.37 -34.46
N SER A 1104 -26.11 -2.78 -35.46
CA SER A 1104 -25.42 -3.60 -36.45
C SER A 1104 -24.24 -4.32 -35.83
N ALA A 1105 -23.53 -3.65 -34.90
CA ALA A 1105 -22.49 -4.33 -34.13
C ALA A 1105 -23.08 -5.43 -33.25
N VAL A 1106 -24.27 -5.18 -32.69
CA VAL A 1106 -24.99 -6.18 -31.89
C VAL A 1106 -25.37 -7.38 -32.75
N ASP A 1107 -25.83 -7.14 -33.97
CA ASP A 1107 -26.18 -8.22 -34.89
C ASP A 1107 -24.94 -9.00 -35.31
N TYR A 1108 -23.80 -8.32 -35.49
CA TYR A 1108 -22.53 -9.02 -35.74
C TYR A 1108 -22.15 -9.91 -34.56
N LEU A 1109 -22.31 -9.40 -33.34
CA LEU A 1109 -22.04 -10.18 -32.14
C LEU A 1109 -22.97 -11.39 -32.04
N HIS A 1110 -24.26 -11.18 -32.34
CA HIS A 1110 -25.22 -12.26 -32.35
C HIS A 1110 -24.95 -13.26 -33.46
N LEU A 1111 -24.38 -12.82 -34.59
CA LEU A 1111 -24.08 -13.75 -35.66
C LEU A 1111 -22.84 -14.59 -35.36
N MET A 1112 -21.88 -14.04 -34.59
CA MET A 1112 -20.85 -14.92 -34.07
C MET A 1112 -21.40 -15.90 -33.03
N LEU A 1113 -22.29 -15.43 -32.16
CA LEU A 1113 -22.76 -16.28 -31.07
C LEU A 1113 -23.69 -17.40 -31.58
N VAL A 1114 -24.48 -17.13 -32.62
CA VAL A 1114 -25.25 -18.19 -33.26
C VAL A 1114 -24.32 -19.14 -34.02
N ALA A 1115 -23.17 -18.65 -34.46
CA ALA A 1115 -22.13 -19.53 -34.97
C ALA A 1115 -21.42 -20.23 -33.81
N MET A 1116 -20.34 -20.93 -34.14
CA MET A 1116 -19.74 -21.98 -33.31
C MET A 1116 -20.80 -23.01 -32.88
N LYS A 1117 -21.67 -23.36 -33.82
CA LYS A 1117 -22.58 -24.49 -33.71
C LYS A 1117 -22.42 -25.26 -35.00
N TRP A 1118 -22.02 -26.53 -34.88
CA TRP A 1118 -21.72 -27.51 -35.93
C TRP A 1118 -20.40 -27.20 -36.65
N LEU A 1119 -19.74 -26.09 -36.33
CA LEU A 1119 -18.30 -25.96 -36.47
C LEU A 1119 -17.62 -26.05 -35.12
N PHE A 1120 -18.40 -26.07 -34.04
CA PHE A 1120 -17.92 -26.29 -32.68
C PHE A 1120 -18.76 -27.30 -31.92
N GLU A 1121 -19.99 -27.58 -32.34
CA GLU A 1121 -20.90 -28.48 -31.64
C GLU A 1121 -20.64 -29.94 -32.00
N GLU A 1122 -20.81 -30.28 -33.29
CA GLU A 1122 -20.59 -31.65 -33.74
C GLU A 1122 -19.11 -32.03 -33.62
N PHE A 1123 -18.22 -31.09 -33.92
CA PHE A 1123 -16.82 -31.27 -33.63
C PHE A 1123 -16.60 -31.25 -32.12
N ALA A 1124 -15.67 -32.08 -31.64
CA ALA A 1124 -15.54 -32.35 -30.21
C ALA A 1124 -14.53 -31.40 -29.57
N ILE A 1125 -14.96 -30.14 -29.42
CA ILE A 1125 -14.23 -29.15 -28.64
C ILE A 1125 -15.20 -28.55 -27.64
N ASP A 1126 -14.70 -28.29 -26.43
CA ASP A 1126 -15.49 -27.69 -25.36
C ASP A 1126 -15.27 -26.18 -25.33
N GLY A 1127 -16.24 -25.46 -24.78
CA GLY A 1127 -16.25 -24.01 -24.88
C GLY A 1127 -17.51 -23.34 -24.38
N ARG A 1128 -18.10 -22.50 -25.23
CA ARG A 1128 -19.42 -21.87 -25.08
C ARG A 1128 -19.48 -20.81 -23.99
N PHE A 1129 -18.35 -20.18 -23.66
CA PHE A 1129 -18.33 -19.15 -22.61
C PHE A 1129 -18.06 -17.80 -23.26
N CYS A 1130 -19.13 -17.05 -23.51
CA CYS A 1130 -19.05 -15.77 -24.21
C CYS A 1130 -18.67 -14.66 -23.25
N ILE A 1131 -17.51 -14.05 -23.49
CA ILE A 1131 -16.94 -13.00 -22.62
C ILE A 1131 -16.81 -11.75 -23.46
N SER A 1132 -17.80 -11.52 -24.34
CA SER A 1132 -17.82 -10.32 -25.17
C SER A 1132 -17.86 -9.06 -24.32
N ILE A 1133 -17.01 -8.09 -24.67
CA ILE A 1133 -16.89 -6.89 -23.85
C ILE A 1133 -17.39 -5.66 -24.60
N HIS A 1134 -16.65 -5.22 -25.62
CA HIS A 1134 -17.09 -4.09 -26.43
C HIS A 1134 -17.28 -4.48 -27.89
N ASP A 1135 -16.21 -4.92 -28.56
CA ASP A 1135 -16.21 -5.35 -29.95
C ASP A 1135 -15.37 -6.60 -30.10
N GLU A 1136 -15.52 -7.53 -29.16
CA GLU A 1136 -14.51 -8.54 -28.92
C GLU A 1136 -15.20 -9.83 -28.52
N VAL A 1137 -14.55 -10.96 -28.75
CA VAL A 1137 -15.10 -12.28 -28.45
C VAL A 1137 -14.04 -13.14 -27.78
N ARG A 1138 -14.36 -13.69 -26.62
CA ARG A 1138 -13.52 -14.66 -25.92
C ARG A 1138 -14.30 -15.94 -25.69
N TYR A 1139 -13.58 -17.07 -25.64
CA TYR A 1139 -14.15 -18.39 -25.39
C TYR A 1139 -13.17 -19.19 -24.54
N LEU A 1140 -13.66 -19.82 -23.47
CA LEU A 1140 -12.78 -20.66 -22.65
C LEU A 1140 -12.86 -22.10 -23.17
N VAL A 1141 -11.79 -22.53 -23.85
CA VAL A 1141 -11.74 -23.85 -24.47
C VAL A 1141 -10.68 -24.69 -23.78
N ARG A 1142 -10.50 -25.92 -24.28
CA ARG A 1142 -9.42 -26.76 -23.79
C ARG A 1142 -8.08 -26.34 -24.39
N GLU A 1143 -7.00 -26.60 -23.64
CA GLU A 1143 -5.67 -26.24 -24.13
C GLU A 1143 -5.19 -27.18 -25.23
N GLU A 1144 -5.69 -28.42 -25.24
CA GLU A 1144 -5.22 -29.41 -26.19
C GLU A 1144 -5.73 -29.14 -27.60
N ASP A 1145 -6.88 -28.48 -27.72
CA ASP A 1145 -7.44 -28.09 -29.01
C ASP A 1145 -7.60 -26.59 -29.12
N ARG A 1146 -6.76 -25.82 -28.41
CA ARG A 1146 -6.90 -24.37 -28.36
C ARG A 1146 -6.58 -23.72 -29.71
N TYR A 1147 -5.56 -24.25 -30.40
CA TYR A 1147 -5.21 -23.74 -31.72
C TYR A 1147 -6.31 -24.04 -32.73
N ARG A 1148 -6.89 -25.24 -32.65
CA ARG A 1148 -8.01 -25.59 -33.53
C ARG A 1148 -9.27 -24.81 -33.15
N ALA A 1149 -9.43 -24.50 -31.86
CA ALA A 1149 -10.53 -23.62 -31.45
C ALA A 1149 -10.35 -22.21 -31.99
N ALA A 1150 -9.09 -21.74 -32.05
CA ALA A 1150 -8.81 -20.46 -32.70
C ALA A 1150 -9.08 -20.52 -34.20
N LEU A 1151 -8.83 -21.68 -34.81
CA LEU A 1151 -9.19 -21.87 -36.22
C LEU A 1151 -10.70 -21.79 -36.42
N ALA A 1152 -11.47 -22.40 -35.52
CA ALA A 1152 -12.93 -22.28 -35.56
C ALA A 1152 -13.38 -20.83 -35.33
N LEU A 1153 -12.67 -20.12 -34.46
CA LEU A 1153 -12.95 -18.72 -34.21
C LEU A 1153 -12.56 -17.83 -35.39
N GLN A 1154 -11.67 -18.31 -36.27
CA GLN A 1154 -11.44 -17.67 -37.55
C GLN A 1154 -12.54 -18.02 -38.56
N ILE A 1155 -13.04 -19.25 -38.50
CA ILE A 1155 -14.07 -19.72 -39.42
C ILE A 1155 -15.37 -18.93 -39.22
N THR A 1156 -15.75 -18.67 -37.97
CA THR A 1156 -16.94 -17.85 -37.72
C THR A 1156 -16.74 -16.40 -38.18
N ASN A 1157 -15.51 -15.90 -38.10
CA ASN A 1157 -15.23 -14.57 -38.61
C ASN A 1157 -15.34 -14.52 -40.13
N LEU A 1158 -14.97 -15.60 -40.82
CA LEU A 1158 -15.20 -15.68 -42.26
C LEU A 1158 -16.69 -15.67 -42.57
N LEU A 1159 -17.46 -16.49 -41.84
CA LEU A 1159 -18.88 -16.71 -42.15
C LEU A 1159 -19.72 -15.46 -41.88
N THR A 1160 -19.47 -14.76 -40.77
CA THR A 1160 -20.28 -13.58 -40.44
C THR A 1160 -19.99 -12.39 -41.37
N ARG A 1161 -18.72 -12.19 -41.72
CA ARG A 1161 -18.40 -11.14 -42.68
C ARG A 1161 -18.93 -11.47 -44.07
N CYS A 1162 -19.05 -12.76 -44.41
CA CYS A 1162 -19.73 -13.12 -45.64
C CYS A 1162 -21.25 -12.93 -45.54
N MET A 1163 -21.82 -13.09 -44.34
CA MET A 1163 -23.25 -12.85 -44.14
C MET A 1163 -23.62 -11.39 -44.38
N PHE A 1164 -22.83 -10.48 -43.78
CA PHE A 1164 -23.06 -9.05 -43.99
C PHE A 1164 -22.83 -8.64 -45.44
N ALA A 1165 -21.84 -9.26 -46.10
CA ALA A 1165 -21.66 -9.02 -47.53
C ALA A 1165 -22.79 -9.62 -48.37
N TYR A 1166 -23.45 -10.66 -47.87
CA TYR A 1166 -24.60 -11.20 -48.57
C TYR A 1166 -25.81 -10.29 -48.46
N LYS A 1167 -25.95 -9.59 -47.33
CA LYS A 1167 -27.15 -8.79 -47.13
C LYS A 1167 -27.10 -7.40 -47.76
N LEU A 1168 -25.98 -6.68 -47.64
CA LEU A 1168 -25.96 -5.28 -48.06
C LEU A 1168 -25.69 -5.10 -49.55
N GLY A 1169 -25.46 -6.17 -50.31
CA GLY A 1169 -25.18 -6.06 -51.72
C GLY A 1169 -24.12 -7.02 -52.21
N LEU A 1170 -24.39 -7.67 -53.36
CA LEU A 1170 -23.59 -8.74 -53.97
C LEU A 1170 -23.39 -9.92 -53.03
N ASN A 1171 -22.45 -10.80 -53.34
CA ASN A 1171 -22.18 -11.97 -52.53
C ASN A 1171 -20.71 -12.19 -52.24
N ASP A 1172 -19.81 -11.44 -52.86
CA ASP A 1172 -18.37 -11.64 -52.68
C ASP A 1172 -17.87 -10.83 -51.49
N LEU A 1173 -16.78 -11.31 -50.91
CA LEU A 1173 -16.15 -10.66 -49.76
C LEU A 1173 -14.66 -10.48 -50.00
N PRO A 1174 -14.12 -9.30 -49.67
CA PRO A 1174 -12.67 -9.09 -49.79
C PRO A 1174 -11.87 -9.94 -48.80
N GLN A 1175 -10.65 -10.28 -49.21
CA GLN A 1175 -9.81 -11.18 -48.43
C GLN A 1175 -9.22 -10.49 -47.19
N SER A 1176 -9.02 -9.17 -47.26
CA SER A 1176 -8.36 -8.45 -46.17
C SER A 1176 -9.21 -8.39 -44.91
N VAL A 1177 -10.54 -8.51 -45.04
CA VAL A 1177 -11.43 -8.57 -43.90
C VAL A 1177 -11.96 -9.97 -43.64
N ALA A 1178 -11.56 -10.95 -44.45
CA ALA A 1178 -12.11 -12.29 -44.35
C ALA A 1178 -11.56 -13.08 -43.17
N PHE A 1179 -10.47 -12.63 -42.56
CA PHE A 1179 -9.85 -13.35 -41.46
C PHE A 1179 -9.31 -12.35 -40.45
N PHE A 1180 -8.93 -12.87 -39.28
CA PHE A 1180 -8.43 -12.02 -38.21
C PHE A 1180 -7.00 -11.59 -38.45
N SER A 1181 -6.68 -10.39 -37.94
CA SER A 1181 -5.27 -10.02 -37.84
C SER A 1181 -4.57 -10.83 -36.76
N ALA A 1182 -5.27 -11.13 -35.67
CA ALA A 1182 -4.73 -11.91 -34.57
C ALA A 1182 -5.88 -12.52 -33.78
N VAL A 1183 -5.66 -13.74 -33.28
CA VAL A 1183 -6.53 -14.35 -32.29
C VAL A 1183 -5.66 -14.84 -31.13
N ASP A 1184 -5.96 -14.37 -29.92
CA ASP A 1184 -5.08 -14.52 -28.78
C ASP A 1184 -5.34 -15.84 -28.07
N ILE A 1185 -4.28 -16.60 -27.82
CA ILE A 1185 -4.39 -17.90 -27.14
C ILE A 1185 -3.64 -17.74 -25.81
N ASP A 1186 -3.70 -16.53 -25.27
CA ASP A 1186 -3.10 -16.18 -23.99
C ASP A 1186 -3.81 -16.88 -22.83
N ARG A 1187 -3.08 -17.04 -21.71
CA ARG A 1187 -3.71 -17.58 -20.51
C ARG A 1187 -4.75 -16.63 -19.93
N CYS A 1188 -4.45 -15.33 -19.92
CA CYS A 1188 -5.26 -14.34 -19.22
C CYS A 1188 -5.92 -13.41 -20.22
N LEU A 1189 -6.75 -12.52 -19.71
CA LEU A 1189 -7.45 -11.56 -20.55
C LEU A 1189 -6.66 -10.26 -20.56
N ARG A 1190 -6.28 -9.81 -21.75
CA ARG A 1190 -5.66 -8.51 -21.91
C ARG A 1190 -5.94 -8.03 -23.33
N LYS A 1191 -5.70 -6.73 -23.55
CA LYS A 1191 -5.93 -6.15 -24.88
C LYS A 1191 -4.93 -6.69 -25.89
N GLU A 1192 -3.65 -6.67 -25.54
CA GLU A 1192 -2.61 -7.31 -26.33
C GLU A 1192 -1.85 -8.29 -25.46
N VAL A 1193 -1.24 -9.29 -26.11
CA VAL A 1193 -0.62 -10.39 -25.37
C VAL A 1193 0.70 -10.01 -24.73
N THR A 1194 1.38 -8.97 -25.22
CA THR A 1194 2.69 -8.58 -24.73
C THR A 1194 2.64 -7.33 -23.85
N MET A 1195 1.61 -7.20 -23.03
CA MET A 1195 1.41 -6.00 -22.24
C MET A 1195 1.94 -6.17 -20.81
N ASP A 1196 1.83 -5.10 -20.03
CA ASP A 1196 2.29 -5.07 -18.65
C ASP A 1196 1.23 -4.31 -17.84
N CYS A 1197 1.55 -4.03 -16.58
CA CYS A 1197 0.62 -3.37 -15.67
C CYS A 1197 1.38 -2.50 -14.69
N LYS A 1198 0.62 -1.80 -13.83
CA LYS A 1198 1.19 -0.89 -12.85
C LYS A 1198 1.84 -1.61 -11.67
N THR A 1199 1.49 -2.87 -11.44
CA THR A 1199 2.27 -3.69 -10.51
C THR A 1199 3.66 -3.91 -11.08
N PRO A 1200 4.69 -4.11 -10.22
CA PRO A 1200 6.09 -4.07 -10.69
C PRO A 1200 6.46 -5.05 -11.79
N SER A 1201 5.87 -6.25 -11.81
CA SER A 1201 6.04 -7.15 -12.94
C SER A 1201 4.85 -8.09 -13.05
N ASN A 1202 4.23 -8.11 -14.23
CA ASN A 1202 3.15 -9.07 -14.50
C ASN A 1202 3.58 -10.54 -14.48
N PRO A 1203 4.72 -10.98 -15.05
CA PRO A 1203 5.09 -12.40 -14.88
C PRO A 1203 5.40 -12.82 -13.45
N THR A 1204 5.86 -11.91 -12.60
CA THR A 1204 6.06 -12.27 -11.20
C THR A 1204 4.72 -12.42 -10.49
N GLY A 1205 4.69 -13.31 -9.50
CA GLY A 1205 3.43 -13.66 -8.88
C GLY A 1205 2.66 -14.63 -9.75
N MET A 1206 1.62 -14.13 -10.42
CA MET A 1206 0.86 -14.96 -11.35
C MET A 1206 1.68 -15.23 -12.60
N GLU A 1207 1.67 -16.49 -13.05
CA GLU A 1207 2.49 -16.90 -14.19
C GLU A 1207 1.88 -16.42 -15.51
N ARG A 1208 2.75 -15.98 -16.42
CA ARG A 1208 2.35 -15.50 -17.73
C ARG A 1208 3.04 -16.33 -18.81
N ARG A 1209 2.26 -16.79 -19.78
CA ARG A 1209 2.81 -17.45 -20.96
C ARG A 1209 2.95 -16.52 -22.16
N TYR A 1210 2.59 -15.25 -21.99
CA TYR A 1210 2.81 -14.10 -22.88
C TYR A 1210 2.00 -14.13 -24.18
N GLY A 1211 1.22 -15.18 -24.44
CA GLY A 1211 0.30 -15.21 -25.57
C GLY A 1211 0.98 -15.29 -26.93
N ILE A 1212 0.14 -15.42 -27.97
CA ILE A 1212 0.59 -15.43 -29.36
C ILE A 1212 -0.38 -14.65 -30.24
N PRO A 1213 0.10 -13.96 -31.29
CA PRO A 1213 -0.82 -13.32 -32.25
C PRO A 1213 -1.62 -14.31 -33.09
N GLN A 1214 -0.92 -15.20 -33.79
CA GLN A 1214 -1.46 -16.26 -34.65
C GLN A 1214 -2.40 -15.68 -35.71
N GLY A 1215 -1.79 -14.92 -36.64
CA GLY A 1215 -2.55 -14.27 -37.67
C GLY A 1215 -3.00 -15.18 -38.81
N GLU A 1216 -2.26 -16.23 -39.08
CA GLU A 1216 -2.53 -17.11 -40.21
C GLU A 1216 -3.45 -18.26 -39.80
N ALA A 1217 -3.98 -18.96 -40.81
CA ALA A 1217 -4.61 -20.24 -40.58
C ALA A 1217 -3.56 -21.24 -40.12
N LEU A 1218 -4.01 -22.25 -39.37
CA LEU A 1218 -3.08 -23.05 -38.58
C LEU A 1218 -2.24 -24.01 -39.41
N ASP A 1219 -2.86 -25.00 -40.04
CA ASP A 1219 -2.15 -26.07 -40.73
C ASP A 1219 -3.12 -26.87 -41.58
N ILE A 1220 -2.65 -28.00 -42.11
CA ILE A 1220 -3.46 -28.88 -42.93
C ILE A 1220 -3.91 -30.12 -42.12
N TYR A 1221 -4.02 -29.99 -40.80
CA TYR A 1221 -4.60 -31.08 -40.02
C TYR A 1221 -6.11 -31.16 -40.26
N GLN A 1222 -6.69 -32.25 -39.77
CA GLN A 1222 -8.12 -32.50 -39.99
C GLN A 1222 -8.98 -31.49 -39.23
N ILE A 1223 -10.11 -31.13 -39.84
CA ILE A 1223 -11.06 -30.25 -39.17
C ILE A 1223 -11.74 -30.99 -38.03
N ILE A 1224 -11.92 -32.31 -38.15
CA ILE A 1224 -12.29 -33.13 -37.00
C ILE A 1224 -11.06 -33.33 -36.13
N GLU A 1225 -11.30 -33.75 -34.88
CA GLU A 1225 -10.21 -34.03 -33.96
C GLU A 1225 -9.36 -35.21 -34.43
N LEU A 1226 -9.97 -36.40 -34.46
CA LEU A 1226 -9.36 -37.64 -34.98
C LEU A 1226 -8.04 -37.96 -34.28
N THR A 1227 -8.03 -37.83 -32.96
CA THR A 1227 -6.81 -38.05 -32.19
C THR A 1227 -6.60 -39.53 -31.90
N ALA B 68 21.75 21.12 -2.10
CA ALA B 68 22.94 20.35 -2.45
C ALA B 68 23.90 20.28 -1.27
N LEU B 69 24.46 21.43 -0.89
CA LEU B 69 25.41 21.50 0.22
C LEU B 69 24.70 21.85 1.54
N LEU B 70 23.75 20.97 1.91
CA LEU B 70 23.07 21.10 3.19
C LEU B 70 23.90 20.58 4.35
N GLU B 71 24.95 19.80 4.07
CA GLU B 71 25.72 19.10 5.09
C GLU B 71 26.43 20.03 6.06
N ILE B 72 26.66 21.29 5.64
CA ILE B 72 27.22 22.32 6.52
C ILE B 72 26.36 22.52 7.75
N CYS B 73 25.02 22.46 7.57
CA CYS B 73 24.10 22.52 8.70
C CYS B 73 24.32 21.36 9.66
N GLN B 74 24.51 20.14 9.13
CA GLN B 74 24.82 19.00 9.97
C GLN B 74 26.20 19.09 10.60
N ARG B 75 27.06 19.98 10.12
CA ARG B 75 28.27 20.29 10.87
C ARG B 75 28.06 21.48 11.79
N ARG B 76 27.20 22.43 11.40
CA ARG B 76 26.98 23.62 12.22
C ARG B 76 26.15 23.28 13.45
N HIS B 77 25.07 22.54 13.25
CA HIS B 77 24.27 21.99 14.34
C HIS B 77 24.50 20.48 14.35
N PHE B 78 24.96 19.98 15.48
CA PHE B 78 25.80 18.79 15.50
C PHE B 78 24.95 17.52 15.33
N LEU B 79 24.71 17.21 14.05
CA LEU B 79 24.14 15.93 13.65
C LEU B 79 25.16 15.00 13.03
N SER B 80 26.14 15.56 12.31
CA SER B 80 27.19 14.80 11.64
C SER B 80 28.49 14.85 12.46
N GLY B 81 29.56 14.36 11.84
CA GLY B 81 30.85 14.23 12.52
C GLY B 81 31.60 15.54 12.64
N SER B 82 32.75 15.45 13.31
CA SER B 82 33.56 16.62 13.61
C SER B 82 34.37 17.10 12.41
N LYS B 83 34.83 16.16 11.58
CA LYS B 83 35.79 16.47 10.53
C LYS B 83 35.13 17.26 9.41
N GLN B 84 35.82 18.32 8.95
CA GLN B 84 35.22 19.27 8.01
C GLN B 84 35.16 18.71 6.59
N GLN B 85 36.13 17.89 6.20
CA GLN B 85 36.20 17.36 4.84
C GLN B 85 35.31 16.12 4.72
N LEU B 86 34.00 16.34 4.83
CA LEU B 86 33.03 15.27 4.71
C LEU B 86 32.45 15.26 3.30
N SER B 87 32.28 14.06 2.76
CA SER B 87 31.76 13.87 1.41
C SER B 87 30.68 12.80 1.44
N ARG B 88 30.06 12.58 0.28
CA ARG B 88 29.04 11.55 0.18
C ARG B 88 29.64 10.15 0.28
N ASP B 89 30.87 9.96 -0.24
CA ASP B 89 31.48 8.63 -0.26
C ASP B 89 31.85 8.17 1.14
N SER B 90 32.36 9.09 1.97
CA SER B 90 32.71 8.73 3.34
C SER B 90 31.49 8.45 4.19
N LEU B 91 30.38 9.15 3.91
CA LEU B 91 29.15 8.92 4.67
C LEU B 91 28.49 7.61 4.25
N LEU B 92 28.45 7.32 2.94
CA LEU B 92 27.81 6.10 2.48
C LEU B 92 28.66 4.87 2.80
N SER B 93 29.99 5.00 2.77
CA SER B 93 30.86 3.86 3.03
C SER B 93 30.94 3.52 4.50
N GLY B 94 30.80 4.51 5.39
CA GLY B 94 30.97 4.30 6.81
C GLY B 94 32.27 4.79 7.38
N CYS B 95 33.01 5.65 6.66
CA CYS B 95 34.28 6.18 7.13
C CYS B 95 34.15 7.55 7.77
N HIS B 96 32.96 7.90 8.24
CA HIS B 96 32.79 9.14 8.96
C HIS B 96 33.46 9.04 10.33
N PRO B 97 33.99 10.15 10.86
CA PRO B 97 34.57 10.10 12.22
C PRO B 97 33.57 9.83 13.31
N GLY B 98 32.29 10.08 13.07
CA GLY B 98 31.26 9.82 14.06
C GLY B 98 30.01 10.59 13.71
N PHE B 99 29.17 10.78 14.72
CA PHE B 99 27.94 11.56 14.58
C PHE B 99 27.84 12.53 15.76
N GLY B 100 27.13 13.63 15.53
CA GLY B 100 26.88 14.58 16.59
C GLY B 100 25.85 14.04 17.56
N PRO B 101 25.68 14.72 18.70
CA PRO B 101 24.69 14.27 19.70
C PRO B 101 23.26 14.26 19.19
N LEU B 102 22.91 15.22 18.32
CA LEU B 102 21.61 15.18 17.67
C LEU B 102 21.52 14.01 16.70
N GLY B 103 22.63 13.67 16.04
CA GLY B 103 22.65 12.49 15.19
C GLY B 103 22.54 11.20 15.98
N VAL B 104 23.16 11.15 17.16
CA VAL B 104 23.04 9.98 18.03
C VAL B 104 21.61 9.84 18.54
N GLU B 105 20.96 10.95 18.90
CA GLU B 105 19.58 10.89 19.33
C GLU B 105 18.63 10.54 18.19
N LEU B 106 18.95 10.97 16.95
CA LEU B 106 18.16 10.57 15.79
C LEU B 106 18.35 9.09 15.49
N ARG B 107 19.56 8.56 15.70
CA ARG B 107 19.78 7.12 15.57
C ARG B 107 19.01 6.35 16.62
N LYS B 108 18.96 6.87 17.85
CA LYS B 108 18.20 6.23 18.91
C LYS B 108 16.70 6.27 18.62
N ASN B 109 16.22 7.38 18.05
CA ASN B 109 14.81 7.46 17.65
C ASN B 109 14.49 6.48 16.52
N LEU B 110 15.39 6.36 15.54
CA LEU B 110 15.21 5.41 14.45
C LEU B 110 15.22 3.97 14.95
N ALA B 111 16.13 3.65 15.88
CA ALA B 111 16.20 2.31 16.46
C ALA B 111 14.97 2.01 17.30
N ALA B 112 14.46 3.01 18.03
CA ALA B 112 13.26 2.82 18.82
C ALA B 112 12.03 2.61 17.94
N GLU B 113 11.93 3.36 16.84
CA GLU B 113 10.81 3.18 15.91
C GLU B 113 10.89 1.82 15.22
N TRP B 114 12.12 1.39 14.88
CA TRP B 114 12.31 0.05 14.32
C TRP B 114 11.94 -1.03 15.32
N TRP B 115 12.29 -0.84 16.59
CA TRP B 115 11.94 -1.83 17.62
C TRP B 115 10.45 -1.87 17.89
N THR B 116 9.76 -0.72 17.80
CA THR B 116 8.32 -0.73 17.99
C THR B 116 7.61 -1.38 16.81
N SER B 117 8.00 -1.02 15.59
CA SER B 117 7.28 -1.51 14.42
C SER B 117 7.60 -2.97 14.11
N VAL B 118 8.82 -3.43 14.40
CA VAL B 118 9.26 -4.75 14.00
C VAL B 118 9.23 -5.74 15.15
N VAL B 119 9.72 -5.35 16.33
CA VAL B 119 10.03 -6.34 17.36
C VAL B 119 8.88 -6.54 18.35
N VAL B 120 8.50 -5.48 19.06
CA VAL B 120 7.58 -5.69 20.19
C VAL B 120 6.14 -5.82 19.71
N PHE B 121 5.74 -5.11 18.64
CA PHE B 121 4.37 -5.21 18.16
C PHE B 121 4.12 -6.54 17.47
N ARG B 122 5.04 -6.97 16.61
CA ARG B 122 4.88 -8.23 15.90
C ARG B 122 5.19 -9.40 16.81
N GLU B 123 4.27 -10.36 16.86
CA GLU B 123 4.45 -11.57 17.65
C GLU B 123 5.55 -12.44 17.06
N GLN B 124 6.23 -13.19 17.94
CA GLN B 124 7.27 -14.17 17.67
C GLN B 124 8.56 -13.55 17.17
N VAL B 125 8.75 -12.24 17.34
CA VAL B 125 10.01 -11.58 17.07
C VAL B 125 10.72 -11.36 18.41
N PHE B 126 11.95 -11.86 18.51
CA PHE B 126 12.67 -11.82 19.76
C PHE B 126 14.00 -11.10 19.61
N PRO B 127 14.46 -10.40 20.65
CA PRO B 127 15.79 -9.80 20.59
C PRO B 127 16.89 -10.84 20.67
N VAL B 128 18.02 -10.51 20.04
CA VAL B 128 19.21 -11.35 20.05
C VAL B 128 20.42 -10.44 19.91
N ASP B 129 21.55 -10.88 20.44
CA ASP B 129 22.82 -10.17 20.29
C ASP B 129 23.83 -11.03 19.57
N ALA B 130 24.60 -10.41 18.67
CA ALA B 130 25.71 -11.05 18.00
C ALA B 130 26.99 -10.35 18.43
N LEU B 131 28.01 -11.13 18.76
CA LEU B 131 29.30 -10.55 19.10
C LEU B 131 29.94 -9.91 17.88
N HIS B 132 30.74 -8.87 18.11
CA HIS B 132 31.37 -8.16 17.01
C HIS B 132 32.50 -8.96 16.38
N HIS B 133 32.99 -10.00 17.04
CA HIS B 133 34.09 -10.82 16.55
C HIS B 133 33.64 -12.27 16.38
N LYS B 134 34.29 -12.96 15.46
CA LYS B 134 34.10 -14.39 15.27
C LYS B 134 35.34 -15.12 15.78
N PRO B 135 35.25 -15.86 16.88
CA PRO B 135 36.48 -16.38 17.51
C PRO B 135 37.09 -17.59 16.81
N GLY B 136 36.26 -18.41 16.16
CA GLY B 136 36.71 -19.65 15.61
C GLY B 136 37.53 -19.53 14.34
N PRO B 137 38.19 -20.61 13.93
CA PRO B 137 38.84 -20.63 12.63
C PRO B 137 37.83 -20.57 11.49
N LEU B 138 38.24 -19.98 10.38
CA LEU B 138 37.31 -19.66 9.30
C LEU B 138 38.05 -19.53 7.98
N LEU B 139 37.26 -19.30 6.92
CA LEU B 139 37.71 -19.31 5.53
C LEU B 139 38.47 -18.01 5.22
N PRO B 140 39.07 -17.89 4.02
CA PRO B 140 39.78 -16.64 3.66
C PRO B 140 38.98 -15.35 3.78
N GLY B 141 37.69 -15.36 3.52
CA GLY B 141 36.85 -14.23 3.88
C GLY B 141 36.71 -13.19 2.78
N ASP B 142 36.02 -12.11 3.15
CA ASP B 142 35.69 -11.04 2.23
C ASP B 142 36.79 -9.98 2.28
N SER B 143 37.89 -10.28 1.59
CA SER B 143 38.99 -9.35 1.44
C SER B 143 39.63 -9.56 0.08
N ALA B 144 39.79 -8.47 -0.69
CA ALA B 144 40.49 -8.55 -1.97
C ALA B 144 41.96 -8.85 -1.77
N PHE B 145 42.58 -8.25 -0.76
CA PHE B 145 43.97 -8.55 -0.42
C PHE B 145 43.98 -9.67 0.62
N ARG B 146 44.69 -10.76 0.30
CA ARG B 146 44.72 -11.95 1.14
C ARG B 146 45.81 -11.79 2.19
N LEU B 147 45.52 -10.90 3.15
CA LEU B 147 46.36 -10.52 4.30
C LEU B 147 47.70 -10.00 3.78
N VAL B 148 48.80 -10.26 4.47
CA VAL B 148 50.14 -9.99 3.95
C VAL B 148 50.99 -11.25 3.87
N SER B 149 50.48 -12.39 4.34
CA SER B 149 51.25 -13.63 4.26
C SER B 149 51.25 -14.21 2.86
N ALA B 150 50.20 -13.98 2.08
CA ALA B 150 50.05 -14.59 0.76
C ALA B 150 49.98 -13.57 -0.37
N GLU B 151 49.23 -12.49 -0.19
CA GLU B 151 48.99 -11.56 -1.29
C GLU B 151 50.20 -10.67 -1.55
N THR B 152 50.72 -10.03 -0.50
CA THR B 152 51.81 -9.07 -0.67
C THR B 152 52.74 -9.19 0.53
N LEU B 153 53.96 -9.68 0.28
CA LEU B 153 54.98 -9.81 1.31
C LEU B 153 56.02 -8.70 1.12
N ARG B 154 56.70 -8.37 2.22
CA ARG B 154 57.75 -7.35 2.15
C ARG B 154 58.97 -7.90 1.43
N GLU B 155 59.51 -7.08 0.53
CA GLU B 155 60.57 -7.41 -0.45
C GLU B 155 60.02 -8.60 -1.27
N ILE B 156 60.84 -9.58 -1.64
CA ILE B 156 60.37 -10.77 -2.35
C ILE B 156 60.87 -11.99 -1.57
N LEU B 157 60.05 -12.48 -0.64
CA LEU B 157 60.24 -13.74 0.09
C LEU B 157 61.56 -13.78 0.86
N GLN B 158 61.69 -12.85 1.81
CA GLN B 158 62.83 -12.83 2.72
C GLN B 158 62.38 -13.18 4.12
N ASP B 159 63.14 -14.04 4.80
CA ASP B 159 62.82 -14.48 6.16
C ASP B 159 64.04 -14.30 7.06
N LYS B 160 63.85 -13.62 8.19
CA LYS B 160 64.92 -13.49 9.16
C LYS B 160 65.15 -14.81 9.91
N GLU B 161 64.07 -15.50 10.25
CA GLU B 161 64.18 -16.77 10.96
C GLU B 161 63.59 -17.90 10.12
N ALA B 169 55.72 -20.44 12.33
CA ALA B 169 55.85 -20.37 13.78
C ALA B 169 54.53 -19.94 14.42
N PHE B 170 54.62 -19.34 15.61
CA PHE B 170 53.44 -18.84 16.28
C PHE B 170 52.88 -17.60 15.58
N LEU B 171 53.75 -16.67 15.21
CA LEU B 171 53.34 -15.50 14.45
C LEU B 171 53.35 -15.80 12.96
N GLU B 172 52.68 -14.92 12.21
CA GLU B 172 52.50 -15.01 10.74
C GLU B 172 51.88 -16.36 10.35
N ASN B 173 50.87 -16.79 11.10
CA ASN B 173 50.18 -18.04 10.84
C ASN B 173 48.98 -17.88 9.91
N VAL B 174 48.83 -16.71 9.29
CA VAL B 174 47.81 -16.32 8.31
C VAL B 174 46.44 -16.39 9.00
N LEU B 175 45.38 -16.71 8.23
CA LEU B 175 44.03 -16.72 8.73
C LEU B 175 43.61 -18.07 9.31
N LYS B 176 44.57 -18.88 9.75
CA LYS B 176 44.23 -20.17 10.34
C LYS B 176 43.63 -20.00 11.73
N THR B 177 44.22 -19.15 12.55
CA THR B 177 43.73 -18.91 13.91
C THR B 177 43.39 -17.44 14.12
N SER B 178 43.02 -16.73 13.06
CA SER B 178 42.72 -15.31 13.12
C SER B 178 41.21 -15.10 13.12
N GLY B 179 40.74 -14.24 14.02
CA GLY B 179 39.33 -13.95 14.10
C GLY B 179 38.87 -13.02 12.98
N LYS B 180 37.56 -12.75 12.97
CA LYS B 180 36.95 -11.90 11.96
C LYS B 180 35.95 -10.96 12.61
N LEU B 181 36.04 -9.67 12.27
CA LEU B 181 34.98 -8.75 12.62
C LEU B 181 33.74 -9.05 11.78
N ARG B 182 32.56 -8.90 12.37
CA ARG B 182 31.33 -9.27 11.68
C ARG B 182 31.01 -8.27 10.58
N GLU B 183 30.46 -8.79 9.48
CA GLU B 183 29.96 -7.97 8.39
C GLU B 183 28.45 -8.09 8.24
N ASN B 184 27.81 -8.93 9.05
CA ASN B 184 26.37 -9.14 8.98
C ASN B 184 25.91 -9.69 10.32
N LEU B 185 24.67 -9.36 10.68
CA LEU B 185 24.06 -9.88 11.88
C LEU B 185 23.31 -11.19 11.63
N LEU B 186 23.32 -11.68 10.38
CA LEU B 186 22.60 -12.89 10.04
C LEU B 186 23.25 -14.12 10.68
N HIS B 187 24.58 -14.13 10.76
CA HIS B 187 25.30 -15.29 11.28
C HIS B 187 25.03 -15.50 12.77
N GLY B 188 24.96 -14.42 13.56
CA GLY B 188 24.67 -14.57 14.98
C GLY B 188 23.27 -15.06 15.26
N ALA B 189 22.28 -14.54 14.51
CA ALA B 189 20.90 -15.00 14.64
C ALA B 189 20.75 -16.46 14.21
N LEU B 190 21.43 -16.85 13.13
CA LEU B 190 21.42 -18.24 12.70
C LEU B 190 22.09 -19.15 13.72
N GLU B 191 23.14 -18.66 14.39
CA GLU B 191 23.78 -19.42 15.45
C GLU B 191 22.85 -19.58 16.66
N HIS B 192 22.07 -18.55 16.95
CA HIS B 192 21.18 -18.60 18.11
C HIS B 192 19.80 -19.13 17.78
N TYR B 193 19.58 -19.59 16.54
CA TYR B 193 18.26 -20.09 16.13
C TYR B 193 17.80 -21.28 16.97
N VAL B 194 18.68 -22.23 17.29
CA VAL B 194 18.25 -23.43 18.01
C VAL B 194 17.88 -23.08 19.45
N ASN B 195 18.66 -22.22 20.10
CA ASN B 195 18.33 -21.81 21.46
C ASN B 195 17.07 -20.94 21.50
N CYS B 196 16.89 -20.06 20.52
CA CYS B 196 15.68 -19.23 20.49
C CYS B 196 14.45 -20.03 20.08
N LEU B 197 14.65 -21.12 19.33
CA LEU B 197 13.57 -22.05 19.03
C LEU B 197 13.23 -22.89 20.25
N ASP B 198 14.22 -23.16 21.10
CA ASP B 198 13.95 -23.80 22.39
C ASP B 198 13.20 -22.85 23.32
N LEU B 199 13.46 -21.55 23.23
CA LEU B 199 12.75 -20.58 24.05
C LEU B 199 11.27 -20.51 23.68
N VAL B 200 10.96 -20.48 22.38
CA VAL B 200 9.58 -20.51 21.90
C VAL B 200 9.11 -21.96 21.96
N ASN B 201 7.82 -22.21 21.72
CA ASN B 201 7.25 -23.54 21.73
C ASN B 201 7.39 -24.26 20.38
N LYS B 202 8.44 -23.92 19.62
CA LYS B 202 8.80 -24.50 18.32
C LYS B 202 7.76 -24.24 17.25
N ARG B 203 6.98 -23.17 17.39
CA ARG B 203 6.15 -22.71 16.29
C ARG B 203 7.05 -22.11 15.21
N LEU B 204 6.79 -22.48 13.97
CA LEU B 204 7.75 -22.23 12.91
C LEU B 204 7.78 -20.78 12.40
N PRO B 205 6.63 -20.02 12.31
CA PRO B 205 6.78 -18.57 12.12
C PRO B 205 7.52 -17.92 13.29
N TYR B 206 8.72 -17.41 13.00
CA TYR B 206 9.62 -16.98 14.07
C TYR B 206 10.50 -15.85 13.54
N GLY B 207 11.02 -15.05 14.45
CA GLY B 207 11.87 -13.94 14.07
C GLY B 207 12.90 -13.63 15.13
N LEU B 208 14.06 -13.18 14.67
CA LEU B 208 15.13 -12.71 15.56
C LEU B 208 15.62 -11.36 15.05
N ALA B 209 15.57 -10.35 15.91
CA ALA B 209 15.87 -8.98 15.53
C ALA B 209 17.07 -8.46 16.30
N GLN B 210 17.88 -7.63 15.64
CA GLN B 210 19.07 -7.08 16.27
C GLN B 210 19.47 -5.79 15.56
N ILE B 211 19.78 -4.76 16.34
CA ILE B 211 20.39 -3.53 15.84
C ILE B 211 21.81 -3.47 16.37
N GLY B 212 22.78 -3.41 15.47
CA GLY B 212 24.17 -3.44 15.90
C GLY B 212 25.10 -2.92 14.82
N VAL B 213 26.34 -2.67 15.23
CA VAL B 213 27.34 -2.11 14.32
C VAL B 213 28.04 -3.25 13.59
N CYS B 214 28.02 -3.18 12.25
CA CYS B 214 28.71 -4.13 11.40
C CYS B 214 29.86 -3.44 10.70
N PHE B 215 30.96 -4.18 10.52
CA PHE B 215 32.20 -3.66 9.95
C PHE B 215 32.37 -4.18 8.53
N HIS B 216 32.69 -3.28 7.61
CA HIS B 216 32.92 -3.66 6.23
C HIS B 216 34.24 -3.06 5.74
N PRO B 217 35.04 -3.84 5.00
CA PRO B 217 36.25 -3.26 4.40
C PRO B 217 35.89 -2.43 3.18
N VAL B 218 36.34 -1.19 3.16
CA VAL B 218 36.14 -0.30 2.02
C VAL B 218 37.46 -0.07 1.32
N PHE B 219 37.45 -0.21 0.00
CA PHE B 219 38.67 -0.26 -0.82
C PHE B 219 38.94 1.11 -1.42
N ASP B 220 39.28 2.06 -0.55
CA ASP B 220 39.58 3.41 -1.01
C ASP B 220 40.93 3.48 -1.70
N THR B 221 41.87 2.62 -1.31
CA THR B 221 43.24 2.53 -1.84
C THR B 221 44.00 3.86 -1.80
N LYS B 229 40.55 -1.07 2.10
CA LYS B 229 41.64 -0.94 3.07
C LYS B 229 41.13 -0.44 4.41
N SER B 230 40.14 0.45 4.38
CA SER B 230 39.67 1.10 5.59
C SER B 230 38.46 0.39 6.16
N ILE B 231 38.10 0.80 7.38
CA ILE B 231 36.96 0.25 8.10
C ILE B 231 35.75 1.14 7.89
N GLY B 232 34.62 0.54 7.55
CA GLY B 232 33.36 1.25 7.55
C GLY B 232 32.41 0.63 8.54
N GLU B 233 31.95 1.41 9.51
CA GLU B 233 31.05 0.94 10.55
C GLU B 233 29.64 1.40 10.21
N LYS B 234 28.72 0.45 10.10
CA LYS B 234 27.34 0.76 9.75
C LYS B 234 26.41 0.20 10.82
N THR B 235 25.49 1.03 11.31
CA THR B 235 24.47 0.56 12.25
C THR B 235 23.40 -0.16 11.44
N GLU B 236 23.42 -1.49 11.49
CA GLU B 236 22.51 -2.33 10.74
C GLU B 236 21.40 -2.81 11.64
N ALA B 237 20.16 -2.65 11.19
CA ALA B 237 18.99 -3.25 11.80
C ALA B 237 18.61 -4.47 10.97
N SER B 238 18.64 -5.64 11.58
CA SER B 238 18.44 -6.90 10.87
C SER B 238 17.35 -7.70 11.56
N LEU B 239 16.37 -8.14 10.78
CA LEU B 239 15.38 -9.11 11.21
C LEU B 239 15.58 -10.39 10.39
N VAL B 240 15.83 -11.50 11.07
CA VAL B 240 15.96 -12.80 10.45
C VAL B 240 14.67 -13.55 10.76
N TRP B 241 13.83 -13.70 9.75
CA TRP B 241 12.52 -14.32 9.88
C TRP B 241 12.61 -15.76 9.39
N PHE B 242 12.48 -16.70 10.31
CA PHE B 242 12.37 -18.11 9.96
C PHE B 242 10.92 -18.43 9.65
N THR B 243 10.67 -18.96 8.46
CA THR B 243 9.34 -19.12 7.91
C THR B 243 9.18 -20.50 7.29
N PRO B 244 7.96 -21.05 7.25
CA PRO B 244 7.74 -22.29 6.54
C PRO B 244 7.96 -22.12 5.04
N PRO B 245 8.42 -23.17 4.35
CA PRO B 245 8.80 -23.00 2.93
C PRO B 245 7.63 -22.77 2.00
N ARG B 246 6.45 -23.29 2.33
CA ARG B 246 5.31 -23.15 1.43
C ARG B 246 4.77 -21.72 1.43
N THR B 247 4.90 -21.01 2.54
CA THR B 247 4.40 -19.65 2.67
C THR B 247 5.50 -18.60 2.70
N SER B 248 6.74 -18.98 2.41
CA SER B 248 7.86 -18.04 2.43
C SER B 248 7.72 -17.01 1.32
N ASN B 249 7.17 -17.43 0.17
CA ASN B 249 7.01 -16.55 -0.99
C ASN B 249 6.02 -15.42 -0.73
N GLN B 250 5.10 -15.59 0.23
CA GLN B 250 4.22 -14.50 0.61
C GLN B 250 4.64 -13.84 1.92
N TRP B 251 5.40 -14.52 2.77
CA TRP B 251 5.97 -13.87 3.96
C TRP B 251 6.99 -12.82 3.55
N LEU B 252 7.80 -13.12 2.53
CA LEU B 252 8.72 -12.12 1.99
C LEU B 252 7.96 -10.95 1.37
N ASP B 253 6.82 -11.21 0.73
CA ASP B 253 6.01 -10.12 0.18
C ASP B 253 5.38 -9.28 1.30
N PHE B 254 4.99 -9.93 2.40
CA PHE B 254 4.44 -9.19 3.54
C PHE B 254 5.50 -8.30 4.18
N TRP B 255 6.72 -8.82 4.34
CA TRP B 255 7.79 -7.97 4.88
C TRP B 255 8.23 -6.92 3.87
N LEU B 256 8.09 -7.22 2.57
CA LEU B 256 8.29 -6.20 1.54
C LEU B 256 7.31 -5.05 1.69
N ARG B 257 6.05 -5.36 1.98
CA ARG B 257 5.07 -4.31 2.20
C ARG B 257 5.35 -3.56 3.50
N HIS B 258 5.61 -4.29 4.59
CA HIS B 258 5.65 -3.69 5.91
C HIS B 258 6.93 -2.88 6.14
N ARG B 259 8.09 -3.38 5.68
CA ARG B 259 9.34 -2.64 5.83
C ARG B 259 9.32 -1.38 4.98
N LEU B 260 8.84 -1.49 3.74
CA LEU B 260 8.66 -0.31 2.91
C LEU B 260 7.61 0.62 3.49
N GLN B 261 6.63 0.10 4.22
CA GLN B 261 5.68 0.97 4.92
C GLN B 261 6.33 1.72 6.07
N TRP B 262 7.26 1.08 6.77
CA TRP B 262 8.03 1.77 7.80
C TRP B 262 8.90 2.87 7.19
N TRP B 263 9.41 2.65 5.98
CA TRP B 263 10.14 3.71 5.31
C TRP B 263 9.21 4.78 4.73
N ARG B 264 7.99 4.41 4.32
CA ARG B 264 7.02 5.38 3.84
C ARG B 264 6.54 6.28 4.98
N LYS B 265 6.39 5.71 6.16
CA LYS B 265 6.21 6.50 7.37
C LYS B 265 7.49 7.29 7.63
N PHE B 266 7.31 8.43 8.33
CA PHE B 266 8.35 9.38 8.74
C PHE B 266 9.03 10.06 7.56
N ALA B 267 8.43 10.05 6.38
CA ALA B 267 9.03 10.61 5.18
C ALA B 267 8.20 11.78 4.68
N MET B 268 8.87 12.91 4.40
CA MET B 268 8.18 14.04 3.80
C MET B 268 7.80 13.74 2.35
N SER B 269 8.67 13.05 1.62
CA SER B 269 8.41 12.64 0.25
C SER B 269 8.57 11.12 0.19
N PRO B 270 7.49 10.37 0.40
CA PRO B 270 7.61 8.89 0.40
C PRO B 270 7.86 8.28 -0.97
N SER B 271 7.72 9.04 -2.05
CA SER B 271 7.99 8.50 -3.39
C SER B 271 9.48 8.29 -3.63
N ASN B 272 10.35 8.93 -2.84
CA ASN B 272 11.78 8.72 -3.01
C ASN B 272 12.20 7.33 -2.53
N PHE B 273 11.52 6.79 -1.53
CA PHE B 273 11.75 5.41 -1.15
C PHE B 273 11.13 4.47 -2.17
N SER B 274 11.90 3.46 -2.59
CA SER B 274 11.49 2.56 -3.67
C SER B 274 11.92 1.15 -3.34
N SER B 275 11.47 0.21 -4.17
CA SER B 275 11.84 -1.19 -4.05
C SER B 275 12.17 -1.76 -5.42
N SER B 276 12.99 -2.81 -5.43
CA SER B 276 13.34 -3.50 -6.66
C SER B 276 13.39 -5.00 -6.41
N ASP B 277 12.78 -5.76 -7.31
CA ASP B 277 12.87 -7.21 -7.29
C ASP B 277 14.20 -7.66 -7.91
N CYS B 278 14.82 -8.66 -7.30
CA CYS B 278 16.13 -9.11 -7.73
C CYS B 278 16.26 -10.61 -7.47
N GLN B 279 17.26 -11.21 -8.12
CA GLN B 279 17.50 -12.64 -8.05
C GLN B 279 18.93 -12.91 -7.61
N ASP B 280 19.13 -14.04 -6.94
CA ASP B 280 20.47 -14.47 -6.55
C ASP B 280 21.16 -15.12 -7.74
N GLU B 281 22.44 -15.46 -7.58
CA GLU B 281 23.15 -16.18 -8.65
C GLU B 281 22.67 -17.62 -8.77
N GLU B 282 22.09 -18.19 -7.72
CA GLU B 282 21.57 -19.54 -7.75
C GLU B 282 20.06 -19.59 -7.88
N GLY B 283 19.42 -18.48 -8.22
CA GLY B 283 18.00 -18.48 -8.49
C GLY B 283 17.11 -18.11 -7.33
N ARG B 284 17.68 -17.79 -6.16
CA ARG B 284 16.87 -17.36 -5.03
C ARG B 284 16.38 -15.94 -5.26
N LYS B 285 15.10 -15.71 -4.98
CA LYS B 285 14.54 -14.38 -5.20
C LYS B 285 14.76 -13.49 -3.97
N GLY B 286 14.55 -12.20 -4.15
CA GLY B 286 14.73 -11.27 -3.06
C GLY B 286 14.39 -9.86 -3.52
N ASN B 287 14.50 -8.92 -2.58
CA ASN B 287 14.12 -7.55 -2.86
C ASN B 287 15.08 -6.59 -2.18
N LYS B 288 15.26 -5.42 -2.80
CA LYS B 288 16.19 -4.41 -2.33
C LYS B 288 15.46 -3.08 -2.23
N LEU B 289 15.51 -2.48 -1.04
CA LEU B 289 14.88 -1.18 -0.82
C LEU B 289 15.90 -0.07 -1.03
N TYR B 290 15.45 1.02 -1.65
CA TYR B 290 16.33 2.10 -2.07
C TYR B 290 15.75 3.44 -1.60
N TYR B 291 16.65 4.40 -1.45
CA TYR B 291 16.26 5.80 -1.28
C TYR B 291 16.86 6.61 -2.41
N ASN B 292 16.06 7.55 -2.92
CA ASN B 292 16.50 8.43 -4.02
C ASN B 292 17.23 9.62 -3.43
N PHE B 293 18.53 9.47 -3.21
CA PHE B 293 19.39 10.59 -2.85
C PHE B 293 19.53 11.52 -4.06
N PRO B 294 19.89 12.79 -3.83
CA PRO B 294 20.05 13.73 -4.96
C PRO B 294 21.09 13.33 -6.00
N TRP B 295 22.18 12.66 -5.59
CA TRP B 295 23.16 12.21 -6.58
C TRP B 295 22.67 10.98 -7.32
N GLY B 296 21.95 10.10 -6.64
CA GLY B 296 21.47 8.88 -7.28
C GLY B 296 20.82 7.97 -6.26
N LYS B 297 20.20 6.92 -6.77
CA LYS B 297 19.46 5.98 -5.92
C LYS B 297 20.43 5.06 -5.20
N GLU B 298 20.28 4.94 -3.89
CA GLU B 298 21.20 4.19 -3.06
C GLU B 298 20.46 3.13 -2.24
N LEU B 299 21.13 2.01 -2.00
CA LEU B 299 20.53 0.89 -1.28
C LEU B 299 20.50 1.16 0.21
N ILE B 300 19.34 0.93 0.84
CA ILE B 300 19.20 1.10 2.28
C ILE B 300 18.77 -0.18 2.99
N GLU B 301 18.17 -1.14 2.29
CA GLU B 301 17.67 -2.35 2.93
C GLU B 301 17.58 -3.47 1.90
N THR B 302 17.99 -4.66 2.30
CA THR B 302 17.90 -5.86 1.46
C THR B 302 17.01 -6.90 2.14
N LEU B 303 16.05 -7.42 1.39
CA LEU B 303 15.28 -8.58 1.80
C LEU B 303 15.71 -9.76 0.92
N TRP B 304 16.17 -10.83 1.56
CA TRP B 304 16.74 -11.96 0.84
C TRP B 304 16.13 -13.26 1.32
N ASN B 305 15.91 -14.18 0.38
CA ASN B 305 15.36 -15.49 0.64
C ASN B 305 16.48 -16.52 0.62
N LEU B 306 16.59 -17.32 1.68
CA LEU B 306 17.62 -18.34 1.81
C LEU B 306 16.95 -19.68 1.99
N GLY B 307 16.97 -20.51 0.96
CA GLY B 307 16.34 -21.82 1.00
C GLY B 307 17.24 -22.89 1.55
N ASP B 308 17.46 -22.87 2.88
CA ASP B 308 18.22 -23.87 3.64
C ASP B 308 19.69 -23.97 3.21
N HIS B 309 20.23 -22.94 2.55
CA HIS B 309 21.61 -22.99 2.11
C HIS B 309 22.57 -22.74 3.27
N GLU B 310 22.20 -21.84 4.18
CA GLU B 310 23.06 -21.48 5.31
C GLU B 310 22.70 -22.21 6.59
N LEU B 311 21.42 -22.54 6.78
CA LEU B 311 21.00 -23.20 8.01
C LEU B 311 21.44 -24.66 8.03
N LEU B 312 21.39 -25.34 6.89
CA LEU B 312 21.83 -26.74 6.83
C LEU B 312 23.35 -26.86 6.86
N HIS B 313 24.06 -25.87 6.29
CA HIS B 313 25.51 -25.89 6.24
C HIS B 313 26.13 -25.75 7.64
N MET B 314 25.55 -24.88 8.47
CA MET B 314 26.13 -24.61 9.78
C MET B 314 25.83 -25.72 10.77
N TYR B 315 24.66 -26.35 10.67
CA TYR B 315 24.35 -27.57 11.43
C TYR B 315 24.18 -28.72 10.45
N PRO B 316 25.25 -29.43 10.09
CA PRO B 316 25.12 -30.58 9.20
C PRO B 316 25.03 -31.93 9.89
N GLY B 317 25.07 -31.98 11.22
CA GLY B 317 25.03 -33.27 11.91
C GLY B 317 23.69 -33.98 11.78
N ASN B 318 22.61 -33.23 11.94
CA ASN B 318 21.27 -33.80 11.82
C ASN B 318 20.29 -32.68 11.49
N VAL B 319 19.17 -33.08 10.89
CA VAL B 319 18.08 -32.14 10.59
C VAL B 319 16.93 -32.27 11.58
N SER B 320 17.06 -33.12 12.60
CA SER B 320 16.00 -33.27 13.58
C SER B 320 15.91 -32.06 14.50
N LYS B 321 17.05 -31.48 14.86
CA LYS B 321 17.05 -30.29 15.70
C LYS B 321 16.59 -29.06 14.93
N LEU B 322 16.77 -29.05 13.61
CA LEU B 322 16.35 -27.94 12.78
C LEU B 322 14.86 -27.97 12.44
N HIS B 323 14.17 -29.08 12.74
CA HIS B 323 12.77 -29.20 12.38
C HIS B 323 11.89 -28.38 13.31
N GLY B 324 10.98 -27.61 12.73
CA GLY B 324 10.02 -26.84 13.51
C GLY B 324 8.61 -27.16 13.08
N ARG B 325 7.67 -26.82 13.96
CA ARG B 325 6.27 -27.20 13.79
C ARG B 325 5.55 -26.15 12.97
N ASP B 326 5.29 -26.47 11.70
CA ASP B 326 4.36 -25.71 10.87
C ASP B 326 3.05 -26.47 10.87
N GLY B 327 2.04 -25.90 11.55
CA GLY B 327 0.78 -26.59 11.72
C GLY B 327 0.95 -27.83 12.55
N ARG B 328 0.90 -28.98 11.88
CA ARG B 328 1.18 -30.27 12.50
C ARG B 328 2.50 -30.89 12.05
N LYS B 329 3.08 -30.44 10.94
CA LYS B 329 4.22 -31.12 10.35
C LYS B 329 5.53 -30.45 10.73
N ASN B 330 6.56 -31.27 10.96
CA ASN B 330 7.89 -30.79 11.30
C ASN B 330 8.71 -30.62 10.01
N VAL B 331 9.04 -29.37 9.68
CA VAL B 331 9.84 -29.09 8.49
C VAL B 331 10.94 -28.10 8.81
N VAL B 332 11.95 -28.08 7.94
CA VAL B 332 13.08 -27.15 8.05
C VAL B 332 12.63 -25.78 7.55
N PRO B 333 12.86 -24.71 8.32
CA PRO B 333 12.40 -23.39 7.89
C PRO B 333 13.29 -22.74 6.85
N CYS B 334 12.64 -22.15 5.86
CA CYS B 334 13.31 -21.21 4.97
C CYS B 334 13.63 -19.94 5.74
N VAL B 335 14.68 -19.24 5.32
CA VAL B 335 15.21 -18.09 6.04
C VAL B 335 14.92 -16.83 5.22
N LEU B 336 14.58 -15.74 5.91
CA LEU B 336 14.38 -14.45 5.26
C LEU B 336 15.20 -13.41 6.02
N SER B 337 16.17 -12.81 5.34
CA SER B 337 17.03 -11.81 5.96
C SER B 337 16.60 -10.42 5.51
N VAL B 338 16.15 -9.60 6.44
CA VAL B 338 15.78 -8.21 6.19
C VAL B 338 16.82 -7.36 6.89
N ASN B 339 17.79 -6.84 6.15
CA ASN B 339 18.90 -6.10 6.73
C ASN B 339 18.93 -4.70 6.12
N GLY B 340 18.70 -3.69 6.95
CA GLY B 340 18.80 -2.31 6.53
C GLY B 340 19.87 -1.62 7.34
N ASP B 341 20.40 -0.52 6.80
CA ASP B 341 21.41 0.26 7.50
C ASP B 341 20.82 1.56 8.03
N LEU B 342 20.93 1.76 9.35
CA LEU B 342 20.29 2.88 10.00
C LEU B 342 21.11 4.17 9.87
N ASP B 343 22.40 4.09 9.57
CA ASP B 343 23.17 5.30 9.33
C ASP B 343 22.80 5.92 8.00
N ARG B 344 22.67 5.09 6.96
CA ARG B 344 22.23 5.59 5.66
C ARG B 344 20.74 5.90 5.67
N GLY B 345 19.95 5.20 6.50
CA GLY B 345 18.57 5.61 6.70
C GLY B 345 18.45 6.95 7.40
N MET B 346 19.36 7.21 8.35
CA MET B 346 19.44 8.52 8.98
C MET B 346 19.79 9.60 7.97
N LEU B 347 20.78 9.33 7.11
CA LEU B 347 21.16 10.27 6.07
C LEU B 347 20.03 10.47 5.05
N ALA B 348 19.28 9.41 4.76
CA ALA B 348 18.12 9.50 3.89
C ALA B 348 17.03 10.37 4.49
N TYR B 349 16.77 10.22 5.79
CA TYR B 349 15.76 11.05 6.44
C TYR B 349 16.22 12.49 6.60
N LEU B 350 17.53 12.70 6.77
CA LEU B 350 18.06 14.06 6.84
C LEU B 350 17.98 14.76 5.48
N TYR B 351 18.22 14.01 4.40
CA TYR B 351 18.05 14.57 3.06
C TYR B 351 16.59 14.76 2.71
N ASP B 352 15.72 13.90 3.23
CA ASP B 352 14.29 14.03 2.99
C ASP B 352 13.70 15.21 3.75
N SER B 353 14.24 15.51 4.93
CA SER B 353 13.76 16.64 5.72
C SER B 353 14.08 17.96 5.06
N PHE B 354 15.29 18.11 4.54
CA PHE B 354 15.65 19.32 3.82
C PHE B 354 14.97 19.33 2.45
N GLN B 355 14.53 20.50 2.02
CA GLN B 355 13.83 20.64 0.75
C GLN B 355 14.27 21.91 0.01
N THR B 362 14.81 26.27 -2.48
CA THR B 362 15.18 27.60 -2.93
C THR B 362 14.38 27.90 -4.20
N ARG B 363 13.11 27.51 -4.20
CA ARG B 363 12.22 27.70 -5.34
C ARG B 363 10.87 28.19 -4.83
N LYS B 364 10.01 28.56 -5.80
CA LYS B 364 8.61 28.96 -5.60
C LYS B 364 8.60 30.23 -4.74
N LYS B 365 8.04 30.21 -3.54
CA LYS B 365 8.00 31.40 -2.69
C LYS B 365 9.38 31.77 -2.18
N ASN B 366 9.53 33.02 -1.77
CA ASN B 366 10.80 33.54 -1.28
C ASN B 366 11.08 33.20 0.18
N LEU B 367 10.32 32.28 0.78
CA LEU B 367 10.57 31.85 2.15
C LEU B 367 11.70 30.83 2.22
N HIS B 368 12.91 31.24 1.90
CA HIS B 368 14.08 30.37 1.98
C HIS B 368 14.46 30.23 3.45
N ARG B 369 13.72 29.39 4.16
CA ARG B 369 13.95 29.12 5.57
C ARG B 369 14.60 27.75 5.70
N LYS B 370 15.80 27.73 6.26
CA LYS B 370 16.54 26.48 6.44
C LYS B 370 15.94 25.76 7.65
N VAL B 371 15.03 24.84 7.38
CA VAL B 371 14.38 24.05 8.43
C VAL B 371 14.50 22.57 8.06
N LEU B 372 14.89 21.75 9.03
CA LEU B 372 14.96 20.31 8.84
C LEU B 372 13.62 19.74 9.28
N LYS B 373 12.79 19.35 8.32
CA LYS B 373 11.44 18.89 8.60
C LYS B 373 11.43 17.40 8.96
N LEU B 374 12.08 17.08 10.08
CA LEU B 374 12.00 15.72 10.59
C LEU B 374 10.63 15.46 11.19
N HIS B 375 10.28 14.18 11.26
CA HIS B 375 9.03 13.76 11.87
C HIS B 375 9.08 14.00 13.37
N PRO B 376 7.93 14.26 14.01
CA PRO B 376 7.90 14.44 15.47
C PRO B 376 8.41 13.25 16.27
N CYS B 377 8.24 12.02 15.77
CA CYS B 377 8.75 10.86 16.50
C CYS B 377 10.19 10.51 16.13
N LEU B 378 10.79 11.20 15.16
CA LEU B 378 12.21 11.02 14.87
C LEU B 378 13.06 12.23 15.21
N ALA B 379 12.45 13.37 15.54
CA ALA B 379 13.20 14.57 15.85
C ALA B 379 14.00 14.37 17.14
N PRO B 380 15.29 14.72 17.16
CA PRO B 380 16.11 14.46 18.35
C PRO B 380 15.71 15.30 19.55
N ILE B 381 15.34 16.56 19.31
CA ILE B 381 14.89 17.46 20.37
C ILE B 381 13.44 17.83 20.07
N LYS B 382 12.55 17.55 21.02
CA LYS B 382 11.14 17.81 20.80
C LYS B 382 10.78 19.26 21.07
N VAL B 383 11.29 19.84 22.15
CA VAL B 383 10.87 21.18 22.57
C VAL B 383 12.10 21.95 23.04
N ALA B 384 12.08 23.27 22.79
CA ALA B 384 13.14 24.18 23.19
C ALA B 384 12.59 25.16 24.21
N LEU B 385 13.26 25.27 25.35
CA LEU B 385 12.80 26.06 26.49
C LEU B 385 13.74 27.23 26.70
N ASP B 386 13.19 28.44 26.90
CA ASP B 386 13.98 29.66 26.85
C ASP B 386 13.59 30.64 27.95
N VAL B 387 14.41 31.69 28.07
CA VAL B 387 14.19 32.81 28.98
C VAL B 387 13.78 34.02 28.16
N GLY B 388 12.78 34.78 28.64
CA GLY B 388 12.25 35.96 27.92
C GLY B 388 13.13 37.18 28.06
N ARG B 389 12.91 38.23 27.25
CA ARG B 389 13.73 39.46 27.26
C ARG B 389 13.62 40.17 28.61
N GLY B 390 12.42 40.20 29.21
CA GLY B 390 12.20 40.95 30.47
C GLY B 390 13.11 40.46 31.57
N PRO B 391 13.68 41.35 32.43
CA PRO B 391 14.66 40.94 33.43
C PRO B 391 13.99 40.40 34.71
N THR B 392 13.26 39.29 34.63
CA THR B 392 12.63 38.63 35.80
C THR B 392 13.51 37.42 36.13
N LEU B 393 14.31 37.50 37.18
CA LEU B 393 15.26 36.41 37.55
C LEU B 393 14.52 35.15 38.03
N GLU B 394 13.41 35.29 38.74
CA GLU B 394 12.68 34.15 39.36
C GLU B 394 12.14 33.16 38.31
N LEU B 395 12.08 33.52 37.03
CA LEU B 395 11.48 32.66 36.02
C LEU B 395 12.38 31.47 35.67
N ARG B 396 13.66 31.53 36.05
CA ARG B 396 14.56 30.40 35.84
C ARG B 396 14.12 29.19 36.66
N GLN B 397 13.55 29.42 37.84
CA GLN B 397 12.98 28.33 38.64
C GLN B 397 11.79 27.69 37.93
N VAL B 398 10.96 28.52 37.30
CA VAL B 398 9.82 28.02 36.52
C VAL B 398 10.31 27.23 35.31
N CYS B 399 11.40 27.70 34.68
CA CYS B 399 12.01 26.98 33.56
C CYS B 399 12.57 25.64 34.00
N GLN B 400 13.21 25.59 35.18
CA GLN B 400 13.72 24.32 35.69
C GLN B 400 12.60 23.36 36.05
N GLY B 401 11.49 23.89 36.60
CA GLY B 401 10.35 23.04 36.89
C GLY B 401 9.71 22.45 35.65
N LEU B 402 9.54 23.27 34.61
CA LEU B 402 8.98 22.78 33.35
C LEU B 402 9.92 21.80 32.66
N PHE B 403 11.23 22.09 32.71
CA PHE B 403 12.27 21.21 32.18
C PHE B 403 12.20 19.84 32.84
N ASN B 404 12.07 19.81 34.16
CA ASN B 404 12.03 18.55 34.89
C ASN B 404 10.74 17.79 34.65
N GLU B 405 9.60 18.49 34.52
CA GLU B 405 8.36 17.75 34.32
C GLU B 405 8.24 17.24 32.88
N LEU B 406 8.92 17.89 31.93
CA LEU B 406 8.94 17.36 30.57
C LEU B 406 9.95 16.24 30.42
N LEU B 407 11.05 16.28 31.18
CA LEU B 407 11.98 15.17 31.25
C LEU B 407 11.37 13.94 31.93
N GLU B 408 10.47 14.16 32.88
CA GLU B 408 9.85 13.04 33.60
C GLU B 408 9.00 12.17 32.69
N ASN B 409 8.29 12.78 31.74
CA ASN B 409 7.37 12.05 30.87
C ASN B 409 7.90 11.86 29.46
N GLY B 410 9.21 11.70 29.29
CA GLY B 410 9.75 11.23 28.03
C GLY B 410 9.81 12.24 26.90
N ILE B 411 9.94 13.53 27.21
CA ILE B 411 10.07 14.57 26.20
C ILE B 411 11.44 15.20 26.34
N SER B 412 12.24 15.12 25.27
CA SER B 412 13.58 15.69 25.27
C SER B 412 13.50 17.20 25.10
N VAL B 413 14.17 17.94 25.98
CA VAL B 413 14.12 19.40 26.00
C VAL B 413 15.51 19.94 25.75
N TRP B 414 15.62 20.90 24.85
CA TRP B 414 16.85 21.66 24.72
C TRP B 414 16.92 22.69 25.85
N PRO B 415 17.93 22.65 26.70
CA PRO B 415 18.03 23.62 27.82
C PRO B 415 18.56 24.97 27.35
N GLY B 416 17.77 25.67 26.55
CA GLY B 416 18.15 26.97 26.06
C GLY B 416 17.91 28.11 27.02
N TYR B 417 17.34 27.83 28.20
CA TYR B 417 17.19 28.85 29.22
C TYR B 417 18.51 29.18 29.90
N LEU B 418 19.51 28.32 29.76
CA LEU B 418 20.85 28.54 30.27
C LEU B 418 21.70 29.41 29.34
N GLU B 419 21.19 29.73 28.15
CA GLU B 419 21.99 30.44 27.15
C GLU B 419 22.21 31.90 27.54
N THR B 420 23.38 32.40 27.19
CA THR B 420 23.78 33.76 27.54
C THR B 420 24.08 34.53 26.25
N MET B 421 23.95 35.86 26.35
CA MET B 421 23.97 36.83 25.23
C MET B 421 23.19 36.35 24.02
N GLN B 422 21.88 36.17 24.22
CA GLN B 422 20.99 35.84 23.12
C GLN B 422 20.85 37.07 22.23
N SER B 423 21.17 36.90 20.95
CA SER B 423 21.21 38.01 20.01
C SER B 423 20.01 37.88 19.08
N SER B 424 18.88 38.45 19.51
CA SER B 424 17.59 38.52 18.82
C SER B 424 16.91 37.17 18.64
N LEU B 425 15.59 37.17 18.50
CA LEU B 425 14.83 35.93 18.48
C LEU B 425 14.83 35.24 17.12
N GLU B 426 15.09 35.96 16.03
CA GLU B 426 14.89 35.38 14.70
C GLU B 426 15.97 34.36 14.36
N GLN B 427 17.24 34.66 14.68
CA GLN B 427 18.28 33.68 14.43
C GLN B 427 18.28 32.55 15.44
N LEU B 428 17.77 32.80 16.65
CA LEU B 428 17.55 31.72 17.61
C LEU B 428 16.47 30.76 17.10
N TYR B 429 15.40 31.30 16.54
CA TYR B 429 14.34 30.47 15.93
C TYR B 429 14.85 29.72 14.72
N SER B 430 15.70 30.36 13.90
CA SER B 430 16.32 29.65 12.78
C SER B 430 17.28 28.57 13.26
N LYS B 431 17.94 28.78 14.40
CA LYS B 431 18.79 27.76 14.99
C LYS B 431 17.96 26.55 15.43
N TYR B 432 16.81 26.77 16.08
CA TYR B 432 15.98 25.64 16.45
C TYR B 432 15.33 24.98 15.23
N ASP B 433 15.08 25.75 14.17
CA ASP B 433 14.58 25.16 12.93
C ASP B 433 15.62 24.27 12.27
N GLU B 434 16.89 24.68 12.32
CA GLU B 434 17.96 23.86 11.75
C GLU B 434 18.26 22.64 12.62
N MET B 435 18.03 22.72 13.92
CA MET B 435 18.20 21.57 14.80
C MET B 435 16.98 20.66 14.82
N SER B 436 15.93 21.00 14.07
CA SER B 436 14.69 20.23 13.96
C SER B 436 14.02 20.04 15.32
N ILE B 437 13.68 21.16 15.94
CA ILE B 437 12.96 21.18 17.21
C ILE B 437 11.52 21.57 16.92
N LEU B 438 10.58 20.73 17.38
CA LEU B 438 9.18 20.89 17.02
C LEU B 438 8.58 22.16 17.60
N PHE B 439 8.88 22.47 18.85
CA PHE B 439 8.27 23.59 19.54
C PHE B 439 9.33 24.38 20.30
N THR B 440 9.07 25.68 20.42
CA THR B 440 9.90 26.59 21.20
C THR B 440 9.04 27.21 22.27
N VAL B 441 9.44 27.04 23.53
CA VAL B 441 8.71 27.59 24.67
C VAL B 441 9.48 28.80 25.17
N LEU B 442 8.82 29.95 25.18
CA LEU B 442 9.38 31.20 25.68
C LEU B 442 8.66 31.50 26.99
N VAL B 443 9.39 31.30 28.09
CA VAL B 443 8.96 31.75 29.40
C VAL B 443 9.41 33.20 29.58
N THR B 444 8.46 34.09 29.78
CA THR B 444 8.72 35.53 29.76
C THR B 444 8.36 36.14 31.11
N GLU B 445 8.37 37.47 31.17
CA GLU B 445 8.02 38.17 32.41
C GLU B 445 6.53 38.04 32.72
N THR B 446 5.69 37.87 31.72
CA THR B 446 4.25 37.83 31.88
C THR B 446 3.71 36.42 32.12
N THR B 447 4.54 35.50 32.62
CA THR B 447 4.06 34.17 32.96
C THR B 447 3.94 33.94 34.46
N LEU B 448 4.47 34.82 35.29
CA LEU B 448 4.24 34.70 36.73
C LEU B 448 2.79 35.04 37.06
N GLU B 449 2.27 36.08 36.43
CA GLU B 449 0.83 36.29 36.34
C GLU B 449 0.30 35.57 35.11
N ASN B 450 -0.96 35.13 35.19
CA ASN B 450 -1.81 34.55 34.14
C ASN B 450 -1.26 33.29 33.45
N GLY B 451 -0.10 32.79 33.88
CA GLY B 451 0.40 31.47 33.51
C GLY B 451 0.67 31.23 32.04
N LEU B 452 0.79 32.28 31.24
CA LEU B 452 0.86 32.13 29.78
C LEU B 452 2.32 32.11 29.32
N ILE B 453 2.71 31.05 28.63
CA ILE B 453 4.02 30.93 28.01
C ILE B 453 3.83 30.91 26.50
N HIS B 454 4.80 31.48 25.79
CA HIS B 454 4.72 31.52 24.33
C HIS B 454 5.19 30.18 23.76
N LEU B 455 4.51 29.73 22.71
CA LEU B 455 4.82 28.46 22.06
C LEU B 455 4.88 28.67 20.57
N ARG B 456 5.97 28.24 19.95
CA ARG B 456 6.15 28.34 18.51
C ARG B 456 6.33 26.95 17.93
N SER B 457 5.71 26.70 16.78
CA SER B 457 5.80 25.39 16.14
C SER B 457 6.89 25.40 15.06
N ARG B 458 7.40 24.21 14.77
CA ARG B 458 8.38 24.09 13.69
C ARG B 458 7.73 24.22 12.33
N ASP B 459 6.54 23.61 12.16
CA ASP B 459 5.87 23.60 10.88
C ASP B 459 5.33 24.99 10.53
N THR B 460 4.67 25.64 11.48
CA THR B 460 4.11 26.97 11.29
C THR B 460 4.86 27.96 12.17
N THR B 461 5.33 29.05 11.58
CA THR B 461 6.10 30.05 12.32
C THR B 461 5.19 31.04 13.04
N MET B 462 4.24 30.53 13.85
CA MET B 462 3.28 31.36 14.56
C MET B 462 3.35 31.07 16.04
N LYS B 463 2.97 32.06 16.84
CA LYS B 463 3.10 32.01 18.28
C LYS B 463 1.74 31.83 18.95
N GLU B 464 1.72 31.02 20.01
CA GLU B 464 0.53 30.73 20.78
C GLU B 464 0.81 31.07 22.24
N MET B 465 -0.03 31.91 22.84
CA MET B 465 0.10 32.22 24.26
C MET B 465 -0.67 31.19 25.07
N MET B 466 -0.04 30.03 25.25
CA MET B 466 -0.72 28.90 25.83
C MET B 466 -0.37 28.81 27.31
N HIS B 467 -1.34 28.39 28.13
CA HIS B 467 -1.10 28.27 29.56
C HIS B 467 -0.06 27.18 29.86
N ILE B 468 0.66 27.38 30.96
CA ILE B 468 1.78 26.51 31.30
C ILE B 468 1.29 25.15 31.78
N SER B 469 0.11 25.09 32.38
CA SER B 469 -0.53 23.81 32.65
C SER B 469 -1.00 23.20 31.34
N LYS B 470 -1.15 21.87 31.34
CA LYS B 470 -1.60 20.97 30.26
C LYS B 470 -0.76 21.06 28.99
N LEU B 471 0.39 21.75 29.00
CA LEU B 471 1.30 21.71 27.85
C LEU B 471 1.97 20.34 27.75
N LYS B 472 2.20 19.69 28.89
CA LYS B 472 2.73 18.33 28.88
C LYS B 472 1.77 17.37 28.18
N ASP B 473 0.47 17.48 28.50
CA ASP B 473 -0.54 16.66 27.83
C ASP B 473 -0.62 16.99 26.35
N PHE B 474 -0.45 18.27 25.99
CA PHE B 474 -0.47 18.68 24.59
C PHE B 474 0.70 18.11 23.81
N LEU B 475 1.90 18.10 24.40
CA LEU B 475 3.06 17.54 23.72
C LEU B 475 2.97 16.03 23.59
N ILE B 476 2.47 15.35 24.65
CA ILE B 476 2.29 13.90 24.59
C ILE B 476 1.23 13.54 23.54
N LYS B 477 0.14 14.32 23.47
CA LYS B 477 -0.90 14.11 22.48
C LYS B 477 -0.39 14.37 21.07
N TYR B 478 0.43 15.41 20.89
CA TYR B 478 1.01 15.72 19.60
C TYR B 478 1.92 14.59 19.12
N ILE B 479 2.77 14.07 20.00
CA ILE B 479 3.68 13.00 19.62
C ILE B 479 2.91 11.72 19.30
N SER B 480 1.94 11.36 20.15
CA SER B 480 1.20 10.11 19.96
C SER B 480 0.30 10.16 18.72
N SER B 481 -0.39 11.29 18.49
CA SER B 481 -1.26 11.39 17.33
C SER B 481 -0.50 11.73 16.05
N ALA B 482 0.75 12.17 16.14
CA ALA B 482 1.59 12.17 14.95
C ALA B 482 2.13 10.78 14.65
N LYS B 483 2.35 9.97 15.68
CA LYS B 483 2.71 8.57 15.48
C LYS B 483 1.57 7.80 14.83
N ASN B 484 0.32 8.08 15.24
CA ASN B 484 -0.84 7.38 14.69
C ASN B 484 -1.04 7.70 13.21
N VAL B 485 -0.97 8.97 12.84
CA VAL B 485 -1.13 9.37 11.45
C VAL B 485 -0.38 10.68 11.18
N GLU C 67 25.81 -20.72 41.86
CA GLU C 67 25.97 -21.59 40.71
C GLU C 67 24.63 -22.03 40.14
N ALA C 68 23.62 -22.13 41.01
CA ALA C 68 22.27 -22.46 40.55
C ALA C 68 21.65 -21.31 39.77
N LEU C 69 22.09 -20.08 40.06
CA LEU C 69 21.65 -18.92 39.29
C LEU C 69 22.08 -19.00 37.84
N LEU C 70 23.23 -19.62 37.56
CA LEU C 70 23.73 -19.76 36.19
C LEU C 70 22.82 -20.66 35.36
N GLU C 71 22.44 -21.82 35.92
CA GLU C 71 21.56 -22.71 35.17
C GLU C 71 20.12 -22.21 35.14
N ILE C 72 19.68 -21.44 36.15
CA ILE C 72 18.38 -20.79 36.07
C ILE C 72 18.36 -19.74 34.95
N CYS C 73 19.42 -18.92 34.85
CA CYS C 73 19.49 -17.92 33.81
C CYS C 73 19.65 -18.54 32.42
N GLN C 74 20.33 -19.68 32.32
CA GLN C 74 20.42 -20.37 31.05
C GLN C 74 19.09 -21.01 30.65
N ARG C 75 18.39 -21.61 31.63
CA ARG C 75 17.12 -22.27 31.35
C ARG C 75 16.03 -21.26 30.99
N ARG C 76 16.03 -20.10 31.64
CA ARG C 76 15.06 -19.06 31.37
C ARG C 76 15.56 -18.03 30.37
N HIS C 77 16.66 -18.33 29.67
CA HIS C 77 17.17 -17.58 28.52
C HIS C 77 17.56 -16.15 28.88
N PHE C 78 18.37 -16.02 29.93
CA PHE C 78 19.06 -14.78 30.22
C PHE C 78 20.47 -14.80 29.64
N LEU C 79 21.12 -15.96 29.67
CA LEU C 79 22.50 -16.13 29.25
C LEU C 79 22.55 -17.13 28.11
N SER C 80 23.11 -16.71 26.98
CA SER C 80 23.21 -17.60 25.83
C SER C 80 24.45 -18.48 25.93
N GLY C 81 24.47 -19.52 25.11
CA GLY C 81 25.56 -20.46 25.12
C GLY C 81 25.21 -21.72 25.91
N SER C 82 25.75 -22.85 25.46
CA SER C 82 25.38 -24.14 26.03
C SER C 82 26.02 -24.38 27.39
N LYS C 83 27.35 -24.39 27.43
CA LYS C 83 28.07 -24.74 28.65
C LYS C 83 29.31 -23.86 28.85
N GLN C 84 29.75 -23.14 27.82
CA GLN C 84 31.01 -22.40 27.87
C GLN C 84 30.93 -21.19 28.79
N GLN C 85 29.72 -20.70 29.09
CA GLN C 85 29.53 -19.56 29.97
C GLN C 85 29.30 -19.95 31.43
N LEU C 86 29.41 -21.24 31.77
CA LEU C 86 29.14 -21.68 33.14
C LEU C 86 30.20 -21.17 34.11
N SER C 87 31.46 -21.09 33.65
CA SER C 87 32.52 -20.52 34.47
C SER C 87 32.32 -19.03 34.63
N ARG C 88 32.53 -18.54 35.85
CA ARG C 88 32.34 -17.12 36.14
C ARG C 88 33.45 -16.26 35.56
N ASP C 89 34.58 -16.85 35.19
CA ASP C 89 35.65 -16.08 34.56
C ASP C 89 35.29 -15.65 33.15
N SER C 90 34.47 -16.44 32.45
CA SER C 90 34.01 -16.05 31.13
C SER C 90 32.99 -14.91 31.21
N LEU C 91 32.20 -14.87 32.29
CA LEU C 91 31.21 -13.80 32.44
C LEU C 91 31.82 -12.54 33.02
N LEU C 92 32.88 -12.66 33.84
CA LEU C 92 33.57 -11.49 34.35
C LEU C 92 34.29 -10.76 33.23
N SER C 93 34.87 -11.49 32.29
CA SER C 93 35.38 -10.92 31.06
C SER C 93 34.23 -10.88 30.05
N GLY C 94 34.54 -10.50 28.81
CA GLY C 94 33.51 -10.42 27.79
C GLY C 94 33.56 -11.56 26.80
N CYS C 95 34.23 -12.65 27.15
CA CYS C 95 34.39 -13.78 26.25
C CYS C 95 33.23 -14.77 26.32
N HIS C 96 32.15 -14.42 27.02
CA HIS C 96 30.93 -15.20 26.95
C HIS C 96 30.32 -15.09 25.56
N PRO C 97 29.66 -16.14 25.06
CA PRO C 97 29.14 -16.10 23.68
C PRO C 97 28.00 -15.13 23.45
N GLY C 98 27.32 -14.68 24.50
CA GLY C 98 26.27 -13.70 24.33
C GLY C 98 25.29 -13.75 25.48
N PHE C 99 24.19 -13.02 25.32
CA PHE C 99 23.13 -12.94 26.30
C PHE C 99 21.84 -13.48 25.69
N GLY C 100 20.93 -13.91 26.55
CA GLY C 100 19.61 -14.32 26.12
C GLY C 100 18.75 -13.12 25.78
N PRO C 101 17.57 -13.37 25.19
CA PRO C 101 16.65 -12.25 24.89
C PRO C 101 16.19 -11.49 26.13
N LEU C 102 15.99 -12.19 27.24
CA LEU C 102 15.71 -11.52 28.51
C LEU C 102 16.93 -10.72 28.97
N GLY C 103 18.13 -11.28 28.80
CA GLY C 103 19.34 -10.54 29.13
C GLY C 103 19.57 -9.35 28.23
N VAL C 104 19.24 -9.47 26.94
CA VAL C 104 19.38 -8.36 26.01
C VAL C 104 18.39 -7.24 26.35
N GLU C 105 17.15 -7.60 26.67
CA GLU C 105 16.17 -6.60 27.09
C GLU C 105 16.53 -5.97 28.42
N LEU C 106 17.13 -6.74 29.33
CA LEU C 106 17.62 -6.19 30.59
C LEU C 106 18.78 -5.22 30.37
N ARG C 107 19.68 -5.55 29.42
CA ARG C 107 20.78 -4.64 29.10
C ARG C 107 20.25 -3.35 28.47
N LYS C 108 19.23 -3.46 27.61
CA LYS C 108 18.58 -2.28 27.04
C LYS C 108 17.91 -1.44 28.12
N ASN C 109 17.27 -2.10 29.10
CA ASN C 109 16.66 -1.39 30.23
C ASN C 109 17.71 -0.67 31.07
N LEU C 110 18.83 -1.33 31.35
CA LEU C 110 19.89 -0.71 32.16
C LEU C 110 20.55 0.45 31.42
N ALA C 111 20.75 0.31 30.11
CA ALA C 111 21.29 1.40 29.32
C ALA C 111 20.32 2.58 29.24
N ALA C 112 19.01 2.29 29.14
CA ALA C 112 18.03 3.37 29.10
C ALA C 112 17.92 4.08 30.44
N GLU C 113 17.99 3.33 31.54
CA GLU C 113 17.94 3.97 32.87
C GLU C 113 19.20 4.78 33.14
N TRP C 114 20.36 4.28 32.68
CA TRP C 114 21.59 5.06 32.78
C TRP C 114 21.52 6.32 31.93
N TRP C 115 20.89 6.23 30.75
CA TRP C 115 20.72 7.40 29.89
C TRP C 115 19.79 8.42 30.51
N THR C 116 18.73 7.98 31.19
CA THR C 116 17.84 8.92 31.86
C THR C 116 18.52 9.55 33.07
N SER C 117 19.27 8.75 33.84
CA SER C 117 19.86 9.27 35.07
C SER C 117 21.07 10.16 34.79
N VAL C 118 21.80 9.93 33.71
CA VAL C 118 23.03 10.65 33.42
C VAL C 118 22.85 11.68 32.32
N VAL C 119 22.30 11.26 31.17
CA VAL C 119 22.26 12.13 30.01
C VAL C 119 21.01 12.98 29.99
N VAL C 120 19.85 12.39 30.29
CA VAL C 120 18.59 13.12 30.15
C VAL C 120 18.40 14.10 31.30
N PHE C 121 18.48 13.61 32.54
CA PHE C 121 18.16 14.44 33.71
C PHE C 121 19.19 15.53 33.96
N ARG C 122 20.41 15.37 33.46
CA ARG C 122 21.40 16.44 33.52
C ARG C 122 21.35 17.23 32.24
N GLU C 123 21.16 18.55 32.36
CA GLU C 123 20.98 19.40 31.19
C GLU C 123 22.28 19.64 30.43
N GLN C 124 23.42 19.36 31.04
CA GLN C 124 24.71 19.61 30.41
C GLN C 124 25.36 18.35 29.83
N VAL C 125 24.91 17.17 30.22
CA VAL C 125 25.51 15.93 29.72
C VAL C 125 24.89 15.59 28.37
N PHE C 126 25.73 15.33 27.39
CA PHE C 126 25.34 15.19 26.00
C PHE C 126 25.79 13.85 25.45
N PRO C 127 25.10 13.31 24.45
CA PRO C 127 25.56 12.09 23.78
C PRO C 127 26.83 12.32 22.98
N VAL C 128 27.58 11.24 22.79
CA VAL C 128 28.77 11.25 21.95
C VAL C 128 28.77 9.97 21.13
N ASP C 129 29.46 10.00 19.99
CA ASP C 129 29.59 8.86 19.09
C ASP C 129 31.06 8.52 18.93
N ALA C 130 31.50 7.45 19.57
CA ALA C 130 32.86 6.94 19.42
C ALA C 130 32.82 5.69 18.57
N LEU C 131 33.67 5.65 17.54
CA LEU C 131 33.75 4.48 16.68
C LEU C 131 34.37 3.31 17.43
N HIS C 132 34.01 2.10 16.99
CA HIS C 132 34.54 0.90 17.63
C HIS C 132 36.01 0.67 17.33
N HIS C 133 36.56 1.33 16.31
CA HIS C 133 37.95 1.20 15.92
C HIS C 133 38.62 2.57 15.87
N LYS C 134 39.91 2.58 16.17
CA LYS C 134 40.66 3.79 15.82
C LYS C 134 41.15 3.69 14.38
N PRO C 135 41.25 4.82 13.67
CA PRO C 135 41.88 4.78 12.33
C PRO C 135 43.33 4.30 12.37
N GLY C 136 44.07 4.69 13.41
CA GLY C 136 45.38 4.16 13.69
C GLY C 136 46.44 4.43 12.64
N PRO C 137 46.31 5.56 11.94
CA PRO C 137 47.30 5.88 10.90
C PRO C 137 48.66 6.28 11.46
N LEU C 138 48.69 6.87 12.65
CA LEU C 138 49.93 7.29 13.31
C LEU C 138 50.00 6.66 14.70
N LEU C 139 49.74 5.37 14.76
CA LEU C 139 49.73 4.65 16.04
C LEU C 139 51.15 4.53 16.59
N PRO C 140 51.37 4.79 17.88
CA PRO C 140 52.71 4.65 18.45
C PRO C 140 53.12 3.19 18.54
N GLY C 141 54.38 2.91 18.18
CA GLY C 141 54.90 1.56 18.24
C GLY C 141 55.14 1.13 19.68
N ASP C 142 54.60 -0.04 20.06
CA ASP C 142 54.72 -0.65 21.39
C ASP C 142 54.22 0.31 22.48
N SER C 143 53.09 0.96 22.21
CA SER C 143 52.44 1.83 23.18
C SER C 143 50.94 1.71 22.97
N ALA C 144 50.25 1.17 23.99
CA ALA C 144 48.82 0.84 23.95
C ALA C 144 48.47 -0.04 22.75
N PHE C 145 49.30 -1.05 22.54
CA PHE C 145 49.22 -1.89 21.33
C PHE C 145 48.33 -3.11 21.53
N ARG C 146 47.12 -2.89 22.03
CA ARG C 146 46.17 -3.96 22.31
C ARG C 146 45.08 -3.98 21.26
N LEU C 147 44.95 -5.13 20.57
CA LEU C 147 44.01 -5.35 19.45
C LEU C 147 44.24 -4.35 18.33
N VAL C 148 45.43 -4.42 17.72
CA VAL C 148 45.82 -3.41 16.74
C VAL C 148 45.36 -3.78 15.34
N SER C 149 45.30 -5.08 15.03
CA SER C 149 45.44 -5.53 13.64
C SER C 149 44.20 -5.24 12.81
N ALA C 150 43.02 -5.68 13.28
CA ALA C 150 41.71 -5.40 12.69
C ALA C 150 41.56 -5.76 11.22
N GLU C 151 41.43 -4.72 10.37
CA GLU C 151 41.05 -4.73 8.94
C GLU C 151 39.92 -5.69 8.60
N THR C 152 38.98 -5.87 9.56
CA THR C 152 37.73 -6.64 9.52
C THR C 152 37.97 -8.15 9.48
N LEU C 153 39.23 -8.59 9.34
CA LEU C 153 39.48 -10.01 9.09
C LEU C 153 40.65 -10.59 9.85
N ARG C 154 41.33 -9.85 10.72
CA ARG C 154 42.40 -10.41 11.52
C ARG C 154 42.37 -9.83 12.93
N GLU C 155 42.67 -10.68 13.92
CA GLU C 155 42.85 -10.25 15.31
C GLU C 155 44.03 -11.05 15.86
N ILE C 156 45.20 -10.41 15.91
CA ILE C 156 46.43 -11.11 16.30
C ILE C 156 46.71 -11.02 17.80
N LEU C 157 45.91 -10.24 18.54
CA LEU C 157 45.95 -10.11 20.01
C LEU C 157 47.32 -9.56 20.42
N GLN C 158 48.02 -10.17 21.36
CA GLN C 158 49.32 -9.70 21.82
C GLN C 158 50.40 -10.68 21.38
N ASP C 159 51.46 -10.16 20.79
CA ASP C 159 52.60 -10.96 20.33
C ASP C 159 53.83 -10.54 21.15
N LYS C 160 54.11 -11.31 22.21
CA LYS C 160 55.35 -11.09 22.94
C LYS C 160 56.55 -11.53 22.12
N GLU C 161 56.40 -12.60 21.34
CA GLU C 161 57.40 -13.05 20.40
C GLU C 161 56.93 -12.73 18.99
N LEU C 162 57.86 -12.23 18.16
CA LEU C 162 57.53 -11.79 16.82
C LEU C 162 58.57 -12.29 15.84
N SER C 163 58.13 -12.58 14.62
CA SER C 163 59.03 -12.95 13.53
C SER C 163 59.37 -11.69 12.76
N LYS C 164 60.53 -11.09 13.07
CA LYS C 164 60.90 -9.79 12.52
C LYS C 164 61.70 -9.96 11.23
N GLU C 165 61.01 -10.43 10.20
CA GLU C 165 61.60 -10.46 8.86
C GLU C 165 61.80 -9.04 8.34
N GLN C 166 60.76 -8.21 8.40
CA GLN C 166 60.86 -6.78 8.19
C GLN C 166 60.11 -5.96 9.24
N LEU C 167 59.09 -6.54 9.87
CA LEU C 167 58.30 -5.91 10.93
C LEU C 167 57.67 -7.04 11.73
N VAL C 168 56.64 -6.71 12.52
CA VAL C 168 55.93 -7.72 13.29
C VAL C 168 55.21 -8.70 12.38
N ALA C 169 54.40 -8.20 11.46
CA ALA C 169 53.86 -8.99 10.35
C ALA C 169 54.27 -8.43 9.00
N PHE C 170 54.04 -7.14 8.78
CA PHE C 170 54.49 -6.44 7.58
C PHE C 170 54.68 -4.98 7.95
N LEU C 171 55.38 -4.25 7.08
CA LEU C 171 55.70 -2.85 7.36
C LEU C 171 54.44 -1.99 7.33
N GLU C 172 53.57 -2.20 6.35
CA GLU C 172 52.35 -1.41 6.23
C GLU C 172 51.18 -2.03 7.00
N ASN C 173 51.30 -3.25 7.50
CA ASN C 173 50.18 -3.93 8.15
C ASN C 173 50.25 -3.83 9.68
N VAL C 174 51.34 -4.32 10.26
CA VAL C 174 51.49 -4.38 11.71
C VAL C 174 52.35 -3.23 12.20
N LEU C 175 51.96 -2.67 13.36
CA LEU C 175 52.58 -1.57 14.11
C LEU C 175 52.55 -0.23 13.37
N LYS C 176 51.95 -0.16 12.18
CA LYS C 176 51.78 1.07 11.42
C LYS C 176 50.59 0.90 10.51
N THR C 177 49.66 1.86 10.56
CA THR C 177 48.36 1.82 9.86
C THR C 177 47.58 0.54 10.20
N SER C 178 47.68 0.08 11.44
CA SER C 178 47.01 -1.15 11.85
C SER C 178 45.53 -0.91 12.12
N GLY C 179 45.16 0.26 12.61
CA GLY C 179 43.77 0.54 12.92
C GLY C 179 43.25 -0.18 14.14
N LYS C 180 43.71 0.23 15.32
CA LYS C 180 43.43 -0.45 16.57
C LYS C 180 41.94 -0.35 16.96
N LEU C 181 41.41 -1.46 17.47
CA LEU C 181 40.07 -1.44 18.05
C LEU C 181 40.09 -0.74 19.41
N ARG C 182 38.95 -0.17 19.79
CA ARG C 182 38.91 0.64 21.00
C ARG C 182 38.93 -0.23 22.26
N GLU C 183 39.54 0.32 23.30
CA GLU C 183 39.55 -0.29 24.62
C GLU C 183 38.73 0.48 25.64
N ASN C 184 38.58 1.79 25.43
CA ASN C 184 37.77 2.63 26.30
C ASN C 184 37.12 3.72 25.46
N LEU C 185 36.00 4.25 25.97
CA LEU C 185 35.24 5.28 25.28
C LEU C 185 35.63 6.69 25.71
N LEU C 186 36.67 6.83 26.54
CA LEU C 186 37.16 8.14 26.93
C LEU C 186 37.78 8.88 25.75
N HIS C 187 38.46 8.13 24.88
CA HIS C 187 39.22 8.70 23.77
C HIS C 187 38.31 9.34 22.72
N GLY C 188 37.14 8.74 22.47
CA GLY C 188 36.20 9.33 21.52
C GLY C 188 35.63 10.65 21.99
N ALA C 189 35.28 10.72 23.28
CA ALA C 189 34.83 11.98 23.86
C ALA C 189 35.95 13.01 23.88
N LEU C 190 37.21 12.56 24.06
CA LEU C 190 38.31 13.50 23.99
C LEU C 190 38.59 14.00 22.58
N GLU C 191 38.27 13.22 21.54
CA GLU C 191 38.38 13.82 20.20
C GLU C 191 37.22 14.78 19.94
N HIS C 192 36.02 14.45 20.41
CA HIS C 192 34.83 15.27 20.16
C HIS C 192 34.70 16.46 21.11
N TYR C 193 35.66 16.62 22.02
CA TYR C 193 35.64 17.70 23.00
C TYR C 193 35.56 19.09 22.37
N VAL C 194 36.23 19.31 21.23
CA VAL C 194 36.30 20.66 20.66
C VAL C 194 34.94 21.07 20.09
N ASN C 195 34.33 20.21 19.30
CA ASN C 195 33.02 20.53 18.73
C ASN C 195 31.93 20.50 19.79
N CYS C 196 32.04 19.63 20.80
CA CYS C 196 31.07 19.68 21.88
C CYS C 196 31.30 20.84 22.84
N LEU C 197 32.51 21.42 22.85
CA LEU C 197 32.72 22.69 23.53
C LEU C 197 32.07 23.82 22.75
N ASP C 198 32.10 23.73 21.42
CA ASP C 198 31.33 24.67 20.60
C ASP C 198 29.82 24.49 20.82
N LEU C 199 29.39 23.29 21.21
CA LEU C 199 27.96 23.05 21.42
C LEU C 199 27.43 23.75 22.66
N VAL C 200 28.21 23.81 23.74
CA VAL C 200 27.71 24.33 25.02
C VAL C 200 28.09 25.81 25.11
N ASN C 201 28.53 26.38 23.98
CA ASN C 201 29.03 27.76 23.87
C ASN C 201 30.18 28.01 24.85
N LYS C 202 31.11 27.05 24.89
CA LYS C 202 32.36 27.07 25.66
C LYS C 202 32.13 27.13 27.17
N ARG C 203 30.96 26.76 27.66
CA ARG C 203 30.76 26.58 29.09
C ARG C 203 31.50 25.32 29.54
N LEU C 204 32.35 25.45 30.55
CA LEU C 204 33.30 24.40 30.87
C LEU C 204 32.70 23.13 31.50
N PRO C 205 31.98 23.17 32.66
CA PRO C 205 31.68 21.85 33.28
C PRO C 205 30.53 21.10 32.60
N TYR C 206 30.84 20.46 31.47
CA TYR C 206 29.85 19.69 30.73
C TYR C 206 30.35 18.27 30.53
N GLY C 207 29.47 17.41 30.01
CA GLY C 207 29.76 16.00 29.97
C GLY C 207 29.45 15.40 28.62
N LEU C 208 30.15 14.30 28.35
CA LEU C 208 29.91 13.46 27.17
C LEU C 208 29.80 12.02 27.62
N ALA C 209 28.68 11.39 27.31
CA ALA C 209 28.38 10.06 27.82
C ALA C 209 27.90 9.15 26.71
N GLN C 210 28.24 7.87 26.83
CA GLN C 210 27.90 6.89 25.80
C GLN C 210 28.02 5.49 26.36
N ILE C 211 27.07 4.62 26.01
CA ILE C 211 27.17 3.19 26.24
C ILE C 211 27.72 2.56 24.97
N GLY C 212 28.82 1.82 25.09
CA GLY C 212 29.43 1.19 23.93
C GLY C 212 30.14 -0.09 24.31
N VAL C 213 30.48 -0.86 23.29
CA VAL C 213 31.18 -2.13 23.46
C VAL C 213 32.68 -1.86 23.47
N CYS C 214 33.37 -2.43 24.46
CA CYS C 214 34.81 -2.30 24.63
C CYS C 214 35.45 -3.65 24.35
N PHE C 215 36.48 -3.65 23.51
CA PHE C 215 37.21 -4.86 23.16
C PHE C 215 38.52 -4.91 23.94
N HIS C 216 38.71 -5.99 24.69
CA HIS C 216 39.87 -6.17 25.55
C HIS C 216 40.53 -7.51 25.26
N PRO C 217 41.84 -7.60 25.46
CA PRO C 217 42.48 -8.93 25.44
C PRO C 217 42.14 -9.69 26.70
N VAL C 218 41.94 -11.00 26.55
CA VAL C 218 41.62 -11.88 27.67
C VAL C 218 42.73 -12.93 27.74
N PHE C 219 43.40 -12.99 28.89
CA PHE C 219 44.54 -13.89 29.07
C PHE C 219 44.05 -15.30 29.38
N GLY C 227 46.28 -21.59 24.84
CA GLY C 227 47.47 -20.78 24.62
C GLY C 227 47.18 -19.45 23.94
N VAL C 228 46.10 -19.42 23.17
CA VAL C 228 45.70 -18.20 22.47
C VAL C 228 45.01 -17.26 23.45
N LYS C 229 44.86 -16.00 23.05
CA LYS C 229 44.22 -14.99 23.87
C LYS C 229 42.84 -14.66 23.31
N SER C 230 41.86 -14.50 24.19
CA SER C 230 40.48 -14.35 23.75
C SER C 230 40.09 -12.88 23.64
N ILE C 231 38.91 -12.64 23.07
CA ILE C 231 38.35 -11.31 22.92
C ILE C 231 37.31 -11.11 24.01
N GLY C 232 37.43 -10.03 24.77
CA GLY C 232 36.44 -9.66 25.74
C GLY C 232 35.66 -8.46 25.26
N GLU C 233 34.36 -8.66 25.03
CA GLU C 233 33.47 -7.59 24.63
C GLU C 233 32.64 -7.21 25.85
N LYS C 234 32.93 -6.05 26.42
CA LYS C 234 32.27 -5.58 27.63
C LYS C 234 31.44 -4.35 27.30
N THR C 235 30.15 -4.39 27.61
CA THR C 235 29.28 -3.25 27.40
C THR C 235 29.48 -2.27 28.55
N GLU C 236 30.09 -1.13 28.27
CA GLU C 236 30.45 -0.16 29.30
C GLU C 236 29.90 1.21 28.96
N ALA C 237 29.50 1.94 29.99
CA ALA C 237 29.09 3.33 29.86
C ALA C 237 30.22 4.23 30.33
N SER C 238 30.55 5.22 29.51
CA SER C 238 31.55 6.21 29.84
C SER C 238 30.88 7.56 29.99
N LEU C 239 31.26 8.27 31.05
CA LEU C 239 30.92 9.67 31.24
C LEU C 239 32.22 10.43 31.41
N VAL C 240 32.50 11.33 30.48
CA VAL C 240 33.70 12.16 30.50
C VAL C 240 33.24 13.57 30.84
N TRP C 241 33.70 14.07 31.98
CA TRP C 241 33.26 15.33 32.57
C TRP C 241 34.38 16.35 32.43
N PHE C 242 34.14 17.37 31.61
CA PHE C 242 35.05 18.50 31.49
C PHE C 242 34.68 19.51 32.56
N THR C 243 35.64 19.88 33.39
CA THR C 243 35.37 20.73 34.54
C THR C 243 36.51 21.72 34.74
N PRO C 244 36.25 22.88 35.31
CA PRO C 244 37.33 23.72 35.83
C PRO C 244 38.09 23.00 36.93
N PRO C 245 39.41 23.22 37.02
CA PRO C 245 40.22 22.42 37.95
C PRO C 245 40.00 22.75 39.43
N ARG C 246 39.50 23.95 39.74
CA ARG C 246 39.34 24.34 41.14
C ARG C 246 38.23 23.55 41.82
N THR C 247 37.16 23.25 41.08
CA THR C 247 36.04 22.48 41.60
C THR C 247 36.04 21.04 41.12
N SER C 248 37.15 20.58 40.52
CA SER C 248 37.20 19.26 39.89
C SER C 248 37.05 18.13 40.90
N ASN C 249 37.68 18.26 42.06
CA ASN C 249 37.50 17.26 43.10
C ASN C 249 36.10 17.31 43.69
N GLN C 250 35.48 18.49 43.68
CA GLN C 250 34.10 18.61 44.14
C GLN C 250 33.14 17.95 43.16
N TRP C 251 33.43 18.03 41.86
CA TRP C 251 32.64 17.30 40.88
C TRP C 251 32.90 15.80 40.95
N LEU C 252 34.12 15.41 41.34
CA LEU C 252 34.40 14.02 41.66
C LEU C 252 33.53 13.54 42.83
N ASP C 253 33.39 14.39 43.85
CA ASP C 253 32.53 14.05 44.99
C ASP C 253 31.05 14.05 44.63
N PHE C 254 30.65 14.85 43.64
CA PHE C 254 29.32 14.84 43.05
C PHE C 254 29.02 13.47 42.44
N TRP C 255 29.87 13.06 41.47
CA TRP C 255 29.64 11.80 40.79
C TRP C 255 29.88 10.59 41.69
N LEU C 256 30.75 10.76 42.71
CA LEU C 256 31.04 9.72 43.69
C LEU C 256 29.78 9.27 44.42
N ARG C 257 28.95 10.21 44.86
CA ARG C 257 27.73 9.83 45.53
C ARG C 257 26.60 9.56 44.54
N HIS C 258 26.57 10.25 43.39
CA HIS C 258 25.44 10.07 42.48
C HIS C 258 25.45 8.72 41.79
N ARG C 259 26.62 8.27 41.31
CA ARG C 259 26.73 6.95 40.70
C ARG C 259 26.48 5.85 41.72
N LEU C 260 26.97 6.05 42.95
CA LEU C 260 26.76 5.06 44.01
C LEU C 260 25.30 4.96 44.41
N GLN C 261 24.59 6.09 44.47
CA GLN C 261 23.15 6.04 44.74
C GLN C 261 22.38 5.47 43.56
N TRP C 262 22.87 5.66 42.33
CA TRP C 262 22.25 5.00 41.18
C TRP C 262 22.41 3.49 41.26
N TRP C 263 23.57 3.01 41.70
CA TRP C 263 23.75 1.58 41.89
C TRP C 263 23.00 1.05 43.10
N ARG C 264 22.68 1.91 44.06
CA ARG C 264 21.86 1.53 45.21
C ARG C 264 20.39 1.85 44.99
N LYS C 265 20.03 2.43 43.84
CA LYS C 265 18.63 2.77 43.58
C LYS C 265 17.79 1.53 43.34
N PHE C 266 18.30 0.59 42.57
CA PHE C 266 17.57 -0.62 42.20
C PHE C 266 18.01 -1.84 43.00
N ALA C 267 18.89 -1.67 43.98
CA ALA C 267 19.39 -2.80 44.74
C ALA C 267 18.37 -3.25 45.78
N MET C 268 18.14 -4.57 45.84
CA MET C 268 17.35 -5.13 46.93
C MET C 268 18.11 -5.02 48.25
N SER C 269 19.41 -5.27 48.21
CA SER C 269 20.30 -5.04 49.36
C SER C 269 21.39 -4.07 48.94
N PRO C 270 21.25 -2.77 49.26
CA PRO C 270 22.27 -1.79 48.82
C PRO C 270 23.58 -1.87 49.59
N SER C 271 23.68 -2.69 50.63
CA SER C 271 24.93 -2.79 51.38
C SER C 271 26.02 -3.54 50.62
N ASN C 272 25.65 -4.32 49.59
CA ASN C 272 26.65 -5.01 48.79
C ASN C 272 27.44 -4.03 47.93
N PHE C 273 26.78 -3.01 47.39
CA PHE C 273 27.46 -1.97 46.64
C PHE C 273 28.27 -1.09 47.58
N SER C 274 29.50 -0.77 47.20
CA SER C 274 30.37 0.06 48.03
C SER C 274 31.31 0.84 47.13
N SER C 275 32.09 1.73 47.75
CA SER C 275 33.06 2.53 47.02
C SER C 275 34.33 2.65 47.85
N SER C 276 35.44 2.87 47.17
CA SER C 276 36.74 2.99 47.83
C SER C 276 37.59 4.00 47.08
N ASP C 277 38.62 4.51 47.76
CA ASP C 277 39.50 5.52 47.21
C ASP C 277 40.83 4.91 46.78
N CYS C 278 41.48 5.55 45.82
CA CYS C 278 42.71 5.03 45.24
C CYS C 278 43.54 6.16 44.66
N GLN C 279 44.81 5.83 44.37
CA GLN C 279 45.84 6.80 44.01
C GLN C 279 46.49 6.38 42.70
N ASP C 280 46.77 7.35 41.83
CA ASP C 280 47.51 7.10 40.60
C ASP C 280 48.62 8.14 40.46
N GLU C 281 49.41 8.02 39.39
CA GLU C 281 50.65 8.76 39.28
C GLU C 281 50.43 10.21 38.85
N GLU C 282 49.45 10.49 38.00
CA GLU C 282 49.19 11.86 37.56
C GLU C 282 47.80 12.38 37.94
N GLY C 283 46.80 11.50 38.03
CA GLY C 283 45.47 11.96 38.41
C GLY C 283 45.37 12.28 39.88
N ARG C 284 46.19 11.59 40.68
CA ARG C 284 46.42 11.79 42.11
C ARG C 284 45.24 11.45 43.01
N LYS C 285 44.09 11.07 42.45
CA LYS C 285 42.90 10.71 43.19
C LYS C 285 42.09 9.75 42.33
N GLY C 286 41.19 9.02 42.98
CA GLY C 286 40.30 8.16 42.23
C GLY C 286 39.37 7.41 43.15
N ASN C 287 38.28 6.94 42.58
CA ASN C 287 37.31 6.15 43.31
C ASN C 287 36.89 4.94 42.49
N LYS C 288 36.88 3.78 43.13
CA LYS C 288 36.46 2.52 42.51
C LYS C 288 35.20 2.04 43.20
N LEU C 289 34.18 1.74 42.40
CA LEU C 289 32.91 1.24 42.90
C LEU C 289 32.90 -0.27 42.78
N TYR C 290 32.61 -0.96 43.89
CA TYR C 290 32.69 -2.41 43.97
C TYR C 290 31.32 -2.98 44.27
N TYR C 291 31.08 -4.18 43.76
CA TYR C 291 29.92 -4.99 44.14
C TYR C 291 30.40 -6.21 44.90
N ASN C 292 29.67 -6.57 45.95
CA ASN C 292 29.99 -7.73 46.77
C ASN C 292 29.32 -8.96 46.16
N PHE C 293 30.00 -9.55 45.18
CA PHE C 293 29.63 -10.86 44.67
C PHE C 293 29.91 -11.92 45.74
N PRO C 294 29.26 -13.09 45.65
CA PRO C 294 29.52 -14.16 46.65
C PRO C 294 30.96 -14.65 46.69
N TRP C 295 31.70 -14.56 45.58
CA TRP C 295 33.12 -14.91 45.64
C TRP C 295 33.96 -13.80 46.26
N GLY C 296 33.58 -12.54 46.02
CA GLY C 296 34.34 -11.43 46.54
C GLY C 296 33.87 -10.12 45.94
N LYS C 297 34.63 -9.07 46.20
CA LYS C 297 34.30 -7.74 45.69
C LYS C 297 34.89 -7.57 44.29
N GLU C 298 34.07 -7.14 43.35
CA GLU C 298 34.48 -6.97 41.96
C GLU C 298 34.15 -5.56 41.50
N LEU C 299 35.04 -5.00 40.68
CA LEU C 299 34.86 -3.63 40.20
C LEU C 299 33.71 -3.55 39.21
N ILE C 300 32.80 -2.61 39.44
CA ILE C 300 31.75 -2.32 38.48
C ILE C 300 31.82 -0.90 37.92
N GLU C 301 32.52 0.02 38.58
CA GLU C 301 32.64 1.38 38.10
C GLU C 301 33.89 2.00 38.70
N THR C 302 34.55 2.84 37.91
CA THR C 302 35.75 3.53 38.35
C THR C 302 35.65 5.01 37.98
N LEU C 303 36.23 5.86 38.82
CA LEU C 303 36.26 7.30 38.63
C LEU C 303 37.69 7.81 38.75
N TRP C 304 38.06 8.72 37.85
CA TRP C 304 39.42 9.25 37.81
C TRP C 304 39.38 10.74 37.47
N ASN C 305 40.15 11.54 38.20
CA ASN C 305 40.29 12.96 37.86
C ASN C 305 41.63 13.18 37.14
N LEU C 306 41.61 12.87 35.86
CA LEU C 306 42.80 13.04 35.06
C LEU C 306 42.97 14.52 34.69
N GLY C 307 44.23 14.94 34.56
CA GLY C 307 44.53 16.32 34.27
C GLY C 307 44.33 16.66 32.80
N ASP C 308 44.96 17.75 32.39
CA ASP C 308 44.97 18.15 30.99
C ASP C 308 46.07 17.45 30.18
N HIS C 309 46.67 16.40 30.73
CA HIS C 309 47.72 15.66 30.03
C HIS C 309 47.17 14.97 28.79
N GLU C 310 45.98 14.39 28.90
CA GLU C 310 45.38 13.71 27.75
C GLU C 310 44.92 14.71 26.69
N LEU C 311 44.36 15.84 27.11
CA LEU C 311 43.89 16.84 26.16
C LEU C 311 45.04 17.55 25.46
N LEU C 312 46.11 17.87 26.20
CA LEU C 312 47.26 18.51 25.57
C LEU C 312 48.08 17.52 24.76
N HIS C 313 48.04 16.23 25.15
CA HIS C 313 48.72 15.20 24.38
C HIS C 313 48.01 14.95 23.05
N MET C 314 46.68 14.88 23.09
CA MET C 314 45.91 14.67 21.87
C MET C 314 45.80 15.91 21.00
N TYR C 315 45.98 17.11 21.57
CA TYR C 315 46.06 18.34 20.79
C TYR C 315 47.35 19.07 21.15
N PRO C 316 48.47 18.67 20.58
CA PRO C 316 49.72 19.39 20.83
C PRO C 316 49.77 20.69 20.05
N GLY C 317 50.25 21.74 20.71
CA GLY C 317 50.39 23.01 20.06
C GLY C 317 49.60 24.14 20.69
N ASN C 318 48.65 24.69 19.95
CA ASN C 318 47.91 25.85 20.42
C ASN C 318 46.91 25.47 21.50
N VAL C 319 46.95 26.20 22.62
CA VAL C 319 46.07 25.94 23.75
C VAL C 319 44.80 26.80 23.66
N SER C 320 44.70 27.64 22.63
CA SER C 320 43.57 28.57 22.52
C SER C 320 42.26 27.85 22.28
N LYS C 321 42.28 26.73 21.55
CA LYS C 321 41.10 25.89 21.44
C LYS C 321 40.88 25.02 22.69
N LEU C 322 41.92 24.85 23.51
CA LEU C 322 41.82 23.91 24.63
C LEU C 322 41.11 24.51 25.83
N HIS C 323 41.38 25.77 26.16
CA HIS C 323 40.77 26.36 27.34
C HIS C 323 39.36 26.86 27.05
N GLY C 324 38.53 26.86 28.08
CA GLY C 324 37.14 27.20 27.96
C GLY C 324 36.73 28.27 28.97
N ARG C 325 35.47 28.69 28.84
CA ARG C 325 34.93 29.80 29.61
C ARG C 325 34.32 29.25 30.90
N ASP C 326 34.99 29.53 32.02
CA ASP C 326 34.45 29.33 33.36
C ASP C 326 34.10 30.68 33.97
N GLY C 327 33.76 30.66 35.27
CA GLY C 327 33.28 31.82 35.99
C GLY C 327 34.22 33.01 35.99
N ARG C 328 33.83 34.01 35.19
CA ARG C 328 34.52 35.26 34.92
C ARG C 328 35.90 35.10 34.28
N LYS C 329 36.27 33.90 33.79
CA LYS C 329 37.60 33.74 33.21
C LYS C 329 37.65 32.56 32.24
N ASN C 330 38.85 32.24 31.78
CA ASN C 330 39.10 31.15 30.88
C ASN C 330 40.20 30.26 31.45
N VAL C 331 39.99 28.94 31.39
CA VAL C 331 40.96 27.98 31.93
C VAL C 331 40.79 26.65 31.21
N VAL C 332 41.85 25.85 31.20
CA VAL C 332 41.82 24.52 30.60
C VAL C 332 41.04 23.58 31.52
N PRO C 333 40.32 22.60 30.99
CA PRO C 333 39.53 21.72 31.87
C PRO C 333 40.25 20.45 32.29
N CYS C 334 40.09 20.13 33.57
CA CYS C 334 40.33 18.80 34.08
C CYS C 334 39.24 17.87 33.59
N VAL C 335 39.59 16.58 33.44
CA VAL C 335 38.64 15.60 32.93
C VAL C 335 38.37 14.57 34.02
N LEU C 336 37.10 14.22 34.18
CA LEU C 336 36.69 13.13 35.05
C LEU C 336 36.22 11.97 34.18
N SER C 337 36.80 10.80 34.41
CA SER C 337 36.43 9.59 33.70
C SER C 337 35.60 8.73 34.65
N VAL C 338 34.34 8.50 34.30
CA VAL C 338 33.47 7.58 35.02
C VAL C 338 33.16 6.44 34.08
N ASN C 339 33.69 5.25 34.37
CA ASN C 339 33.54 4.11 33.49
C ASN C 339 32.86 2.99 34.27
N GLY C 340 31.70 2.57 33.80
CA GLY C 340 30.92 1.53 34.46
C GLY C 340 30.63 0.38 33.53
N ASP C 341 30.81 -0.83 34.02
CA ASP C 341 30.60 -2.04 33.23
C ASP C 341 29.13 -2.46 33.37
N LEU C 342 28.36 -2.34 32.30
CA LEU C 342 26.97 -2.78 32.35
C LEU C 342 26.81 -4.28 32.36
N ASP C 343 27.79 -5.04 31.87
CA ASP C 343 27.68 -6.49 31.92
C ASP C 343 27.89 -7.01 33.34
N ARG C 344 28.91 -6.49 34.04
CA ARG C 344 29.07 -6.80 35.45
C ARG C 344 27.95 -6.17 36.28
N GLY C 345 27.37 -5.07 35.81
CA GLY C 345 26.18 -4.54 36.47
C GLY C 345 24.98 -5.45 36.36
N MET C 346 24.80 -6.08 35.19
CA MET C 346 23.76 -7.08 34.99
C MET C 346 24.00 -8.29 35.89
N LEU C 347 25.25 -8.74 35.98
CA LEU C 347 25.56 -9.87 36.85
C LEU C 347 25.35 -9.52 38.31
N ALA C 348 25.69 -8.28 38.69
CA ALA C 348 25.45 -7.81 40.05
C ALA C 348 23.96 -7.75 40.38
N TYR C 349 23.15 -7.27 39.43
CA TYR C 349 21.72 -7.19 39.68
C TYR C 349 21.05 -8.56 39.63
N LEU C 350 21.59 -9.51 38.85
CA LEU C 350 21.10 -10.89 38.91
C LEU C 350 21.43 -11.54 40.26
N TYR C 351 22.66 -11.37 40.74
CA TYR C 351 23.02 -11.95 42.03
C TYR C 351 22.30 -11.26 43.18
N ASP C 352 21.93 -9.99 42.99
CA ASP C 352 21.16 -9.28 44.00
C ASP C 352 19.69 -9.69 43.97
N SER C 353 19.16 -9.99 42.78
CA SER C 353 17.75 -10.40 42.67
C SER C 353 17.53 -11.78 43.27
N PHE C 354 18.47 -12.70 43.07
CA PHE C 354 18.38 -14.00 43.71
C PHE C 354 18.74 -13.89 45.18
N GLN C 355 18.04 -14.65 46.01
CA GLN C 355 18.30 -14.65 47.45
C GLN C 355 18.14 -16.05 48.02
N HIS C 368 14.30 -19.09 49.35
CA HIS C 368 13.50 -20.30 49.39
C HIS C 368 13.12 -20.74 47.97
N ARG C 369 11.99 -20.24 47.49
CA ARG C 369 11.55 -20.56 46.14
C ARG C 369 12.40 -19.83 45.11
N LYS C 370 12.49 -20.40 43.91
CA LYS C 370 13.37 -19.88 42.87
C LYS C 370 12.74 -18.64 42.25
N VAL C 371 13.25 -17.47 42.61
CA VAL C 371 12.72 -16.19 42.14
C VAL C 371 13.88 -15.33 41.64
N LEU C 372 13.53 -14.36 40.80
CA LEU C 372 14.44 -13.28 40.40
C LEU C 372 13.72 -11.96 40.68
N LYS C 373 13.92 -11.42 41.88
CA LYS C 373 13.26 -10.20 42.31
C LYS C 373 14.03 -8.98 41.79
N LEU C 374 13.94 -8.79 40.47
CA LEU C 374 14.54 -7.62 39.84
C LEU C 374 13.72 -6.38 40.15
N HIS C 375 14.32 -5.22 39.89
CA HIS C 375 13.60 -3.97 40.03
C HIS C 375 12.53 -3.85 38.94
N PRO C 376 11.39 -3.23 39.23
CA PRO C 376 10.36 -3.03 38.19
C PRO C 376 10.82 -2.18 37.02
N CYS C 377 11.72 -1.22 37.25
CA CYS C 377 12.25 -0.44 36.13
C CYS C 377 13.25 -1.25 35.31
N LEU C 378 13.85 -2.27 35.91
CA LEU C 378 14.93 -3.01 35.26
C LEU C 378 14.52 -4.39 34.77
N ALA C 379 13.35 -4.89 35.17
CA ALA C 379 12.93 -6.23 34.74
C ALA C 379 12.64 -6.23 33.24
N PRO C 380 13.09 -7.27 32.52
CA PRO C 380 12.88 -7.28 31.06
C PRO C 380 11.45 -7.46 30.65
N ILE C 381 10.68 -8.26 31.39
CA ILE C 381 9.27 -8.47 31.14
C ILE C 381 8.49 -8.00 32.34
N LYS C 382 7.46 -7.17 32.11
CA LYS C 382 6.69 -6.59 33.19
C LYS C 382 5.52 -7.47 33.60
N VAL C 383 4.66 -7.83 32.64
CA VAL C 383 3.44 -8.55 32.93
C VAL C 383 3.37 -9.79 32.04
N ALA C 384 2.85 -10.89 32.57
CA ALA C 384 2.73 -12.16 31.86
C ALA C 384 1.25 -12.45 31.62
N LEU C 385 0.82 -12.36 30.36
CA LEU C 385 -0.57 -12.58 29.99
C LEU C 385 -0.77 -14.01 29.53
N ASP C 386 -1.78 -14.68 30.09
CA ASP C 386 -2.03 -16.09 29.84
C ASP C 386 -3.41 -16.30 29.22
N VAL C 387 -3.64 -17.51 28.70
CA VAL C 387 -4.88 -17.81 28.02
C VAL C 387 -5.93 -18.43 28.94
N GLY C 388 -5.51 -19.06 30.05
CA GLY C 388 -6.49 -19.63 30.98
C GLY C 388 -7.16 -20.87 30.42
N ARG C 389 -8.43 -21.05 30.78
CA ARG C 389 -9.20 -22.23 30.44
C ARG C 389 -10.56 -21.83 29.87
N GLY C 390 -10.99 -22.55 28.84
CA GLY C 390 -12.28 -22.32 28.23
C GLY C 390 -12.24 -22.43 26.72
N PRO C 391 -13.15 -21.75 26.03
CA PRO C 391 -13.06 -21.64 24.55
C PRO C 391 -11.82 -20.86 24.16
N THR C 392 -11.02 -21.45 23.27
CA THR C 392 -9.70 -20.88 22.97
C THR C 392 -9.82 -19.65 22.06
N LEU C 393 -10.85 -19.60 21.22
CA LEU C 393 -10.94 -18.54 20.22
C LEU C 393 -11.28 -17.19 20.83
N GLU C 394 -12.30 -17.15 21.70
CA GLU C 394 -12.73 -15.89 22.29
C GLU C 394 -11.71 -15.37 23.30
N LEU C 395 -11.16 -16.28 24.12
CA LEU C 395 -10.09 -15.90 25.03
C LEU C 395 -8.84 -15.47 24.29
N ARG C 396 -8.56 -16.10 23.14
CA ARG C 396 -7.44 -15.69 22.29
C ARG C 396 -7.65 -14.29 21.74
N GLN C 397 -8.88 -13.97 21.32
CA GLN C 397 -9.17 -12.65 20.78
C GLN C 397 -9.07 -11.56 21.86
N VAL C 398 -9.59 -11.84 23.06
CA VAL C 398 -9.51 -10.82 24.11
C VAL C 398 -8.08 -10.71 24.64
N CYS C 399 -7.30 -11.79 24.58
CA CYS C 399 -5.89 -11.70 24.95
C CYS C 399 -5.10 -10.93 23.91
N GLN C 400 -5.47 -11.06 22.64
CA GLN C 400 -4.85 -10.27 21.58
C GLN C 400 -5.17 -8.78 21.75
N GLY C 401 -6.41 -8.47 22.14
CA GLY C 401 -6.77 -7.09 22.41
C GLY C 401 -6.02 -6.50 23.60
N LEU C 402 -5.91 -7.26 24.69
CA LEU C 402 -5.17 -6.80 25.87
C LEU C 402 -3.67 -6.67 25.57
N PHE C 403 -3.14 -7.59 24.76
CA PHE C 403 -1.75 -7.53 24.32
C PHE C 403 -1.48 -6.28 23.49
N ASN C 404 -2.39 -5.95 22.56
CA ASN C 404 -2.21 -4.76 21.75
C ASN C 404 -2.36 -3.48 22.57
N GLU C 405 -3.26 -3.49 23.56
CA GLU C 405 -3.40 -2.32 24.43
C GLU C 405 -2.16 -2.09 25.29
N LEU C 406 -1.61 -3.18 25.86
CA LEU C 406 -0.41 -3.04 26.67
C LEU C 406 0.81 -2.70 25.83
N LEU C 407 0.84 -3.15 24.57
CA LEU C 407 1.93 -2.76 23.68
C LEU C 407 1.83 -1.30 23.27
N GLU C 408 0.60 -0.83 23.01
CA GLU C 408 0.41 0.57 22.64
C GLU C 408 0.69 1.51 23.81
N ASN C 409 0.46 1.04 25.04
CA ASN C 409 0.79 1.84 26.21
C ASN C 409 2.24 1.70 26.65
N GLY C 410 3.04 0.87 25.97
CA GLY C 410 4.47 0.83 26.21
C GLY C 410 4.94 -0.15 27.26
N ILE C 411 4.14 -1.15 27.59
CA ILE C 411 4.50 -2.15 28.61
C ILE C 411 4.89 -3.43 27.89
N SER C 412 6.09 -3.93 28.16
CA SER C 412 6.52 -5.20 27.60
C SER C 412 5.79 -6.34 28.30
N VAL C 413 5.17 -7.22 27.52
CA VAL C 413 4.26 -8.23 28.03
C VAL C 413 4.59 -9.59 27.41
N TRP C 414 4.74 -10.61 28.27
CA TRP C 414 5.04 -11.96 27.80
C TRP C 414 3.79 -12.63 27.25
N PRO C 415 3.82 -13.18 26.05
CA PRO C 415 2.69 -13.95 25.54
C PRO C 415 2.67 -15.39 26.04
N GLY C 416 2.17 -15.58 27.26
CA GLY C 416 1.89 -16.92 27.75
C GLY C 416 0.67 -17.55 27.10
N TYR C 417 -0.18 -16.73 26.47
CA TYR C 417 -1.19 -17.21 25.54
C TYR C 417 -0.53 -17.62 24.22
N LEU C 418 -1.35 -18.14 23.30
CA LEU C 418 -0.96 -18.89 22.09
C LEU C 418 -0.01 -20.05 22.38
N GLU C 419 -0.01 -20.58 23.60
CA GLU C 419 0.62 -21.83 23.97
C GLU C 419 -0.45 -22.78 24.45
N THR C 420 -0.47 -23.99 23.90
CA THR C 420 -1.53 -24.96 24.18
C THR C 420 -1.10 -26.04 25.17
N MET C 421 -0.03 -25.80 25.92
CA MET C 421 0.48 -26.84 26.82
C MET C 421 -0.39 -26.96 28.06
N GLN C 422 -0.37 -25.93 28.92
CA GLN C 422 -1.29 -25.73 30.06
C GLN C 422 -1.37 -26.95 30.99
N SER C 423 -0.24 -27.25 31.63
CA SER C 423 -0.14 -28.46 32.45
C SER C 423 -1.05 -28.46 33.67
N SER C 424 -0.75 -27.61 34.66
CA SER C 424 -1.47 -27.55 35.93
C SER C 424 -1.00 -26.29 36.67
N LEU C 425 -1.38 -26.19 37.94
CA LEU C 425 -0.87 -25.16 38.82
C LEU C 425 0.53 -25.54 39.30
N GLU C 426 1.21 -24.54 39.89
CA GLU C 426 2.59 -24.59 40.43
C GLU C 426 3.67 -24.89 39.38
N GLN C 427 3.28 -24.96 38.11
CA GLN C 427 4.16 -24.78 36.98
C GLN C 427 3.44 -23.88 36.00
N LEU C 428 4.23 -23.04 35.31
CA LEU C 428 3.92 -21.75 34.65
C LEU C 428 3.72 -20.64 35.70
N TYR C 429 3.66 -21.03 36.97
CA TYR C 429 3.91 -20.14 38.11
C TYR C 429 5.18 -20.66 38.77
N SER C 430 6.01 -19.71 39.23
CA SER C 430 7.42 -19.81 39.63
C SER C 430 8.35 -20.09 38.44
N LYS C 431 7.82 -20.23 37.22
CA LYS C 431 8.61 -20.12 36.01
C LYS C 431 8.65 -18.67 35.53
N TYR C 432 7.54 -17.96 35.69
CA TYR C 432 7.52 -16.52 35.42
C TYR C 432 8.29 -15.76 36.50
N ASP C 433 8.34 -16.31 37.73
CA ASP C 433 9.21 -15.74 38.75
C ASP C 433 10.67 -15.94 38.41
N GLU C 434 11.00 -17.10 37.81
CA GLU C 434 12.36 -17.31 37.33
C GLU C 434 12.64 -16.50 36.07
N MET C 435 11.60 -16.05 35.37
CA MET C 435 11.78 -15.12 34.26
C MET C 435 11.75 -13.67 34.70
N SER C 436 11.62 -13.42 36.02
CA SER C 436 11.61 -12.09 36.64
C SER C 436 10.48 -11.21 36.12
N ILE C 437 9.33 -11.82 35.82
CA ILE C 437 8.16 -11.05 35.43
C ILE C 437 7.44 -10.58 36.69
N LEU C 438 7.10 -9.29 36.71
CA LEU C 438 6.61 -8.66 37.93
C LEU C 438 5.21 -9.14 38.30
N PHE C 439 4.31 -9.20 37.33
CA PHE C 439 2.95 -9.68 37.53
C PHE C 439 2.63 -10.73 36.49
N THR C 440 1.72 -11.64 36.83
CA THR C 440 1.18 -12.58 35.85
C THR C 440 -0.34 -12.49 35.85
N VAL C 441 -0.91 -12.43 34.64
CA VAL C 441 -2.33 -12.27 34.40
C VAL C 441 -2.91 -13.60 33.93
N LEU C 442 -3.96 -14.06 34.60
CA LEU C 442 -4.73 -15.22 34.18
C LEU C 442 -6.09 -14.71 33.70
N VAL C 443 -6.36 -14.90 32.41
CA VAL C 443 -7.63 -14.54 31.80
C VAL C 443 -8.47 -15.81 31.71
N THR C 444 -9.59 -15.82 32.43
CA THR C 444 -10.45 -17.00 32.53
C THR C 444 -11.86 -16.65 32.03
N GLU C 445 -12.80 -17.58 32.27
CA GLU C 445 -14.19 -17.37 31.91
C GLU C 445 -14.85 -16.27 32.74
N THR C 446 -14.27 -15.90 33.88
CA THR C 446 -14.77 -14.77 34.66
C THR C 446 -14.63 -13.46 33.90
N THR C 447 -13.62 -13.35 33.04
CA THR C 447 -13.46 -12.20 32.17
C THR C 447 -14.60 -12.08 31.16
N LEU C 448 -15.06 -13.20 30.62
CA LEU C 448 -16.21 -13.19 29.73
C LEU C 448 -17.51 -12.97 30.49
N GLU C 449 -17.52 -13.23 31.81
CA GLU C 449 -18.69 -12.98 32.62
C GLU C 449 -18.80 -11.51 33.02
N ASN C 450 -17.79 -11.00 33.74
CA ASN C 450 -17.84 -9.62 34.23
C ASN C 450 -16.57 -8.82 33.98
N GLY C 451 -15.49 -9.43 33.52
CA GLY C 451 -14.27 -8.71 33.20
C GLY C 451 -13.14 -8.90 34.19
N LEU C 452 -13.26 -9.81 35.15
CA LEU C 452 -12.26 -9.99 36.19
C LEU C 452 -11.19 -11.00 35.76
N ILE C 453 -9.93 -10.66 36.05
CA ILE C 453 -8.77 -11.50 35.77
C ILE C 453 -7.98 -11.69 37.05
N HIS C 454 -7.22 -12.78 37.10
CA HIS C 454 -6.35 -13.08 38.22
C HIS C 454 -5.01 -12.37 38.01
N LEU C 455 -4.55 -11.66 39.04
CA LEU C 455 -3.21 -11.10 39.06
C LEU C 455 -2.44 -11.77 40.20
N ARG C 456 -1.27 -12.31 39.89
CA ARG C 456 -0.36 -12.80 40.90
C ARG C 456 0.96 -12.02 40.81
N SER C 457 1.44 -11.54 41.95
CA SER C 457 2.66 -10.74 41.99
C SER C 457 3.89 -11.63 42.11
N ARG C 458 5.03 -11.07 41.70
CA ARG C 458 6.29 -11.75 41.93
C ARG C 458 6.76 -11.57 43.36
N ASP C 459 6.51 -10.39 43.94
CA ASP C 459 6.98 -10.11 45.29
C ASP C 459 6.15 -10.83 46.34
N THR C 460 4.83 -10.86 46.17
CA THR C 460 3.95 -11.55 47.09
C THR C 460 3.09 -12.56 46.33
N THR C 461 2.76 -13.66 47.01
CA THR C 461 2.12 -14.79 46.37
C THR C 461 0.61 -14.68 46.28
N MET C 462 0.02 -13.58 46.76
CA MET C 462 -1.43 -13.44 46.75
C MET C 462 -1.96 -13.17 45.34
N LYS C 463 -3.21 -13.54 45.11
CA LYS C 463 -3.89 -13.30 43.85
C LYS C 463 -5.04 -12.32 44.04
N GLU C 464 -5.26 -11.48 43.03
CA GLU C 464 -6.19 -10.36 43.13
C GLU C 464 -7.05 -10.31 41.88
N MET C 465 -8.34 -9.97 42.06
CA MET C 465 -9.27 -9.90 40.94
C MET C 465 -9.33 -8.47 40.42
N MET C 466 -9.09 -8.30 39.12
CA MET C 466 -9.02 -6.93 38.60
C MET C 466 -9.73 -6.86 37.25
N HIS C 467 -10.34 -5.72 36.98
CA HIS C 467 -10.95 -5.49 35.67
C HIS C 467 -9.88 -5.26 34.61
N ILE C 468 -10.27 -5.48 33.35
CA ILE C 468 -9.39 -5.26 32.20
C ILE C 468 -9.00 -3.80 32.04
N SER C 469 -9.96 -2.87 32.21
CA SER C 469 -9.72 -1.47 31.91
C SER C 469 -8.75 -0.82 32.89
N LYS C 470 -8.74 -1.28 34.14
CA LYS C 470 -7.83 -0.73 35.14
C LYS C 470 -6.54 -1.54 35.29
N LEU C 471 -6.35 -2.58 34.48
CA LEU C 471 -5.07 -3.29 34.47
C LEU C 471 -3.95 -2.41 33.95
N LYS C 472 -4.22 -1.64 32.89
CA LYS C 472 -3.24 -0.72 32.34
C LYS C 472 -2.91 0.40 33.33
N ASP C 473 -3.92 0.90 34.03
CA ASP C 473 -3.70 1.95 35.01
C ASP C 473 -2.91 1.45 36.20
N PHE C 474 -3.18 0.21 36.64
CA PHE C 474 -2.40 -0.40 37.71
C PHE C 474 -0.95 -0.63 37.28
N LEU C 475 -0.74 -1.06 36.03
CA LEU C 475 0.61 -1.31 35.56
C LEU C 475 1.37 -0.02 35.28
N ILE C 476 0.66 1.08 34.99
CA ILE C 476 1.37 2.34 34.75
C ILE C 476 1.61 3.07 36.07
N LYS C 477 0.80 2.79 37.10
CA LYS C 477 1.15 3.30 38.43
C LYS C 477 2.26 2.47 39.06
N TYR C 478 2.31 1.16 38.75
CA TYR C 478 3.45 0.34 39.06
C TYR C 478 4.59 0.71 38.09
N ILE C 479 5.81 0.27 38.44
CA ILE C 479 7.11 0.68 37.87
C ILE C 479 7.41 2.14 38.21
N SER C 480 6.51 3.05 37.86
CA SER C 480 6.67 4.46 38.21
C SER C 480 6.58 4.69 39.71
N SER C 481 5.84 3.83 40.43
CA SER C 481 5.86 3.90 41.89
C SER C 481 7.22 3.49 42.45
N ALA C 482 7.86 2.49 41.84
CA ALA C 482 9.18 2.08 42.28
C ALA C 482 10.25 3.08 41.88
N LYS C 483 10.02 3.82 40.80
CA LYS C 483 10.95 4.87 40.39
C LYS C 483 10.97 6.02 41.38
N ASN C 484 9.80 6.41 41.89
CA ASN C 484 9.68 7.48 42.88
C ASN C 484 9.56 6.85 44.26
N VAL C 485 10.71 6.56 44.88
CA VAL C 485 10.73 5.95 46.20
C VAL C 485 10.35 6.97 47.26
#